data_7OD0
#
_entry.id   7OD0
#
_cell.length_a   77.593
_cell.length_b   77.640
_cell.length_c   81.995
_cell.angle_alpha   92.462
_cell.angle_beta   90.000
_cell.angle_gamma   119.980
#
_symmetry.space_group_name_H-M   'P 1'
#
loop_
_entity.id
_entity.type
_entity.pdbx_description
1 polymer Mirolysin
2 non-polymer 2,1,3-benzothiadiazol-4-ylmethanamine
3 non-polymer 1,2-ETHANEDIOL
4 non-polymer 'ACETATE ION'
5 non-polymer 'ZINC ION'
6 non-polymer 'CALCIUM ION'
7 non-polymer 'CHLORIDE ION'
8 water water
#
_entity_poly.entity_id   1
_entity_poly.type   'polypeptide(L)'
_entity_poly.pdbx_seq_one_letter_code
;RSVPSSTILIPVVVHVVYNNSAQNISDAQIISQIQVLNEDFRRMNADQANTPSAFANLAGNANIEFKLARRDPNGNTTNG
ITRTSTSTETFSMEMDNVKFSNLGGNNAWNTRRYLNIWVCNLGDDLLGYAQFPFEFQTKPNTDGVVIHYKHFGRDGSAES
PYDKGRTATHEVGHWLDLRHIWGDDGGSCSGTDNIADTPNQGGYNEGCPSFPKTDHCTNTSPGVMFMNYMDYTYDACMNL
FTKGQVERMRSLFDTQTGIRREMQIYANELTNPLSFS
;
_entity_poly.pdbx_strand_id   AAA,BBB,CCC,DDD,EEE,FFF
#
# COMPACT_ATOMS: atom_id res chain seq x y z
N SER A 5 18.14 -12.19 7.60
CA SER A 5 17.87 -10.91 8.32
C SER A 5 19.16 -10.40 9.00
N SER A 6 19.38 -9.07 9.02
CA SER A 6 20.50 -8.40 9.72
C SER A 6 20.18 -8.25 11.22
N THR A 7 21.22 -8.35 12.06
CA THR A 7 21.10 -8.30 13.54
C THR A 7 20.62 -6.88 13.91
N ILE A 8 19.51 -6.81 14.64
CA ILE A 8 19.03 -5.55 15.30
C ILE A 8 19.75 -5.48 16.64
N LEU A 9 20.44 -4.37 16.92
CA LEU A 9 21.26 -4.15 18.14
C LEU A 9 20.49 -3.23 19.11
N ILE A 10 20.31 -3.66 20.36
CA ILE A 10 19.59 -2.90 21.43
C ILE A 10 20.61 -2.52 22.51
N PRO A 11 20.99 -1.23 22.64
CA PRO A 11 21.75 -0.75 23.78
C PRO A 11 20.85 -0.83 25.02
N VAL A 12 21.37 -1.37 26.11
CA VAL A 12 20.60 -1.58 27.36
C VAL A 12 21.29 -0.81 28.48
N VAL A 13 20.47 -0.20 29.34
CA VAL A 13 20.93 0.30 30.67
C VAL A 13 20.00 -0.34 31.70
N VAL A 14 20.65 -0.99 32.67
CA VAL A 14 19.98 -1.64 33.83
C VAL A 14 20.09 -0.66 35.00
N HIS A 15 18.92 -0.21 35.46
CA HIS A 15 18.79 0.66 36.64
C HIS A 15 18.45 -0.23 37.83
N VAL A 16 19.45 -0.54 38.66
CA VAL A 16 19.22 -1.22 39.97
C VAL A 16 18.78 -0.14 40.96
N VAL A 17 17.53 -0.22 41.42
CA VAL A 17 16.98 0.75 42.41
C VAL A 17 16.68 -0.02 43.69
N TYR A 18 17.48 0.18 44.73
CA TYR A 18 17.55 -0.72 45.91
C TYR A 18 17.24 0.08 47.19
N ASN A 19 16.39 -0.47 48.02
CA ASN A 19 16.04 0.12 49.35
C ASN A 19 16.83 -0.64 50.44
N ASN A 20 17.48 -1.75 50.09
CA ASN A 20 18.21 -2.60 51.05
C ASN A 20 19.30 -3.37 50.29
N SER A 21 20.11 -4.17 51.01
CA SER A 21 21.28 -4.89 50.43
CA SER A 21 21.28 -4.89 50.43
CA SER A 21 21.28 -4.88 50.44
C SER A 21 20.83 -5.97 49.45
N ALA A 22 19.73 -6.66 49.77
CA ALA A 22 19.18 -7.76 48.96
C ALA A 22 18.78 -7.22 47.57
N GLN A 23 18.27 -5.99 47.48
CA GLN A 23 17.78 -5.40 46.21
C GLN A 23 18.94 -4.91 45.34
N ASN A 24 20.12 -4.72 45.95
CA ASN A 24 21.32 -4.23 45.24
C ASN A 24 22.01 -5.42 44.56
N ILE A 25 21.37 -6.01 43.56
CA ILE A 25 21.76 -7.32 42.98
C ILE A 25 23.12 -7.19 42.29
N SER A 26 23.78 -8.32 42.11
CA SER A 26 25.21 -8.44 41.72
C SER A 26 25.36 -8.15 40.23
N ASP A 27 26.54 -7.70 39.82
CA ASP A 27 26.96 -7.59 38.40
C ASP A 27 26.75 -8.93 37.71
N ALA A 28 27.22 -10.04 38.29
CA ALA A 28 27.06 -11.40 37.72
C ALA A 28 25.58 -11.64 37.39
N GLN A 29 24.68 -11.27 38.31
CA GLN A 29 23.23 -11.50 38.15
C GLN A 29 22.71 -10.72 36.94
N ILE A 30 23.21 -9.50 36.74
CA ILE A 30 22.75 -8.59 35.65
C ILE A 30 23.28 -9.14 34.33
N ILE A 31 24.55 -9.55 34.30
CA ILE A 31 25.19 -10.10 33.07
C ILE A 31 24.46 -11.39 32.69
N SER A 32 24.06 -12.17 33.69
CA SER A 32 23.23 -13.39 33.50
C SER A 32 21.95 -13.03 32.73
N GLN A 33 21.23 -11.97 33.12
CA GLN A 33 19.98 -11.54 32.42
C GLN A 33 20.28 -11.09 30.99
N ILE A 34 21.33 -10.30 30.76
CA ILE A 34 21.71 -9.82 29.40
C ILE A 34 21.97 -11.05 28.53
N GLN A 35 22.68 -12.03 29.06
CA GLN A 35 22.97 -13.29 28.35
CA GLN A 35 22.97 -13.29 28.35
C GLN A 35 21.68 -14.05 28.01
N VAL A 36 20.73 -14.15 28.94
CA VAL A 36 19.43 -14.85 28.71
C VAL A 36 18.65 -14.17 27.57
N LEU A 37 18.65 -12.83 27.52
CA LEU A 37 17.91 -12.08 26.49
C LEU A 37 18.52 -12.43 25.13
N ASN A 38 19.85 -12.45 25.05
CA ASN A 38 20.61 -12.75 23.80
C ASN A 38 20.31 -14.19 23.36
N GLU A 39 20.25 -15.14 24.29
CA GLU A 39 19.92 -16.56 23.99
C GLU A 39 18.50 -16.66 23.46
N ASP A 40 17.52 -16.09 24.15
CA ASP A 40 16.07 -16.27 23.84
C ASP A 40 15.72 -15.54 22.53
N PHE A 41 16.37 -14.40 22.26
CA PHE A 41 16.06 -13.55 21.08
C PHE A 41 16.95 -13.93 19.90
N ARG A 42 17.80 -14.95 20.01
CA ARG A 42 18.66 -15.45 18.89
C ARG A 42 18.58 -16.99 18.80
N ARG A 43 17.54 -17.58 19.40
CA ARG A 43 17.35 -19.06 19.54
C ARG A 43 18.69 -19.72 19.83
N MET A 44 19.42 -19.25 20.83
CA MET A 44 20.65 -19.91 21.37
CA MET A 44 20.65 -19.91 21.37
C MET A 44 20.38 -20.34 22.82
N ASN A 45 19.11 -20.39 23.21
CA ASN A 45 18.69 -20.96 24.51
C ASN A 45 18.82 -22.48 24.45
N ALA A 46 19.60 -23.08 25.36
CA ALA A 46 19.86 -24.54 25.37
C ALA A 46 18.56 -25.32 25.59
N ASP A 47 17.58 -24.72 26.28
CA ASP A 47 16.30 -25.39 26.60
C ASP A 47 15.37 -25.35 25.38
N GLN A 48 15.85 -24.87 24.21
CA GLN A 48 15.16 -25.10 22.92
C GLN A 48 15.05 -26.62 22.67
N ALA A 49 15.86 -27.43 23.36
CA ALA A 49 15.76 -28.92 23.32
C ALA A 49 14.39 -29.38 23.81
N ASN A 50 13.71 -28.58 24.65
CA ASN A 50 12.37 -28.87 25.21
C ASN A 50 11.26 -28.41 24.26
N THR A 51 11.56 -27.68 23.19
CA THR A 51 10.52 -27.27 22.22
C THR A 51 9.98 -28.55 21.57
N PRO A 52 8.66 -28.82 21.62
CA PRO A 52 8.10 -29.99 20.93
C PRO A 52 8.44 -29.91 19.44
N SER A 53 8.78 -31.06 18.83
CA SER A 53 9.10 -31.19 17.39
C SER A 53 7.93 -30.68 16.54
N ALA A 54 6.70 -30.87 17.02
CA ALA A 54 5.45 -30.36 16.39
C ALA A 54 5.48 -28.83 16.26
N PHE A 55 6.23 -28.11 17.10
CA PHE A 55 6.29 -26.62 17.09
C PHE A 55 7.67 -26.12 16.67
N ALA A 56 8.64 -27.02 16.49
CA ALA A 56 10.07 -26.71 16.23
C ALA A 56 10.19 -25.87 14.95
N ASN A 57 9.36 -26.17 13.96
CA ASN A 57 9.38 -25.53 12.62
C ASN A 57 8.73 -24.13 12.67
N LEU A 58 7.98 -23.81 13.73
CA LEU A 58 7.37 -22.47 13.94
C LEU A 58 8.32 -21.58 14.76
N ALA A 59 9.36 -22.16 15.38
CA ALA A 59 10.31 -21.47 16.28
C ALA A 59 11.02 -20.35 15.52
N GLY A 60 11.00 -19.13 16.08
CA GLY A 60 11.64 -17.94 15.49
C GLY A 60 13.00 -17.66 16.11
N ASN A 61 13.96 -17.23 15.30
CA ASN A 61 15.21 -16.54 15.69
C ASN A 61 15.01 -15.06 15.39
N ALA A 62 14.75 -14.24 16.42
CA ALA A 62 14.47 -12.78 16.28
C ALA A 62 15.71 -12.06 15.72
N ASN A 63 16.90 -12.58 16.02
CA ASN A 63 18.18 -11.97 15.57
C ASN A 63 18.20 -10.52 16.08
N ILE A 64 17.86 -10.36 17.36
CA ILE A 64 18.00 -9.11 18.15
C ILE A 64 19.10 -9.36 19.19
N GLU A 65 20.11 -8.48 19.20
CA GLU A 65 21.24 -8.54 20.15
C GLU A 65 21.07 -7.42 21.17
N PHE A 66 21.35 -7.74 22.43
CA PHE A 66 21.26 -6.84 23.60
C PHE A 66 22.68 -6.69 24.17
N LYS A 67 23.17 -5.46 24.19
CA LYS A 67 24.52 -5.10 24.73
C LYS A 67 24.34 -3.99 25.76
N LEU A 68 24.96 -4.12 26.91
CA LEU A 68 25.02 -3.04 27.94
C LEU A 68 25.66 -1.81 27.29
N ALA A 69 25.05 -0.64 27.48
CA ALA A 69 25.61 0.66 27.02
C ALA A 69 27.05 0.80 27.53
N ARG A 70 27.92 1.37 26.68
CA ARG A 70 29.32 1.74 27.01
C ARG A 70 29.49 3.26 26.91
N ARG A 71 28.51 3.96 26.34
CA ARG A 71 28.41 5.44 26.30
C ARG A 71 27.07 5.87 26.91
N ASP A 72 27.14 6.68 27.96
CA ASP A 72 25.97 7.25 28.67
C ASP A 72 25.43 8.44 27.87
N PRO A 73 24.30 9.04 28.28
CA PRO A 73 23.67 10.11 27.50
C PRO A 73 24.45 11.42 27.41
N ASN A 74 25.51 11.59 28.21
CA ASN A 74 26.42 12.76 28.16
C ASN A 74 27.62 12.40 27.30
N GLY A 75 27.68 11.17 26.81
CA GLY A 75 28.79 10.64 25.99
C GLY A 75 29.99 10.19 26.79
N ASN A 76 29.88 10.06 28.12
CA ASN A 76 30.98 9.54 28.97
C ASN A 76 30.90 8.01 29.02
N THR A 77 32.01 7.35 29.36
CA THR A 77 32.10 5.86 29.43
C THR A 77 31.20 5.35 30.57
N THR A 78 30.58 4.20 30.36
CA THR A 78 29.68 3.55 31.36
C THR A 78 29.81 2.03 31.19
N ASN A 79 29.36 1.28 32.17
CA ASN A 79 29.21 -0.19 32.02
C ASN A 79 27.74 -0.53 31.76
N GLY A 80 26.88 0.48 31.56
CA GLY A 80 25.43 0.27 31.32
C GLY A 80 24.67 -0.12 32.58
N ILE A 81 25.23 0.08 33.77
CA ILE A 81 24.58 -0.32 35.06
C ILE A 81 24.57 0.89 35.98
N THR A 82 23.38 1.34 36.39
CA THR A 82 23.21 2.41 37.40
C THR A 82 22.76 1.75 38.70
N ARG A 83 23.19 2.31 39.81
CA ARG A 83 22.80 1.86 41.17
C ARG A 83 22.30 3.09 41.92
N THR A 84 21.04 3.06 42.33
CA THR A 84 20.33 4.16 43.00
C THR A 84 19.79 3.65 44.35
N SER A 85 20.37 4.13 45.43
CA SER A 85 19.80 3.97 46.80
CA SER A 85 19.80 3.97 46.80
C SER A 85 18.47 4.72 46.87
N THR A 86 17.42 4.05 47.33
CA THR A 86 16.07 4.68 47.41
C THR A 86 15.52 4.55 48.84
N SER A 87 14.74 5.54 49.23
CA SER A 87 13.99 5.59 50.51
CA SER A 87 13.99 5.57 50.51
C SER A 87 12.61 4.96 50.30
N THR A 88 12.24 4.70 49.04
CA THR A 88 10.96 4.02 48.70
C THR A 88 11.19 2.51 48.86
N GLU A 89 10.25 1.80 49.49
CA GLU A 89 10.44 0.40 49.96
C GLU A 89 9.76 -0.55 48.98
N THR A 90 8.65 -0.15 48.37
CA THR A 90 7.93 -0.93 47.33
C THR A 90 7.48 0.04 46.24
N PHE A 91 7.76 -0.27 44.98
CA PHE A 91 7.38 0.57 43.83
C PHE A 91 6.03 0.10 43.29
N SER A 92 5.35 1.01 42.60
CA SER A 92 3.97 0.84 42.08
C SER A 92 3.97 0.89 40.55
N MET A 93 3.35 -0.10 39.92
CA MET A 93 3.10 -0.12 38.45
CA MET A 93 3.10 -0.12 38.45
C MET A 93 2.27 1.09 38.05
N GLU A 94 1.25 1.41 38.86
CA GLU A 94 0.27 2.50 38.56
C GLU A 94 0.97 3.85 38.60
N MET A 95 1.94 4.05 39.51
CA MET A 95 2.68 5.33 39.70
C MET A 95 3.87 5.40 38.74
N ASP A 96 4.50 4.28 38.38
CA ASP A 96 5.73 4.26 37.53
C ASP A 96 6.85 5.02 38.26
N ASN A 97 6.79 5.03 39.59
CA ASN A 97 7.70 5.87 40.44
C ASN A 97 9.14 5.38 40.31
N VAL A 98 9.37 4.11 39.99
CA VAL A 98 10.75 3.58 39.80
C VAL A 98 11.42 4.30 38.62
N LYS A 99 10.66 4.92 37.71
CA LYS A 99 11.21 5.49 36.45
C LYS A 99 11.51 6.99 36.60
N PHE A 100 11.35 7.58 37.79
CA PHE A 100 11.61 9.02 38.03
C PHE A 100 12.50 9.24 39.27
N SER A 101 13.70 9.77 39.03
CA SER A 101 14.63 10.23 40.10
C SER A 101 13.87 11.09 41.12
N ASN A 102 12.93 11.92 40.64
CA ASN A 102 12.06 12.83 41.43
C ASN A 102 11.24 12.05 42.47
N LEU A 103 10.88 10.79 42.20
CA LEU A 103 9.98 9.95 43.05
C LEU A 103 10.76 8.80 43.68
N GLY A 104 12.09 8.91 43.79
CA GLY A 104 12.95 7.90 44.44
C GLY A 104 13.33 6.73 43.55
N GLY A 105 13.13 6.89 42.24
CA GLY A 105 13.57 5.94 41.20
C GLY A 105 14.77 6.47 40.45
N ASN A 106 14.87 6.17 39.16
CA ASN A 106 15.96 6.67 38.30
C ASN A 106 15.38 7.02 36.93
N ASN A 107 15.54 8.27 36.50
CA ASN A 107 15.11 8.75 35.16
C ASN A 107 15.63 7.81 34.08
N ALA A 108 14.79 7.56 33.07
CA ALA A 108 15.15 6.84 31.82
C ALA A 108 16.32 7.54 31.15
N TRP A 109 17.26 6.79 30.60
CA TRP A 109 18.18 7.33 29.56
C TRP A 109 17.37 7.35 28.25
N ASN A 110 17.48 8.43 27.47
CA ASN A 110 16.77 8.66 26.17
C ASN A 110 16.16 7.37 25.64
N THR A 111 14.84 7.21 25.78
CA THR A 111 14.15 5.92 25.47
C THR A 111 14.11 5.67 23.96
N ARG A 112 14.46 6.64 23.12
CA ARG A 112 14.59 6.40 21.65
C ARG A 112 15.95 5.79 21.30
N ARG A 113 16.91 5.78 22.23
CA ARG A 113 18.30 5.28 21.99
C ARG A 113 18.65 4.08 22.88
N TYR A 114 18.07 3.97 24.07
CA TYR A 114 18.35 2.84 25.01
C TYR A 114 17.04 2.15 25.41
N LEU A 115 17.09 0.82 25.52
CA LEU A 115 16.15 0.04 26.34
C LEU A 115 16.54 0.25 27.81
N ASN A 116 15.64 0.79 28.62
CA ASN A 116 15.84 0.93 30.07
C ASN A 116 15.20 -0.28 30.75
N ILE A 117 15.98 -1.01 31.56
CA ILE A 117 15.48 -2.12 32.40
C ILE A 117 15.66 -1.72 33.86
N TRP A 118 14.55 -1.43 34.54
CA TRP A 118 14.53 -1.12 35.99
C TRP A 118 14.41 -2.40 36.82
N VAL A 119 15.30 -2.57 37.78
CA VAL A 119 15.23 -3.70 38.76
C VAL A 119 14.92 -3.12 40.14
N CYS A 120 13.88 -3.60 40.79
CA CYS A 120 13.38 -3.01 42.05
C CYS A 120 12.43 -3.98 42.73
N ASN A 121 12.07 -3.65 43.96
CA ASN A 121 11.02 -4.36 44.72
C ASN A 121 9.63 -3.90 44.25
N LEU A 122 8.88 -4.79 43.58
CA LEU A 122 7.50 -4.56 43.06
C LEU A 122 6.47 -5.17 44.01
N GLY A 123 5.18 -4.87 43.82
CA GLY A 123 4.06 -5.10 44.76
C GLY A 123 3.65 -6.56 44.88
N ASP A 125 3.44 -9.78 44.58
CA ASP A 125 3.43 -10.95 43.66
C ASP A 125 3.43 -10.51 42.19
N LEU A 126 3.84 -9.27 41.89
CA LEU A 126 4.10 -8.79 40.51
C LEU A 126 5.55 -9.10 40.09
N LEU A 127 5.72 -9.86 39.00
CA LEU A 127 7.06 -10.27 38.49
C LEU A 127 7.72 -9.12 37.73
N GLY A 128 6.91 -8.34 36.99
CA GLY A 128 7.43 -7.22 36.18
C GLY A 128 6.33 -6.64 35.32
N TYR A 129 6.63 -5.56 34.62
CA TYR A 129 5.68 -4.94 33.66
C TYR A 129 6.43 -4.16 32.59
N ALA A 130 5.76 -4.05 31.44
CA ALA A 130 6.27 -3.41 30.21
C ALA A 130 5.44 -2.19 29.88
N GLN A 131 5.92 -1.38 28.95
CA GLN A 131 5.08 -0.36 28.26
C GLN A 131 5.08 -0.70 26.76
N PHE A 132 3.91 -0.73 26.14
CA PHE A 132 3.75 -1.06 24.69
C PHE A 132 4.18 0.12 23.84
N PRO A 133 4.68 -0.13 22.60
CA PRO A 133 5.08 0.93 21.69
C PRO A 133 3.99 1.98 21.38
N PHE A 134 2.70 1.58 21.36
CA PHE A 134 1.57 2.51 21.04
C PHE A 134 1.54 3.64 22.09
N GLU A 135 2.10 3.40 23.27
CA GLU A 135 2.10 4.37 24.39
CA GLU A 135 2.10 4.37 24.39
C GLU A 135 3.31 5.33 24.28
N PHE A 136 4.22 5.12 23.33
CA PHE A 136 5.49 5.88 23.31
C PHE A 136 5.23 7.38 23.12
N GLN A 137 4.37 7.76 22.17
CA GLN A 137 4.07 9.18 21.84
C GLN A 137 3.57 9.90 23.09
N THR A 138 2.68 9.29 23.87
CA THR A 138 2.11 9.92 25.10
C THR A 138 3.01 9.72 26.33
N LYS A 139 3.81 8.65 26.40
CA LYS A 139 4.53 8.32 27.66
C LYS A 139 5.99 8.01 27.36
N PRO A 140 6.74 8.96 26.76
CA PRO A 140 8.13 8.71 26.32
C PRO A 140 9.07 8.35 27.51
N ASN A 141 8.82 8.93 28.69
CA ASN A 141 9.76 8.83 29.84
C ASN A 141 9.62 7.46 30.51
N THR A 142 8.51 6.77 30.30
CA THR A 142 8.18 5.50 31.01
C THR A 142 8.26 4.30 30.05
N ASP A 143 8.69 4.51 28.80
CA ASP A 143 8.99 3.41 27.86
C ASP A 143 10.14 2.55 28.42
N GLY A 144 9.92 1.23 28.42
CA GLY A 144 10.91 0.26 28.89
C GLY A 144 10.25 -0.83 29.70
N VAL A 145 11.04 -1.43 30.58
CA VAL A 145 10.69 -2.73 31.23
C VAL A 145 11.11 -2.63 32.70
N VAL A 146 10.23 -3.08 33.58
CA VAL A 146 10.51 -3.19 35.04
C VAL A 146 10.49 -4.68 35.43
N ILE A 147 11.49 -5.12 36.18
CA ILE A 147 11.60 -6.53 36.66
C ILE A 147 11.78 -6.56 38.17
N HIS A 148 11.03 -7.44 38.84
CA HIS A 148 11.18 -7.70 40.30
C HIS A 148 12.61 -8.23 40.54
N TYR A 149 13.29 -7.72 41.57
CA TYR A 149 14.73 -8.02 41.81
C TYR A 149 14.91 -9.52 42.11
N LYS A 150 13.92 -10.20 42.68
CA LYS A 150 13.98 -11.65 42.96
C LYS A 150 13.81 -12.48 41.67
N HIS A 151 13.49 -11.86 40.54
CA HIS A 151 13.19 -12.61 39.29
C HIS A 151 13.94 -12.02 38.10
N PHE A 152 15.12 -11.47 38.39
CA PHE A 152 16.06 -10.89 37.41
C PHE A 152 17.28 -11.80 37.32
N GLY A 153 17.68 -12.16 36.09
CA GLY A 153 18.85 -13.01 35.85
C GLY A 153 18.51 -14.47 36.04
N ARG A 154 19.39 -15.35 35.57
CA ARG A 154 19.18 -16.82 35.62
C ARG A 154 19.93 -17.38 36.82
N ASP A 155 19.30 -18.28 37.56
CA ASP A 155 19.86 -18.92 38.78
C ASP A 155 20.46 -17.80 39.64
N GLY A 156 21.59 -18.03 40.32
CA GLY A 156 22.18 -17.03 41.23
C GLY A 156 21.20 -16.71 42.35
N SER A 157 20.83 -15.43 42.50
CA SER A 157 19.94 -14.89 43.56
C SER A 157 18.46 -14.94 43.13
N ALA A 158 18.15 -15.34 41.90
CA ALA A 158 16.75 -15.34 41.40
C ALA A 158 15.99 -16.53 42.02
N GLU A 159 14.72 -16.32 42.33
CA GLU A 159 13.95 -17.28 43.15
C GLU A 159 13.02 -18.10 42.25
N SER A 160 13.16 -19.42 42.34
CA SER A 160 12.28 -20.44 41.73
C SER A 160 10.83 -20.18 42.14
N PRO A 161 9.83 -20.39 41.26
CA PRO A 161 10.02 -20.89 39.90
C PRO A 161 10.23 -19.88 38.76
N TYR A 162 10.53 -18.62 39.06
CA TYR A 162 10.82 -17.57 38.04
C TYR A 162 12.29 -17.15 38.17
N ASP A 163 13.18 -18.08 37.80
CA ASP A 163 14.63 -18.01 38.10
C ASP A 163 15.49 -18.34 36.87
N LYS A 164 14.96 -18.24 35.64
CA LYS A 164 15.74 -18.46 34.39
C LYS A 164 15.76 -17.18 33.54
N GLY A 165 15.38 -16.04 34.11
CA GLY A 165 15.45 -14.74 33.42
C GLY A 165 14.31 -14.48 32.44
N ARG A 166 13.25 -15.30 32.46
CA ARG A 166 12.18 -15.27 31.41
C ARG A 166 11.18 -14.16 31.70
N THR A 167 11.13 -13.61 32.91
CA THR A 167 10.28 -12.41 33.16
C THR A 167 10.70 -11.30 32.18
N ALA A 168 12.00 -11.04 32.08
CA ALA A 168 12.58 -10.00 31.21
C ALA A 168 12.31 -10.36 29.74
N THR A 169 12.48 -11.63 29.35
CA THR A 169 12.19 -12.08 27.95
C THR A 169 10.73 -11.74 27.61
N HIS A 170 9.79 -12.09 28.50
CA HIS A 170 8.33 -11.85 28.33
C HIS A 170 8.08 -10.33 28.21
N GLU A 171 8.65 -9.53 29.13
CA GLU A 171 8.46 -8.06 29.16
C GLU A 171 9.09 -7.40 27.93
N VAL A 172 10.28 -7.82 27.54
CA VAL A 172 10.88 -7.26 26.30
C VAL A 172 9.97 -7.63 25.12
N GLY A 173 9.38 -8.82 25.13
CA GLY A 173 8.32 -9.21 24.18
C GLY A 173 7.21 -8.15 24.05
N HIS A 174 6.59 -7.74 25.14
CA HIS A 174 5.52 -6.71 25.18
C HIS A 174 6.06 -5.36 24.65
N TRP A 175 7.25 -4.98 25.14
CA TRP A 175 8.00 -3.78 24.75
C TRP A 175 8.21 -3.78 23.22
N LEU A 176 8.33 -4.97 22.64
CA LEU A 176 8.41 -5.12 21.15
C LEU A 176 7.06 -5.59 20.59
N ASP A 177 5.96 -5.24 21.26
CA ASP A 177 4.57 -5.21 20.71
C ASP A 177 3.92 -6.60 20.67
N LEU A 178 4.46 -7.60 21.36
CA LEU A 178 3.80 -8.93 21.44
C LEU A 178 2.70 -8.92 22.49
N ARG A 179 1.56 -9.53 22.17
CA ARG A 179 0.44 -9.71 23.11
C ARG A 179 0.49 -11.11 23.73
N HIS A 180 -0.12 -11.27 24.90
CA HIS A 180 -0.40 -12.58 25.53
C HIS A 180 -0.98 -13.54 24.48
N ILE A 181 -0.41 -14.74 24.43
CA ILE A 181 -0.69 -15.75 23.39
C ILE A 181 -2.17 -16.14 23.43
N TRP A 182 -2.84 -16.03 24.58
CA TRP A 182 -4.26 -16.45 24.75
C TRP A 182 -5.21 -15.28 24.37
N GLY A 183 -4.68 -14.07 24.13
CA GLY A 183 -5.48 -12.96 23.60
C GLY A 183 -6.15 -12.10 24.67
N ASP A 184 -5.75 -12.22 25.93
CA ASP A 184 -6.26 -11.29 26.98
C ASP A 184 -7.79 -11.27 26.93
N ASP A 185 -8.43 -12.43 26.89
CA ASP A 185 -9.89 -12.54 26.71
C ASP A 185 -10.49 -13.37 27.85
N GLY A 186 -9.73 -13.55 28.94
CA GLY A 186 -10.21 -14.18 30.18
C GLY A 186 -10.61 -15.62 29.96
N GLY A 187 -10.16 -16.28 28.89
CA GLY A 187 -10.39 -17.72 28.67
C GLY A 187 -11.16 -18.06 27.40
N SER A 188 -11.75 -17.08 26.68
CA SER A 188 -12.59 -17.39 25.49
CA SER A 188 -12.59 -17.37 25.48
C SER A 188 -11.69 -17.80 24.32
N CYS A 189 -12.30 -18.13 23.18
CA CYS A 189 -11.57 -18.36 21.90
C CYS A 189 -11.61 -17.10 21.01
N SER A 190 -12.22 -16.02 21.46
CA SER A 190 -12.57 -14.82 20.64
C SER A 190 -11.34 -13.90 20.47
N GLY A 191 -10.63 -13.58 21.56
CA GLY A 191 -9.42 -12.73 21.52
C GLY A 191 -8.32 -13.35 20.67
N THR A 192 -7.38 -12.53 20.21
CA THR A 192 -6.24 -12.94 19.35
C THR A 192 -4.98 -12.20 19.80
N ASP A 193 -3.81 -12.82 19.65
CA ASP A 193 -2.49 -12.16 19.80
C ASP A 193 -2.03 -11.63 18.43
N ASN A 194 -2.88 -11.76 17.41
CA ASN A 194 -2.64 -11.33 16.01
C ASN A 194 -1.36 -12.01 15.50
N ILE A 195 -1.17 -13.27 15.87
CA ILE A 195 -0.03 -14.10 15.37
C ILE A 195 -0.62 -15.39 14.80
N ALA A 196 -0.41 -15.60 13.49
CA ALA A 196 -0.96 -16.71 12.70
C ALA A 196 -0.41 -18.04 13.23
N ASP A 197 0.87 -18.10 13.64
CA ASP A 197 1.53 -19.40 13.92
C ASP A 197 1.48 -19.75 15.42
N THR A 198 0.78 -18.97 16.25
CA THR A 198 0.46 -19.34 17.67
C THR A 198 -0.96 -19.89 17.69
N PRO A 199 -1.15 -21.16 18.10
CA PRO A 199 -2.47 -21.78 18.10
C PRO A 199 -3.45 -20.98 18.96
N ASN A 200 -4.72 -20.91 18.55
CA ASN A 200 -5.77 -20.22 19.33
C ASN A 200 -5.80 -20.87 20.71
N GLN A 201 -6.01 -20.10 21.76
CA GLN A 201 -5.84 -20.60 23.15
C GLN A 201 -6.86 -19.89 24.04
N GLY A 202 -7.51 -20.62 24.95
CA GLY A 202 -8.54 -20.07 25.85
C GLY A 202 -7.94 -19.08 26.82
N GLY A 203 -7.32 -19.60 27.88
CA GLY A 203 -6.79 -18.75 28.95
C GLY A 203 -5.29 -18.91 29.04
N TYR A 204 -4.67 -18.24 30.00
CA TYR A 204 -3.22 -18.35 30.27
C TYR A 204 -2.94 -19.70 30.91
N ASN A 205 -1.70 -20.16 30.76
CA ASN A 205 -1.19 -21.33 31.50
C ASN A 205 -0.30 -20.81 32.61
N GLU A 206 -0.30 -21.51 33.73
CA GLU A 206 0.62 -21.26 34.87
C GLU A 206 1.33 -22.58 35.18
N GLY A 207 2.39 -22.51 35.97
CA GLY A 207 3.18 -23.69 36.34
C GLY A 207 3.84 -24.28 35.12
N CYS A 208 3.81 -25.60 35.00
N CYS A 208 3.81 -25.60 35.01
CA CYS A 208 4.45 -26.38 33.91
CA CYS A 208 4.44 -26.37 33.92
C CYS A 208 3.52 -27.47 33.41
C CYS A 208 3.52 -27.47 33.41
N PRO A 209 2.56 -27.18 32.50
CA PRO A 209 1.66 -28.21 31.99
C PRO A 209 2.47 -29.34 31.31
N SER A 210 1.91 -30.54 31.26
CA SER A 210 2.41 -31.64 30.41
C SER A 210 2.01 -31.36 28.97
N PHE A 211 2.94 -31.56 28.05
CA PHE A 211 2.71 -31.53 26.58
C PHE A 211 2.00 -32.81 26.14
N PRO A 212 0.94 -32.76 25.32
CA PRO A 212 0.29 -31.51 24.90
C PRO A 212 -0.79 -31.02 25.88
N LYS A 213 -0.93 -29.70 25.98
CA LYS A 213 -2.04 -29.04 26.71
CA LYS A 213 -2.04 -29.04 26.71
C LYS A 213 -3.09 -28.61 25.69
N THR A 214 -4.32 -29.10 25.82
CA THR A 214 -5.44 -28.72 24.94
C THR A 214 -6.48 -27.92 25.73
N ASP A 215 -7.37 -27.22 25.02
CA ASP A 215 -8.52 -26.49 25.62
C ASP A 215 -9.65 -26.46 24.59
N HIS A 216 -10.75 -25.78 24.90
CA HIS A 216 -11.94 -25.74 24.00
C HIS A 216 -11.60 -25.04 22.68
N CYS A 217 -10.52 -24.25 22.62
CA CYS A 217 -10.10 -23.49 21.40
C CYS A 217 -9.21 -24.34 20.48
N THR A 218 -8.21 -25.03 21.02
CA THR A 218 -7.39 -26.03 20.28
C THR A 218 -7.52 -27.34 21.05
N ASN A 219 -8.43 -28.21 20.62
CA ASN A 219 -8.82 -29.43 21.37
C ASN A 219 -8.05 -30.63 20.82
N THR A 220 -7.11 -30.43 19.88
CA THR A 220 -6.30 -31.50 19.22
C THR A 220 -4.83 -31.38 19.59
N SER A 221 -4.09 -32.52 19.69
CA SER A 221 -2.61 -32.54 19.60
C SER A 221 -2.24 -31.68 18.40
N PRO A 222 -1.17 -30.86 18.40
CA PRO A 222 -0.24 -30.74 19.53
C PRO A 222 -0.68 -29.72 20.60
N GLY A 223 -1.90 -29.18 20.50
CA GLY A 223 -2.49 -28.30 21.52
C GLY A 223 -1.92 -26.90 21.48
N VAL A 224 -1.99 -26.16 22.59
CA VAL A 224 -1.62 -24.72 22.69
C VAL A 224 -0.14 -24.61 23.05
N MET A 225 0.47 -23.51 22.65
CA MET A 225 1.93 -23.30 22.82
CA MET A 225 1.93 -23.30 22.82
C MET A 225 2.19 -22.70 24.21
N PHE A 226 1.98 -23.51 25.25
CA PHE A 226 2.16 -23.03 26.66
C PHE A 226 3.66 -22.81 26.92
N MET A 227 4.56 -23.25 26.05
CA MET A 227 6.01 -23.03 26.29
C MET A 227 6.46 -21.77 25.53
N ASN A 228 5.52 -21.03 24.94
CA ASN A 228 5.77 -19.69 24.36
C ASN A 228 6.11 -18.70 25.48
N TYR A 229 7.10 -17.81 25.26
CA TYR A 229 7.52 -16.80 26.26
C TYR A 229 6.36 -15.91 26.70
N MET A 230 5.35 -15.73 25.84
CA MET A 230 4.23 -14.78 26.08
C MET A 230 3.05 -15.48 26.79
N ASP A 231 3.26 -16.67 27.35
CA ASP A 231 2.28 -17.29 28.29
C ASP A 231 2.70 -16.94 29.71
N TYR A 232 2.02 -17.48 30.71
CA TYR A 232 2.31 -17.16 32.13
C TYR A 232 2.93 -18.37 32.85
N THR A 233 3.59 -19.25 32.09
CA THR A 233 4.13 -20.52 32.65
C THR A 233 5.46 -20.24 33.35
N TYR A 234 5.91 -21.20 34.14
CA TYR A 234 7.21 -21.18 34.87
C TYR A 234 8.35 -20.98 33.87
N ASP A 235 9.39 -20.28 34.31
CA ASP A 235 10.57 -19.93 33.45
C ASP A 235 11.13 -21.19 32.76
N ALA A 236 11.28 -22.32 33.47
CA ALA A 236 11.98 -23.53 32.98
C ALA A 236 11.12 -24.27 31.95
N CYS A 237 9.89 -23.81 31.76
CA CYS A 237 8.88 -24.49 30.92
C CYS A 237 8.53 -23.63 29.71
N MET A 238 9.30 -22.56 29.46
CA MET A 238 9.17 -21.67 28.27
C MET A 238 10.43 -21.82 27.42
N ASN A 239 10.34 -21.77 26.10
CA ASN A 239 11.56 -22.02 25.30
C ASN A 239 11.45 -21.52 23.87
N LEU A 240 10.41 -20.75 23.48
CA LEU A 240 10.41 -20.16 22.12
C LEU A 240 9.52 -18.94 21.97
N PHE A 241 9.90 -18.18 20.95
CA PHE A 241 9.06 -17.24 20.17
C PHE A 241 8.77 -17.95 18.86
N THR A 242 7.66 -17.61 18.20
CA THR A 242 7.38 -18.08 16.83
C THR A 242 8.03 -17.14 15.80
N LYS A 243 8.14 -17.62 14.56
CA LYS A 243 8.56 -16.81 13.38
C LYS A 243 7.59 -15.64 13.21
N GLY A 244 6.28 -15.88 13.37
CA GLY A 244 5.26 -14.81 13.39
C GLY A 244 5.56 -13.74 14.44
N GLN A 245 5.87 -14.15 15.67
CA GLN A 245 6.20 -13.19 16.76
C GLN A 245 7.48 -12.42 16.39
N VAL A 246 8.48 -13.11 15.85
CA VAL A 246 9.77 -12.51 15.41
C VAL A 246 9.50 -11.41 14.38
N GLU A 247 8.65 -11.67 13.39
CA GLU A 247 8.30 -10.66 12.34
C GLU A 247 7.66 -9.43 12.98
N ARG A 248 6.72 -9.62 13.92
CA ARG A 248 6.05 -8.49 14.60
C ARG A 248 7.08 -7.62 15.33
N MET A 249 8.02 -8.26 16.03
CA MET A 249 9.03 -7.56 16.87
C MET A 249 9.98 -6.79 15.96
N ARG A 250 10.45 -7.42 14.88
CA ARG A 250 11.45 -6.83 13.96
C ARG A 250 10.82 -5.63 13.22
N SER A 251 9.51 -5.67 12.92
CA SER A 251 8.80 -4.62 12.13
C SER A 251 8.85 -3.27 12.86
N LEU A 252 9.07 -3.26 14.17
CA LEU A 252 9.25 -2.00 14.95
C LEU A 252 10.54 -1.26 14.55
N PHE A 253 11.48 -1.94 13.91
CA PHE A 253 12.79 -1.38 13.52
C PHE A 253 12.82 -1.09 12.01
N ASP A 254 11.69 -1.26 11.32
CA ASP A 254 11.51 -0.84 9.90
C ASP A 254 11.98 0.62 9.74
N THR A 255 12.92 0.86 8.83
CA THR A 255 13.58 2.19 8.63
C THR A 255 12.57 3.24 8.13
N GLN A 256 11.45 2.84 7.55
CA GLN A 256 10.41 3.81 7.13
C GLN A 256 9.31 3.95 8.20
N THR A 257 8.70 2.85 8.65
CA THR A 257 7.45 2.90 9.46
C THR A 257 7.68 2.45 10.91
N GLY A 258 8.93 2.09 11.28
CA GLY A 258 9.24 1.47 12.58
C GLY A 258 9.25 2.47 13.74
N ILE A 259 8.34 2.28 14.69
CA ILE A 259 8.24 3.10 15.94
C ILE A 259 9.63 3.20 16.61
N ARG A 260 10.44 2.13 16.60
CA ARG A 260 11.72 2.09 17.35
C ARG A 260 12.93 2.16 16.42
N ARG A 261 12.74 2.66 15.19
CA ARG A 261 13.81 2.70 14.15
C ARG A 261 14.98 3.56 14.60
N GLU A 262 14.72 4.65 15.35
CA GLU A 262 15.81 5.58 15.76
C GLU A 262 16.84 4.83 16.61
N MET A 263 16.43 3.75 17.29
CA MET A 263 17.32 2.96 18.20
CA MET A 263 17.32 2.96 18.20
C MET A 263 18.51 2.41 17.40
N GLN A 264 18.33 2.13 16.11
CA GLN A 264 19.41 1.49 15.27
C GLN A 264 20.47 2.52 14.83
N ILE A 265 20.13 3.80 14.75
CA ILE A 265 21.02 4.86 14.15
CA ILE A 265 21.03 4.85 14.15
C ILE A 265 22.35 4.88 14.91
N TYR A 266 22.33 4.94 16.26
CA TYR A 266 23.58 5.08 17.07
C TYR A 266 23.85 3.84 17.94
N ALA A 267 23.15 2.72 17.70
CA ALA A 267 23.26 1.49 18.52
C ALA A 267 24.74 1.09 18.66
N ASN A 268 25.47 1.09 17.55
CA ASN A 268 26.88 0.65 17.49
C ASN A 268 27.74 1.57 18.35
N GLU A 269 27.61 2.89 18.15
CA GLU A 269 28.42 3.91 18.87
C GLU A 269 28.11 3.85 20.38
N LEU A 270 26.85 3.64 20.76
CA LEU A 270 26.42 3.61 22.18
C LEU A 270 26.88 2.32 22.88
N THR A 271 27.32 1.29 22.13
CA THR A 271 27.74 -0.02 22.73
C THR A 271 29.21 -0.35 22.45
N ASN A 272 29.97 0.55 21.81
CA ASN A 272 31.39 0.34 21.41
C ASN A 272 32.29 1.23 22.26
N PRO A 273 33.35 0.68 22.88
CA PRO A 273 34.45 1.49 23.45
C PRO A 273 35.30 2.22 22.39
N PRO B 4 -19.34 -5.16 -9.79
CA PRO B 4 -19.07 -6.59 -9.58
C PRO B 4 -18.25 -6.89 -8.31
N SER B 5 -18.61 -7.96 -7.60
CA SER B 5 -18.10 -8.31 -6.24
C SER B 5 -18.59 -9.71 -5.85
N SER B 6 -17.75 -10.49 -5.16
CA SER B 6 -18.09 -11.84 -4.62
C SER B 6 -18.85 -11.70 -3.29
N THR B 7 -19.79 -12.61 -3.05
CA THR B 7 -20.67 -12.61 -1.85
C THR B 7 -19.80 -12.84 -0.62
N ILE B 8 -19.86 -11.92 0.35
CA ILE B 8 -19.27 -12.11 1.70
C ILE B 8 -20.30 -12.85 2.53
N LEU B 9 -19.91 -13.98 3.13
CA LEU B 9 -20.81 -14.88 3.91
C LEU B 9 -20.56 -14.68 5.42
N ILE B 10 -21.61 -14.40 6.19
CA ILE B 10 -21.54 -14.15 7.66
C ILE B 10 -22.29 -15.26 8.36
N PRO B 11 -21.59 -16.20 9.06
CA PRO B 11 -22.25 -17.17 9.93
C PRO B 11 -22.81 -16.42 11.13
N VAL B 12 -24.07 -16.68 11.48
CA VAL B 12 -24.75 -15.95 12.57
C VAL B 12 -25.16 -16.96 13.64
N VAL B 13 -25.04 -16.57 14.90
CA VAL B 13 -25.70 -17.26 16.04
C VAL B 13 -26.53 -16.22 16.76
N VAL B 14 -27.81 -16.54 16.94
CA VAL B 14 -28.80 -15.73 17.68
C VAL B 14 -28.90 -16.33 19.08
N HIS B 15 -28.53 -15.54 20.07
CA HIS B 15 -28.64 -15.88 21.50
C HIS B 15 -29.92 -15.23 22.03
N VAL B 16 -30.99 -16.01 22.15
CA VAL B 16 -32.24 -15.58 22.84
C VAL B 16 -31.99 -15.73 24.33
N VAL B 17 -31.95 -14.62 25.06
CA VAL B 17 -31.76 -14.61 26.53
C VAL B 17 -33.04 -14.07 27.17
N TYR B 18 -33.82 -14.95 27.81
CA TYR B 18 -35.23 -14.68 28.18
C TYR B 18 -35.40 -14.84 29.70
N ASN B 19 -36.06 -13.86 30.31
CA ASN B 19 -36.41 -13.90 31.75
C ASN B 19 -37.88 -14.30 31.90
N ASN B 20 -38.62 -14.38 30.80
CA ASN B 20 -40.08 -14.70 30.80
C ASN B 20 -40.46 -15.28 29.44
N SER B 21 -41.73 -15.68 29.28
CA SER B 21 -42.23 -16.38 28.06
CA SER B 21 -42.22 -16.37 28.06
CA SER B 21 -42.23 -16.37 28.07
C SER B 21 -42.19 -15.42 26.86
N ALA B 22 -42.55 -14.15 27.07
CA ALA B 22 -42.61 -13.11 26.03
C ALA B 22 -41.22 -12.92 25.40
N GLN B 23 -40.13 -13.02 26.18
CA GLN B 23 -38.74 -12.78 25.70
C GLN B 23 -38.22 -14.00 24.96
N ASN B 24 -38.84 -15.17 25.14
CA ASN B 24 -38.42 -16.43 24.47
C ASN B 24 -39.02 -16.46 23.05
N ILE B 25 -38.57 -15.56 22.18
CA ILE B 25 -39.24 -15.29 20.87
C ILE B 25 -39.11 -16.53 19.98
N SER B 26 -39.98 -16.61 18.98
CA SER B 26 -40.26 -17.82 18.16
C SER B 26 -39.14 -17.99 17.14
N ASP B 27 -38.93 -19.22 16.69
CA ASP B 27 -38.05 -19.56 15.54
C ASP B 27 -38.46 -18.71 14.33
N ALA B 28 -39.75 -18.67 13.99
CA ALA B 28 -40.28 -17.89 12.86
C ALA B 28 -39.78 -16.44 12.95
N GLN B 29 -39.84 -15.84 14.17
CA GLN B 29 -39.47 -14.42 14.39
C GLN B 29 -37.98 -14.25 14.08
N ILE B 30 -37.15 -15.24 14.45
CA ILE B 30 -35.67 -15.18 14.29
C ILE B 30 -35.36 -15.32 12.80
N ILE B 31 -36.01 -16.26 12.14
CA ILE B 31 -35.79 -16.52 10.67
C ILE B 31 -36.24 -15.27 9.91
N SER B 32 -37.30 -14.61 10.36
CA SER B 32 -37.78 -13.33 9.80
C SER B 32 -36.63 -12.30 9.83
N GLN B 33 -35.93 -12.16 10.96
CA GLN B 33 -34.79 -11.21 11.08
C GLN B 33 -33.62 -11.59 10.15
N ILE B 34 -33.26 -12.87 10.06
CA ILE B 34 -32.15 -13.34 9.18
C ILE B 34 -32.53 -12.97 7.74
N GLN B 35 -33.78 -13.21 7.37
CA GLN B 35 -34.29 -12.87 6.02
CA GLN B 35 -34.31 -12.87 6.02
C GLN B 35 -34.22 -11.36 5.76
N VAL B 36 -34.58 -10.51 6.72
CA VAL B 36 -34.52 -9.02 6.58
C VAL B 36 -33.07 -8.57 6.34
N LEU B 37 -32.12 -9.15 7.07
CA LEU B 37 -30.69 -8.79 6.93
C LEU B 37 -30.25 -9.10 5.51
N ASN B 38 -30.64 -10.27 4.99
CA ASN B 38 -30.28 -10.74 3.63
C ASN B 38 -30.90 -9.81 2.59
N GLU B 39 -32.15 -9.38 2.80
CA GLU B 39 -32.84 -8.43 1.88
C GLU B 39 -32.11 -7.09 1.87
N ASP B 40 -31.85 -6.51 3.05
CA ASP B 40 -31.31 -5.13 3.18
C ASP B 40 -29.85 -5.07 2.72
N PHE B 41 -29.09 -6.15 2.92
CA PHE B 41 -27.64 -6.17 2.62
C PHE B 41 -27.41 -6.73 1.22
N ARG B 42 -28.47 -7.05 0.44
CA ARG B 42 -28.34 -7.52 -0.97
C ARG B 42 -29.33 -6.76 -1.88
N ARG B 43 -29.81 -5.61 -1.41
CA ARG B 43 -30.87 -4.79 -2.08
C ARG B 43 -31.93 -5.70 -2.68
N MET B 44 -32.49 -6.62 -1.89
CA MET B 44 -33.67 -7.44 -2.24
CA MET B 44 -33.68 -7.44 -2.25
C MET B 44 -34.83 -7.10 -1.30
N ASN B 45 -34.72 -5.96 -0.61
CA ASN B 45 -35.83 -5.39 0.21
C ASN B 45 -36.89 -4.82 -0.74
N ALA B 46 -38.13 -5.31 -0.66
CA ALA B 46 -39.23 -4.89 -1.54
C ALA B 46 -39.53 -3.38 -1.36
N ASP B 47 -39.26 -2.83 -0.17
CA ASP B 47 -39.52 -1.39 0.11
C ASP B 47 -38.42 -0.51 -0.50
N GLN B 48 -37.48 -1.08 -1.27
CA GLN B 48 -36.59 -0.30 -2.16
C GLN B 48 -37.45 0.48 -3.16
N ALA B 49 -38.72 0.08 -3.37
CA ALA B 49 -39.70 0.81 -4.20
C ALA B 49 -39.92 2.22 -3.63
N ASN B 50 -39.71 2.42 -2.32
CA ASN B 50 -39.87 3.73 -1.63
C ASN B 50 -38.59 4.57 -1.73
N THR B 51 -37.46 4.04 -2.22
CA THR B 51 -36.24 4.87 -2.39
C THR B 51 -36.54 5.95 -3.41
N PRO B 52 -36.35 7.24 -3.08
CA PRO B 52 -36.54 8.31 -4.07
C PRO B 52 -35.63 8.08 -5.28
N SER B 53 -36.14 8.34 -6.49
CA SER B 53 -35.39 8.19 -7.76
C SER B 53 -34.11 9.04 -7.71
N ALA B 54 -34.17 10.20 -7.06
CA ALA B 54 -33.01 11.11 -6.83
C ALA B 54 -31.87 10.39 -6.09
N PHE B 55 -32.16 9.35 -5.29
CA PHE B 55 -31.15 8.63 -4.48
C PHE B 55 -30.95 7.19 -4.97
N ALA B 56 -31.77 6.74 -5.94
CA ALA B 56 -31.83 5.34 -6.42
C ALA B 56 -30.47 4.93 -6.98
N ASN B 57 -29.77 5.88 -7.62
CA ASN B 57 -28.46 5.65 -8.29
C ASN B 57 -27.33 5.57 -7.26
N LEU B 58 -27.55 6.04 -6.02
CA LEU B 58 -26.56 5.97 -4.92
C LEU B 58 -26.76 4.68 -4.13
N ALA B 59 -27.90 3.98 -4.31
CA ALA B 59 -28.29 2.78 -3.53
C ALA B 59 -27.24 1.67 -3.71
N GLY B 60 -26.74 1.12 -2.61
CA GLY B 60 -25.72 0.06 -2.59
C GLY B 60 -26.33 -1.32 -2.41
N ASN B 61 -25.78 -2.30 -3.12
CA ASN B 61 -25.95 -3.76 -2.88
C ASN B 61 -24.67 -4.24 -2.22
N ALA B 62 -24.68 -4.45 -0.88
CA ALA B 62 -23.49 -4.84 -0.09
C ALA B 62 -23.03 -6.23 -0.52
N ASN B 63 -23.96 -7.08 -0.97
CA ASN B 63 -23.64 -8.46 -1.40
C ASN B 63 -22.96 -9.16 -0.22
N ILE B 64 -23.57 -9.01 0.97
CA ILE B 64 -23.25 -9.75 2.22
C ILE B 64 -24.44 -10.67 2.51
N GLU B 65 -24.14 -11.96 2.69
CA GLU B 65 -25.15 -13.00 2.99
C GLU B 65 -24.99 -13.40 4.46
N PHE B 66 -26.12 -13.58 5.14
CA PHE B 66 -26.22 -13.97 6.57
C PHE B 66 -26.92 -15.33 6.61
N LYS B 67 -26.25 -16.34 7.16
CA LYS B 67 -26.78 -17.72 7.33
C LYS B 67 -26.60 -18.12 8.79
N LEU B 68 -27.64 -18.67 9.41
CA LEU B 68 -27.58 -19.28 10.76
C LEU B 68 -26.50 -20.35 10.74
N ALA B 69 -25.62 -20.36 11.74
CA ALA B 69 -24.59 -21.41 11.92
C ALA B 69 -25.27 -22.78 11.93
N ARG B 70 -24.60 -23.77 11.33
CA ARG B 70 -25.00 -25.21 11.31
C ARG B 70 -23.92 -26.03 12.04
N ARG B 71 -22.75 -25.43 12.30
CA ARG B 71 -21.65 -26.01 13.12
C ARG B 71 -21.31 -25.04 14.26
N ASP B 72 -21.44 -25.53 15.49
CA ASP B 72 -21.13 -24.79 16.74
C ASP B 72 -19.62 -24.79 16.96
N PRO B 73 -19.10 -24.08 18.00
CA PRO B 73 -17.66 -23.95 18.20
C PRO B 73 -16.92 -25.24 18.60
N ASN B 74 -17.66 -26.31 18.94
CA ASN B 74 -17.09 -27.65 19.23
C ASN B 74 -17.16 -28.50 17.96
N GLY B 75 -17.73 -27.95 16.89
CA GLY B 75 -17.92 -28.64 15.60
C GLY B 75 -19.14 -29.57 15.57
N ASN B 76 -20.03 -29.50 16.57
CA ASN B 76 -21.28 -30.30 16.58
C ASN B 76 -22.37 -29.55 15.81
N THR B 77 -23.42 -30.25 15.36
CA THR B 77 -24.53 -29.65 14.58
C THR B 77 -25.33 -28.66 15.46
N THR B 78 -25.80 -27.60 14.86
CA THR B 78 -26.62 -26.55 15.53
C THR B 78 -27.60 -25.99 14.51
N ASN B 79 -28.64 -25.31 14.97
CA ASN B 79 -29.53 -24.52 14.09
C ASN B 79 -29.12 -23.04 14.18
N GLY B 80 -28.03 -22.72 14.88
CA GLY B 80 -27.58 -21.33 15.05
C GLY B 80 -28.43 -20.51 16.03
N ILE B 81 -29.24 -21.16 16.86
CA ILE B 81 -30.13 -20.49 17.83
C ILE B 81 -29.86 -21.08 19.22
N THR B 82 -29.44 -20.24 20.17
CA THR B 82 -29.29 -20.64 21.59
C THR B 82 -30.44 -20.00 22.36
N ARG B 83 -30.91 -20.72 23.38
CA ARG B 83 -31.98 -20.25 24.30
C ARG B 83 -31.44 -20.40 25.71
N THR B 84 -31.34 -19.28 26.41
CA THR B 84 -30.80 -19.17 27.77
C THR B 84 -31.85 -18.54 28.68
N SER B 85 -32.39 -19.32 29.59
CA SER B 85 -33.22 -18.82 30.72
CA SER B 85 -33.22 -18.82 30.72
C SER B 85 -32.33 -17.97 31.63
N THR B 86 -32.76 -16.75 31.95
CA THR B 86 -31.99 -15.85 32.83
C THR B 86 -32.86 -15.40 34.00
N SER B 87 -32.20 -15.17 35.14
CA SER B 87 -32.80 -14.57 36.37
CA SER B 87 -32.77 -14.58 36.38
C SER B 87 -32.62 -13.05 36.32
N THR B 88 -31.86 -12.55 35.35
CA THR B 88 -31.71 -11.08 35.13
C THR B 88 -32.94 -10.61 34.33
N GLU B 89 -33.54 -9.48 34.73
CA GLU B 89 -34.87 -9.05 34.23
C GLU B 89 -34.70 -7.95 33.17
N THR B 90 -33.68 -7.11 33.30
CA THR B 90 -33.31 -6.07 32.31
C THR B 90 -31.79 -6.05 32.19
N PHE B 91 -31.26 -6.08 30.97
CA PHE B 91 -29.80 -6.05 30.69
C PHE B 91 -29.36 -4.60 30.50
N SER B 92 -28.06 -4.37 30.69
CA SER B 92 -27.41 -3.03 30.66
C SER B 92 -26.39 -2.97 29.51
N MET B 93 -26.47 -1.93 28.69
CA MET B 93 -25.48 -1.63 27.63
CA MET B 93 -25.47 -1.62 27.63
C MET B 93 -24.10 -1.41 28.27
N GLU B 94 -24.06 -0.70 29.40
CA GLU B 94 -22.81 -0.30 30.09
C GLU B 94 -22.12 -1.55 30.66
N MET B 95 -22.88 -2.53 31.14
CA MET B 95 -22.35 -3.78 31.76
C MET B 95 -22.05 -4.83 30.68
N ASP B 96 -22.81 -4.86 29.57
CA ASP B 96 -22.66 -5.89 28.50
C ASP B 96 -22.95 -7.27 29.10
N ASN B 97 -23.77 -7.30 30.15
CA ASN B 97 -24.02 -8.52 30.95
C ASN B 97 -24.74 -9.59 30.10
N VAL B 98 -25.49 -9.19 29.07
CA VAL B 98 -26.17 -10.17 28.18
C VAL B 98 -25.11 -11.05 27.48
N LYS B 99 -23.86 -10.58 27.38
CA LYS B 99 -22.81 -11.26 26.56
C LYS B 99 -21.96 -12.20 27.42
N PHE B 100 -22.28 -12.39 28.71
CA PHE B 100 -21.51 -13.28 29.62
C PHE B 100 -22.44 -14.24 30.36
N SER B 101 -22.27 -15.54 30.10
CA SER B 101 -22.93 -16.64 30.84
C SER B 101 -22.78 -16.39 32.36
N ASN B 102 -21.61 -15.90 32.78
CA ASN B 102 -21.24 -15.59 34.19
C ASN B 102 -22.22 -14.57 34.80
N LEU B 103 -22.79 -13.66 34.00
CA LEU B 103 -23.64 -12.53 34.47
C LEU B 103 -25.10 -12.72 34.04
N GLY B 104 -25.48 -13.97 33.74
CA GLY B 104 -26.88 -14.33 33.40
C GLY B 104 -27.22 -14.11 31.94
N GLY B 105 -26.21 -13.90 31.10
CA GLY B 105 -26.33 -13.84 29.63
C GLY B 105 -25.84 -15.11 28.97
N ASN B 106 -25.24 -14.98 27.79
CA ASN B 106 -24.66 -16.13 27.07
C ASN B 106 -23.36 -15.68 26.41
N ASN B 107 -22.25 -16.37 26.72
CA ASN B 107 -20.93 -16.13 26.10
C ASN B 107 -21.04 -16.10 24.58
N ALA B 108 -20.30 -15.19 23.95
CA ALA B 108 -20.09 -15.12 22.49
C ALA B 108 -19.54 -16.46 21.98
N TRP B 109 -20.00 -16.93 20.84
CA TRP B 109 -19.24 -17.93 20.05
C TRP B 109 -18.14 -17.15 19.32
N ASN B 110 -16.91 -17.68 19.29
CA ASN B 110 -15.70 -17.08 18.66
C ASN B 110 -16.07 -15.92 17.74
N THR B 111 -15.87 -14.68 18.17
CA THR B 111 -16.34 -13.47 17.46
C THR B 111 -15.51 -13.24 16.19
N ARG B 112 -14.38 -13.93 16.00
CA ARG B 112 -13.63 -13.86 14.71
C ARG B 112 -14.26 -14.78 13.66
N ARG B 113 -15.18 -15.68 14.03
CA ARG B 113 -15.80 -16.67 13.10
C ARG B 113 -17.31 -16.50 12.99
N TYR B 114 -18.00 -15.99 14.02
CA TYR B 114 -19.46 -15.79 14.01
C TYR B 114 -19.81 -14.33 14.36
N LEU B 115 -20.83 -13.79 13.69
CA LEU B 115 -21.61 -12.65 14.18
C LEU B 115 -22.53 -13.17 15.28
N ASN B 116 -22.39 -12.66 16.51
CA ASN B 116 -23.30 -12.98 17.63
C ASN B 116 -24.38 -11.90 17.68
N ILE B 117 -25.66 -12.32 17.63
CA ILE B 117 -26.83 -11.42 17.80
C ILE B 117 -27.54 -11.84 19.09
N TRP B 118 -27.44 -11.03 20.13
CA TRP B 118 -28.14 -11.24 21.43
C TRP B 118 -29.53 -10.60 21.37
N VAL B 119 -30.55 -11.36 21.71
CA VAL B 119 -31.94 -10.85 21.85
C VAL B 119 -32.33 -10.92 23.32
N CYS B 120 -32.75 -9.79 23.90
CA CYS B 120 -33.02 -9.68 25.34
C CYS B 120 -33.86 -8.46 25.62
N ASN B 121 -34.32 -8.36 26.87
CA ASN B 121 -34.95 -7.13 27.40
C ASN B 121 -33.89 -6.07 27.75
N LEU B 122 -33.85 -4.98 27.00
CA LEU B 122 -32.93 -3.82 27.18
C LEU B 122 -33.62 -2.67 27.90
N ASP B 125 -36.39 1.93 26.71
CA ASP B 125 -36.56 2.56 25.38
C ASP B 125 -35.26 2.50 24.55
N LEU B 126 -34.34 1.59 24.88
CA LEU B 126 -33.18 1.23 24.03
C LEU B 126 -33.57 0.12 23.03
N LEU B 127 -33.45 0.38 21.73
CA LEU B 127 -33.81 -0.58 20.65
C LEU B 127 -32.71 -1.65 20.49
N GLY B 128 -31.44 -1.23 20.64
CA GLY B 128 -30.29 -2.13 20.52
C GLY B 128 -29.00 -1.37 20.53
N TYR B 129 -27.88 -2.10 20.50
CA TYR B 129 -26.53 -1.48 20.44
C TYR B 129 -25.54 -2.45 19.80
N ALA B 130 -24.51 -1.85 19.20
CA ALA B 130 -23.45 -2.54 18.44
C ALA B 130 -22.11 -2.31 19.13
N GLN B 131 -21.09 -3.03 18.69
CA GLN B 131 -19.69 -2.70 19.02
C GLN B 131 -18.95 -2.45 17.71
N PHE B 132 -18.19 -1.37 17.62
CA PHE B 132 -17.43 -0.99 16.40
C PHE B 132 -16.20 -1.87 16.24
N PRO B 133 -15.74 -2.12 14.99
CA PRO B 133 -14.53 -2.91 14.75
C PRO B 133 -13.27 -2.40 15.47
N PHE B 134 -13.11 -1.08 15.66
CA PHE B 134 -11.89 -0.51 16.30
C PHE B 134 -11.79 -1.04 17.75
N GLU B 135 -12.92 -1.47 18.32
CA GLU B 135 -12.98 -1.97 19.72
C GLU B 135 -12.63 -3.46 19.78
N PHE B 136 -12.45 -4.15 18.64
CA PHE B 136 -12.32 -5.62 18.64
C PHE B 136 -11.05 -6.04 19.40
N GLN B 137 -9.91 -5.38 19.17
CA GLN B 137 -8.60 -5.72 19.78
C GLN B 137 -8.75 -5.68 21.30
N THR B 138 -9.40 -4.66 21.86
CA THR B 138 -9.55 -4.50 23.33
C THR B 138 -10.77 -5.28 23.87
N LYS B 139 -11.82 -5.51 23.08
CA LYS B 139 -13.09 -6.07 23.64
C LYS B 139 -13.56 -7.21 22.75
N PRO B 140 -12.75 -8.28 22.58
CA PRO B 140 -13.08 -9.36 21.66
C PRO B 140 -14.37 -10.11 22.04
N ASN B 141 -14.66 -10.22 23.34
CA ASN B 141 -15.76 -11.08 23.86
C ASN B 141 -17.10 -10.39 23.66
N THR B 142 -17.12 -9.06 23.46
CA THR B 142 -18.35 -8.25 23.40
C THR B 142 -18.59 -7.72 21.98
N ASP B 143 -17.79 -8.14 21.01
CA ASP B 143 -18.02 -7.86 19.58
C ASP B 143 -19.34 -8.52 19.15
N GLY B 144 -20.19 -7.75 18.49
CA GLY B 144 -21.49 -8.23 17.99
C GLY B 144 -22.57 -7.19 18.21
N VAL B 145 -23.80 -7.67 18.29
CA VAL B 145 -25.03 -6.82 18.15
C VAL B 145 -26.04 -7.32 19.18
N VAL B 146 -26.65 -6.37 19.89
CA VAL B 146 -27.75 -6.64 20.85
C VAL B 146 -29.03 -5.98 20.34
N ILE B 147 -30.13 -6.71 20.33
CA ILE B 147 -31.44 -6.21 19.86
C ILE B 147 -32.50 -6.44 20.94
N HIS B 148 -33.30 -5.40 21.18
CA HIS B 148 -34.48 -5.51 22.09
C HIS B 148 -35.45 -6.56 21.52
N TYR B 149 -35.96 -7.46 22.35
CA TYR B 149 -36.78 -8.63 21.90
C TYR B 149 -38.07 -8.13 21.23
N LYS B 150 -38.60 -6.98 21.61
CA LYS B 150 -39.82 -6.37 21.00
C LYS B 150 -39.51 -5.79 19.60
N HIS B 151 -38.25 -5.72 19.18
CA HIS B 151 -37.89 -5.06 17.90
C HIS B 151 -36.93 -5.92 17.08
N PHE B 152 -37.09 -7.23 17.24
CA PHE B 152 -36.35 -8.27 16.51
C PHE B 152 -37.31 -8.96 15.52
N GLY B 153 -36.91 -9.07 14.26
CA GLY B 153 -37.69 -9.72 13.21
C GLY B 153 -38.73 -8.77 12.66
N ARG B 154 -39.32 -9.13 11.54
CA ARG B 154 -40.30 -8.28 10.81
C ARG B 154 -41.70 -8.77 11.17
N ASP B 155 -42.62 -7.84 11.45
CA ASP B 155 -44.02 -8.11 11.85
C ASP B 155 -43.97 -9.22 12.91
N GLY B 156 -44.92 -10.17 12.94
CA GLY B 156 -44.97 -11.18 13.99
C GLY B 156 -45.18 -10.52 15.34
N SER B 157 -44.28 -10.76 16.30
CA SER B 157 -44.32 -10.26 17.70
C SER B 157 -43.61 -8.90 17.82
N ALA B 158 -43.00 -8.37 16.75
CA ALA B 158 -42.25 -7.10 16.83
C ALA B 158 -43.23 -5.93 16.91
N GLU B 159 -42.90 -4.90 17.67
CA GLU B 159 -43.85 -3.83 18.01
C GLU B 159 -43.56 -2.58 17.18
N SER B 160 -44.59 -2.13 16.45
CA SER B 160 -44.62 -0.85 15.70
C SER B 160 -44.24 0.29 16.64
N PRO B 161 -43.52 1.34 16.19
CA PRO B 161 -43.04 1.47 14.81
C PRO B 161 -41.66 0.89 14.43
N TYR B 162 -41.08 0.04 15.27
CA TYR B 162 -39.78 -0.65 14.98
C TYR B 162 -40.04 -2.14 14.84
N ASP B 163 -40.72 -2.50 13.74
CA ASP B 163 -41.33 -3.83 13.51
C ASP B 163 -41.03 -4.38 12.11
N LYS B 164 -39.99 -3.89 11.41
CA LYS B 164 -39.57 -4.43 10.08
C LYS B 164 -38.15 -4.97 10.14
N GLY B 165 -37.59 -5.19 11.32
CA GLY B 165 -36.27 -5.81 11.50
C GLY B 165 -35.10 -4.83 11.28
N ARG B 166 -35.36 -3.51 11.18
CA ARG B 166 -34.32 -2.52 10.78
C ARG B 166 -33.43 -2.13 11.96
N THR B 167 -33.81 -2.42 13.20
CA THR B 167 -32.90 -2.20 14.34
C THR B 167 -31.62 -3.01 14.09
N ALA B 168 -31.78 -4.30 13.74
CA ALA B 168 -30.67 -5.23 13.47
C ALA B 168 -29.88 -4.73 12.24
N THR B 169 -30.55 -4.29 11.17
CA THR B 169 -29.87 -3.75 9.95
C THR B 169 -28.96 -2.59 10.36
N HIS B 170 -29.49 -1.63 11.13
CA HIS B 170 -28.75 -0.45 11.63
C HIS B 170 -27.54 -0.90 12.46
N GLU B 171 -27.75 -1.81 13.44
CA GLU B 171 -26.69 -2.30 14.35
C GLU B 171 -25.64 -3.10 13.56
N VAL B 172 -26.04 -3.95 12.65
CA VAL B 172 -25.06 -4.68 11.82
C VAL B 172 -24.26 -3.65 11.01
N GLY B 173 -24.91 -2.57 10.54
CA GLY B 173 -24.24 -1.40 9.95
C GLY B 173 -23.06 -0.89 10.80
N HIS B 174 -23.29 -0.57 12.06
CA HIS B 174 -22.26 -0.08 13.02
C HIS B 174 -21.16 -1.14 13.19
N TRP B 175 -21.58 -2.39 13.38
CA TRP B 175 -20.71 -3.59 13.52
C TRP B 175 -19.80 -3.68 12.29
N LEU B 176 -20.28 -3.22 11.14
CA LEU B 176 -19.47 -3.16 9.89
C LEU B 176 -19.00 -1.71 9.63
N ASP B 177 -18.86 -0.91 10.70
CA ASP B 177 -18.05 0.33 10.75
C ASP B 177 -18.80 1.55 10.17
N LEU B 178 -20.10 1.47 9.96
CA LEU B 178 -20.89 2.66 9.49
C LEU B 178 -21.19 3.56 10.68
N ARG B 179 -21.07 4.88 10.48
CA ARG B 179 -21.45 5.92 11.45
C ARG B 179 -22.84 6.45 11.12
N HIS B 180 -23.51 7.00 12.12
CA HIS B 180 -24.76 7.80 11.96
C HIS B 180 -24.57 8.80 10.83
N ILE B 181 -25.54 8.83 9.92
CA ILE B 181 -25.48 9.61 8.64
C ILE B 181 -25.32 11.10 8.96
N TRP B 182 -25.79 11.59 10.12
CA TRP B 182 -25.73 13.02 10.50
C TRP B 182 -24.38 13.36 11.17
N GLY B 183 -23.55 12.37 11.49
CA GLY B 183 -22.16 12.60 11.96
C GLY B 183 -22.05 12.78 13.46
N ASP B 184 -23.06 12.40 14.25
CA ASP B 184 -22.93 12.38 15.73
C ASP B 184 -22.41 13.74 16.22
N ASP B 185 -23.01 14.82 15.75
CA ASP B 185 -22.52 16.20 16.05
C ASP B 185 -23.64 17.04 16.63
N GLY B 186 -24.71 16.37 17.12
CA GLY B 186 -25.82 16.99 17.87
C GLY B 186 -26.57 18.01 17.02
N GLY B 187 -26.45 17.97 15.69
CA GLY B 187 -27.25 18.84 14.80
C GLY B 187 -26.43 19.75 13.90
N SER B 188 -25.11 19.89 14.09
CA SER B 188 -24.27 20.85 13.29
CA SER B 188 -24.26 20.84 13.31
C SER B 188 -24.09 20.28 11.88
N CYS B 189 -23.37 21.03 11.04
CA CYS B 189 -22.94 20.58 9.70
C CYS B 189 -21.47 20.10 9.74
N SER B 190 -20.83 20.11 10.91
CA SER B 190 -19.35 19.92 11.07
C SER B 190 -18.98 18.45 11.01
N GLY B 191 -19.69 17.60 11.77
CA GLY B 191 -19.44 16.14 11.81
C GLY B 191 -19.67 15.49 10.45
N THR B 192 -19.10 14.31 10.24
CA THR B 192 -19.20 13.54 9.00
C THR B 192 -19.34 12.04 9.34
N ASP B 193 -20.05 11.30 8.50
CA ASP B 193 -20.10 9.81 8.55
C ASP B 193 -18.99 9.23 7.64
N ASN B 194 -18.16 10.11 7.08
CA ASN B 194 -17.02 9.77 6.18
C ASN B 194 -17.55 8.97 4.99
N ILE B 195 -18.73 9.34 4.48
CA ILE B 195 -19.32 8.73 3.27
C ILE B 195 -19.67 9.87 2.31
N ALA B 196 -19.04 9.84 1.14
CA ALA B 196 -19.13 10.90 0.11
C ALA B 196 -20.57 10.98 -0.42
N ASP B 197 -21.28 9.85 -0.59
CA ASP B 197 -22.57 9.84 -1.32
C ASP B 197 -23.77 9.95 -0.35
N THR B 198 -23.53 10.18 0.94
CA THR B 198 -24.60 10.54 1.92
C THR B 198 -24.56 12.05 2.11
N PRO B 199 -25.65 12.78 1.76
CA PRO B 199 -25.63 14.24 1.85
C PRO B 199 -25.37 14.68 3.29
N ASN B 200 -24.66 15.79 3.45
CA ASN B 200 -24.37 16.39 4.78
C ASN B 200 -25.71 16.61 5.47
N GLN B 201 -25.79 16.39 6.77
CA GLN B 201 -27.08 16.39 7.49
C GLN B 201 -26.86 16.94 8.90
N GLY B 202 -27.76 17.79 9.40
CA GLY B 202 -27.64 18.41 10.74
C GLY B 202 -27.75 17.36 11.82
N GLY B 203 -28.99 16.98 12.14
CA GLY B 203 -29.27 16.07 13.25
C GLY B 203 -29.90 14.80 12.74
N TYR B 204 -30.24 13.89 13.64
CA TYR B 204 -30.94 12.63 13.29
C TYR B 204 -32.38 12.95 12.92
N ASN B 205 -32.99 12.08 12.14
CA ASN B 205 -34.43 12.10 11.86
C ASN B 205 -35.07 11.02 12.70
N GLU B 206 -36.29 11.27 13.16
CA GLU B 206 -37.11 10.26 13.85
C GLU B 206 -38.46 10.22 13.15
N GLY B 207 -39.28 9.20 13.44
CA GLY B 207 -40.59 9.01 12.80
C GLY B 207 -40.40 8.76 11.32
N CYS B 208 -41.24 9.40 10.51
N CYS B 208 -41.25 9.36 10.49
CA CYS B 208 -41.27 9.25 9.03
CA CYS B 208 -41.16 9.24 9.01
C CYS B 208 -41.41 10.61 8.38
C CYS B 208 -41.39 10.60 8.38
N PRO B 209 -40.31 11.38 8.16
CA PRO B 209 -40.42 12.67 7.50
C PRO B 209 -41.02 12.50 6.09
N SER B 210 -41.64 13.56 5.56
CA SER B 210 -42.02 13.65 4.13
C SER B 210 -40.76 13.94 3.32
N PHE B 211 -40.61 13.22 2.20
CA PHE B 211 -39.57 13.50 1.18
C PHE B 211 -39.96 14.74 0.36
N PRO B 212 -39.05 15.70 0.10
CA PRO B 212 -37.71 15.74 0.71
C PRO B 212 -37.67 16.44 2.07
N LYS B 213 -36.78 15.97 2.94
CA LYS B 213 -36.45 16.63 4.23
CA LYS B 213 -36.45 16.63 4.23
C LYS B 213 -35.15 17.41 4.05
N THR B 214 -35.19 18.72 4.26
CA THR B 214 -34.00 19.60 4.15
C THR B 214 -33.63 20.13 5.54
N ASP B 215 -32.40 20.65 5.68
CA ASP B 215 -31.92 21.31 6.92
C ASP B 215 -30.89 22.35 6.52
N HIS B 216 -30.28 23.02 7.49
CA HIS B 216 -29.31 24.12 7.22
C HIS B 216 -28.07 23.57 6.52
N CYS B 217 -27.80 22.26 6.56
CA CYS B 217 -26.61 21.60 5.95
C CYS B 217 -26.87 21.26 4.47
N THR B 218 -28.01 20.64 4.16
CA THR B 218 -28.49 20.42 2.77
C THR B 218 -29.86 21.08 2.66
N ASN B 219 -29.91 22.30 2.15
CA ASN B 219 -31.13 23.16 2.18
CA ASN B 219 -31.12 23.17 2.18
C ASN B 219 -31.87 23.06 0.84
N THR B 220 -31.41 22.20 -0.07
CA THR B 220 -31.97 22.00 -1.44
C THR B 220 -32.55 20.59 -1.58
N SER B 221 -33.64 20.43 -2.34
CA SER B 221 -34.06 19.12 -2.92
C SER B 221 -32.79 18.48 -3.48
N PRO B 222 -32.56 17.16 -3.37
CA PRO B 222 -33.50 16.22 -2.76
C PRO B 222 -33.34 16.07 -1.24
N GLY B 223 -32.51 16.93 -0.62
CA GLY B 223 -32.39 17.00 0.86
C GLY B 223 -31.57 15.84 1.41
N VAL B 224 -31.78 15.50 2.69
CA VAL B 224 -30.97 14.51 3.44
C VAL B 224 -31.61 13.13 3.28
N MET B 225 -30.78 12.10 3.41
CA MET B 225 -31.19 10.71 3.14
CA MET B 225 -31.19 10.70 3.15
C MET B 225 -31.75 10.11 4.43
N PHE B 226 -32.91 10.60 4.86
CA PHE B 226 -33.53 10.16 6.13
C PHE B 226 -34.02 8.71 5.97
N MET B 227 -34.06 8.16 4.75
CA MET B 227 -34.51 6.75 4.58
C MET B 227 -33.28 5.83 4.56
N ASN B 228 -32.09 6.37 4.85
CA ASN B 228 -30.87 5.57 5.07
C ASN B 228 -31.00 4.75 6.36
N TYR B 229 -30.56 3.51 6.36
CA TYR B 229 -30.62 2.60 7.55
C TYR B 229 -29.91 3.22 8.76
N MET B 230 -28.91 4.08 8.54
CA MET B 230 -28.07 4.64 9.62
C MET B 230 -28.65 5.97 10.15
N ASP B 231 -29.91 6.28 9.86
CA ASP B 231 -30.63 7.37 10.55
C ASP B 231 -31.45 6.74 11.68
N TYR B 232 -32.25 7.54 12.38
CA TYR B 232 -33.05 7.07 13.53
C TYR B 232 -34.54 7.03 13.19
N THR B 233 -34.88 6.88 11.91
CA THR B 233 -36.28 6.94 11.44
C THR B 233 -36.95 5.58 11.71
N TYR B 234 -38.27 5.57 11.61
CA TYR B 234 -39.12 4.38 11.76
C TYR B 234 -38.69 3.31 10.74
N ASP B 235 -38.81 2.04 11.11
CA ASP B 235 -38.38 0.89 10.27
C ASP B 235 -38.99 0.98 8.86
N ALA B 236 -40.28 1.32 8.74
CA ALA B 236 -41.05 1.28 7.47
C ALA B 236 -40.62 2.43 6.55
N CYS B 237 -39.78 3.33 7.05
N CYS B 237 -39.78 3.33 7.04
CA CYS B 237 -39.42 4.58 6.35
CA CYS B 237 -39.42 4.59 6.38
C CYS B 237 -37.93 4.57 6.02
C CYS B 237 -37.93 4.57 6.00
N MET B 238 -37.25 3.42 6.16
CA MET B 238 -35.82 3.23 5.79
C MET B 238 -35.77 2.21 4.65
N ASN B 239 -34.85 2.35 3.71
CA ASN B 239 -34.88 1.40 2.56
C ASN B 239 -33.56 1.37 1.79
N LEU B 240 -32.46 1.98 2.27
CA LEU B 240 -31.17 1.78 1.56
C LEU B 240 -29.95 2.04 2.44
N PHE B 241 -28.87 1.44 1.98
CA PHE B 241 -27.46 1.80 2.18
C PHE B 241 -27.01 2.44 0.88
N THR B 242 -26.00 3.30 0.93
CA THR B 242 -25.35 3.84 -0.29
C THR B 242 -24.23 2.90 -0.76
N LYS B 243 -23.80 3.08 -2.00
CA LYS B 243 -22.61 2.42 -2.60
C LYS B 243 -21.38 2.77 -1.74
N GLY B 244 -21.23 4.04 -1.34
CA GLY B 244 -20.19 4.47 -0.38
C GLY B 244 -20.22 3.67 0.92
N GLN B 245 -21.41 3.49 1.53
CA GLN B 245 -21.55 2.70 2.78
C GLN B 245 -21.15 1.24 2.50
N VAL B 246 -21.60 0.69 1.38
CA VAL B 246 -21.29 -0.70 0.95
C VAL B 246 -19.77 -0.88 0.86
N GLU B 247 -19.04 0.05 0.26
CA GLU B 247 -17.56 -0.02 0.14
C GLU B 247 -16.91 -0.05 1.53
N ARG B 248 -17.37 0.80 2.44
CA ARG B 248 -16.82 0.85 3.82
C ARG B 248 -17.01 -0.50 4.50
N MET B 249 -18.20 -1.08 4.39
CA MET B 249 -18.57 -2.36 5.06
C MET B 249 -17.73 -3.51 4.45
N ARG B 250 -17.62 -3.56 3.12
CA ARG B 250 -16.91 -4.66 2.41
C ARG B 250 -15.41 -4.60 2.73
N SER B 251 -14.84 -3.40 2.93
CA SER B 251 -13.39 -3.19 3.16
C SER B 251 -12.93 -3.92 4.44
N LEU B 252 -13.84 -4.20 5.38
CA LEU B 252 -13.53 -4.96 6.61
C LEU B 252 -13.17 -6.42 6.28
N PHE B 253 -13.52 -6.90 5.09
CA PHE B 253 -13.30 -8.32 4.69
C PHE B 253 -12.14 -8.40 3.68
N ASP B 254 -11.45 -7.28 3.43
CA ASP B 254 -10.20 -7.25 2.63
C ASP B 254 -9.23 -8.32 3.17
N THR B 255 -8.77 -9.25 2.33
CA THR B 255 -7.93 -10.42 2.72
C THR B 255 -6.56 -9.96 3.25
N GLN B 256 -6.11 -8.76 2.92
CA GLN B 256 -4.82 -8.24 3.47
C GLN B 256 -5.06 -7.36 4.69
N THR B 257 -5.93 -6.34 4.61
CA THR B 257 -6.04 -5.29 5.66
C THR B 257 -7.36 -5.36 6.44
N GLY B 258 -8.23 -6.34 6.15
CA GLY B 258 -9.59 -6.42 6.71
C GLY B 258 -9.63 -6.91 8.15
N ILE B 259 -10.09 -6.05 9.06
CA ILE B 259 -10.30 -6.37 10.50
C ILE B 259 -11.10 -7.68 10.63
N ARG B 260 -12.09 -7.95 9.78
CA ARG B 260 -12.99 -9.12 9.94
C ARG B 260 -12.72 -10.20 8.88
N ARG B 261 -11.54 -10.18 8.26
CA ARG B 261 -11.19 -11.08 7.14
C ARG B 261 -11.22 -12.54 7.62
N GLU B 262 -10.84 -12.84 8.88
CA GLU B 262 -10.77 -14.29 9.26
C GLU B 262 -12.19 -14.89 9.26
N MET B 263 -13.25 -14.08 9.29
CA MET B 263 -14.66 -14.57 9.27
CA MET B 263 -14.66 -14.57 9.27
C MET B 263 -14.91 -15.35 7.96
N GLN B 264 -14.21 -14.99 6.88
CA GLN B 264 -14.45 -15.62 5.53
C GLN B 264 -13.81 -17.01 5.43
N ILE B 265 -12.75 -17.30 6.20
CA ILE B 265 -11.92 -18.54 6.03
CA ILE B 265 -11.92 -18.54 6.03
C ILE B 265 -12.81 -19.78 6.17
N TYR B 266 -13.64 -19.86 7.23
CA TYR B 266 -14.48 -21.06 7.50
C TYR B 266 -15.97 -20.79 7.36
N ALA B 267 -16.37 -19.66 6.78
CA ALA B 267 -17.79 -19.23 6.66
C ALA B 267 -18.61 -20.38 6.06
N ASN B 268 -18.13 -20.99 4.98
CA ASN B 268 -18.83 -22.06 4.23
C ASN B 268 -19.02 -23.27 5.14
N GLU B 269 -17.94 -23.74 5.78
CA GLU B 269 -17.96 -24.94 6.65
C GLU B 269 -18.89 -24.72 7.85
N LEU B 270 -18.88 -23.51 8.42
CA LEU B 270 -19.69 -23.18 9.63
C LEU B 270 -21.18 -23.04 9.28
N THR B 271 -21.55 -22.94 7.98
CA THR B 271 -22.97 -22.76 7.56
C THR B 271 -23.47 -23.92 6.68
N ASN B 272 -22.68 -24.97 6.49
CA ASN B 272 -23.00 -26.18 5.69
C ASN B 272 -23.25 -27.37 6.62
N PRO B 273 -24.39 -28.09 6.43
CA PRO B 273 -24.59 -29.43 7.01
C PRO B 273 -23.66 -30.52 6.43
N PRO C 4 -22.10 6.89 -7.11
CA PRO C 4 -21.69 8.27 -6.78
C PRO C 4 -20.18 8.51 -6.97
N SER C 5 -19.84 9.63 -7.64
CA SER C 5 -18.52 9.89 -8.26
C SER C 5 -18.48 11.31 -8.83
N SER C 6 -17.35 12.00 -8.73
CA SER C 6 -17.12 13.36 -9.31
C SER C 6 -16.75 13.24 -10.80
N THR C 7 -17.18 14.21 -11.61
CA THR C 7 -16.99 14.24 -13.07
C THR C 7 -15.50 14.34 -13.35
N ILE C 8 -14.97 13.39 -14.13
CA ILE C 8 -13.59 13.48 -14.71
C ILE C 8 -13.71 14.28 -16.00
N LEU C 9 -12.94 15.36 -16.14
CA LEU C 9 -12.98 16.29 -17.28
C LEU C 9 -11.77 16.05 -18.20
N ILE C 10 -12.03 15.82 -19.50
CA ILE C 10 -11.00 15.50 -20.53
C ILE C 10 -10.97 16.66 -21.52
N PRO C 11 -9.91 17.50 -21.51
CA PRO C 11 -9.71 18.49 -22.56
C PRO C 11 -9.36 17.73 -23.85
N VAL C 12 -10.00 18.10 -24.95
CA VAL C 12 -9.81 17.41 -26.26
C VAL C 12 -9.29 18.43 -27.25
N VAL C 13 -8.35 17.98 -28.10
CA VAL C 13 -8.02 18.70 -29.35
C VAL C 13 -8.20 17.72 -30.49
N VAL C 14 -9.00 18.14 -31.48
CA VAL C 14 -9.27 17.38 -32.73
C VAL C 14 -8.33 17.94 -33.79
N HIS C 15 -7.45 17.08 -34.29
CA HIS C 15 -6.52 17.38 -35.39
C HIS C 15 -7.14 16.83 -36.67
N VAL C 16 -7.75 17.70 -37.47
CA VAL C 16 -8.23 17.34 -38.83
C VAL C 16 -7.02 17.43 -39.75
N VAL C 17 -6.58 16.29 -40.31
CA VAL C 17 -5.45 16.22 -41.26
C VAL C 17 -5.99 15.76 -42.61
N TYR C 18 -6.03 16.67 -43.57
CA TYR C 18 -6.82 16.51 -44.83
C TYR C 18 -5.88 16.64 -46.04
N ASN C 19 -6.02 15.71 -46.98
CA ASN C 19 -5.28 15.74 -48.27
C ASN C 19 -6.22 16.27 -49.37
N ASN C 20 -7.51 16.42 -49.07
CA ASN C 20 -8.53 16.84 -50.05
C ASN C 20 -9.70 17.50 -49.32
N SER C 21 -10.69 18.00 -50.05
CA SER C 21 -11.83 18.78 -49.48
CA SER C 21 -11.82 18.77 -49.48
CA SER C 21 -11.83 18.77 -49.48
C SER C 21 -12.71 17.87 -48.62
N ALA C 22 -12.92 16.64 -49.05
CA ALA C 22 -13.76 15.63 -48.37
C ALA C 22 -13.21 15.36 -46.96
N GLN C 23 -11.88 15.34 -46.79
CA GLN C 23 -11.22 14.99 -45.50
C GLN C 23 -11.25 16.17 -44.54
N ASN C 24 -11.48 17.39 -45.06
CA ASN C 24 -11.52 18.62 -44.24
C ASN C 24 -12.93 18.75 -43.63
N ILE C 25 -13.27 17.87 -42.71
CA ILE C 25 -14.67 17.71 -42.21
C ILE C 25 -15.09 18.97 -41.45
N SER C 26 -16.40 19.17 -41.31
CA SER C 26 -17.06 20.40 -40.85
C SER C 26 -16.93 20.52 -39.34
N ASP C 27 -16.97 21.75 -38.82
CA ASP C 27 -17.11 22.04 -37.37
C ASP C 27 -18.31 21.28 -36.80
N ALA C 28 -19.48 21.35 -37.44
CA ALA C 28 -20.70 20.65 -36.99
C ALA C 28 -20.38 19.16 -36.79
N GLN C 29 -19.65 18.55 -37.72
CA GLN C 29 -19.32 17.09 -37.69
C GLN C 29 -18.47 16.80 -36.45
N ILE C 30 -17.55 17.70 -36.11
CA ILE C 30 -16.60 17.54 -34.97
C ILE C 30 -17.38 17.71 -33.67
N ILE C 31 -18.24 18.72 -33.61
CA ILE C 31 -19.07 18.99 -32.39
C ILE C 31 -20.01 17.80 -32.18
N SER C 32 -20.52 17.23 -33.27
CA SER C 32 -21.36 16.00 -33.24
C SER C 32 -20.59 14.89 -32.51
N GLN C 33 -19.32 14.66 -32.85
CA GLN C 33 -18.50 13.59 -32.20
C GLN C 33 -18.28 13.90 -30.71
N ILE C 34 -17.96 15.13 -30.35
CA ILE C 34 -17.73 15.53 -28.94
C ILE C 34 -19.01 15.26 -28.16
N GLN C 35 -20.16 15.61 -28.74
CA GLN C 35 -21.48 15.36 -28.13
C GLN C 35 -21.72 13.85 -27.93
N VAL C 36 -21.40 13.01 -28.91
CA VAL C 36 -21.58 11.53 -28.80
C VAL C 36 -20.72 10.97 -27.67
N LEU C 37 -19.49 11.45 -27.52
CA LEU C 37 -18.56 10.96 -26.46
C LEU C 37 -19.20 11.29 -25.10
N ASN C 38 -19.72 12.51 -24.96
CA ASN C 38 -20.36 12.99 -23.70
C ASN C 38 -21.60 12.14 -23.40
N GLU C 39 -22.39 11.81 -24.42
CA GLU C 39 -23.60 10.95 -24.26
C GLU C 39 -23.18 9.55 -23.81
N ASP C 40 -22.25 8.91 -24.49
CA ASP C 40 -21.88 7.49 -24.26
C ASP C 40 -21.15 7.33 -22.93
N PHE C 41 -20.36 8.33 -22.53
CA PHE C 41 -19.52 8.25 -21.32
C PHE C 41 -20.28 8.85 -20.10
N ARG C 42 -21.54 9.27 -20.27
CA ARG C 42 -22.39 9.79 -19.15
C ARG C 42 -23.78 9.15 -19.19
N ARG C 43 -23.92 8.01 -19.89
CA ARG C 43 -25.20 7.31 -20.15
C ARG C 43 -26.32 8.32 -20.41
N MET C 44 -26.09 9.25 -21.34
CA MET C 44 -27.13 10.18 -21.87
CA MET C 44 -27.13 10.18 -21.87
C MET C 44 -27.34 9.89 -23.37
N ASN C 45 -26.88 8.72 -23.83
CA ASN C 45 -27.16 8.23 -25.20
C ASN C 45 -28.63 7.77 -25.25
N ALA C 46 -29.43 8.34 -26.16
CA ALA C 46 -30.88 8.05 -26.26
C ALA C 46 -31.11 6.57 -26.64
N ASP C 47 -30.16 5.95 -27.32
CA ASP C 47 -30.26 4.54 -27.76
C ASP C 47 -29.94 3.60 -26.59
N GLN C 48 -29.73 4.13 -25.37
CA GLN C 48 -29.78 3.29 -24.14
C GLN C 48 -31.16 2.62 -24.02
N ALA C 49 -32.18 3.12 -24.72
CA ALA C 49 -33.51 2.50 -24.82
C ALA C 49 -33.40 1.10 -25.44
N ASN C 50 -32.36 0.84 -26.23
CA ASN C 50 -32.09 -0.47 -26.90
C ASN C 50 -31.31 -1.41 -25.98
N THR C 51 -30.80 -0.95 -24.85
CA THR C 51 -30.08 -1.86 -23.92
C THR C 51 -31.10 -2.88 -23.41
N PRO C 52 -30.86 -4.20 -23.56
CA PRO C 52 -31.77 -5.20 -23.02
C PRO C 52 -31.92 -4.99 -21.51
N SER C 53 -33.14 -5.14 -20.98
CA SER C 53 -33.44 -4.97 -19.54
C SER C 53 -32.58 -5.96 -18.72
N ALA C 54 -32.30 -7.14 -19.27
CA ALA C 54 -31.38 -8.17 -18.70
C ALA C 54 -29.98 -7.58 -18.44
N PHE C 55 -29.54 -6.55 -19.16
CA PHE C 55 -28.19 -5.95 -19.02
C PHE C 55 -28.25 -4.52 -18.45
N ALA C 56 -29.46 -3.96 -18.31
CA ALA C 56 -29.70 -2.54 -17.96
C ALA C 56 -29.07 -2.23 -16.60
N ASN C 57 -29.09 -3.20 -15.68
CA ASN C 57 -28.57 -3.07 -14.29
C ASN C 57 -27.04 -3.12 -14.26
N LEU C 58 -26.39 -3.61 -15.33
CA LEU C 58 -24.92 -3.67 -15.45
C LEU C 58 -24.41 -2.40 -16.15
N ALA C 59 -25.30 -1.60 -16.75
CA ALA C 59 -24.96 -0.38 -17.53
C ALA C 59 -24.24 0.63 -16.65
N GLY C 60 -23.07 1.10 -17.10
CA GLY C 60 -22.23 2.08 -16.36
C GLY C 60 -22.45 3.50 -16.87
N ASN C 61 -22.45 4.46 -15.94
CA ASN C 61 -22.28 5.91 -16.19
C ASN C 61 -20.84 6.26 -15.80
N ALA C 62 -19.94 6.41 -16.77
CA ALA C 62 -18.49 6.68 -16.53
C ALA C 62 -18.33 8.05 -15.86
N ASN C 63 -19.25 8.98 -16.14
CA ASN C 63 -19.20 10.35 -15.58
C ASN C 63 -17.84 10.95 -15.95
N ILE C 64 -17.48 10.80 -17.23
CA ILE C 64 -16.33 11.46 -17.91
C ILE C 64 -16.93 12.47 -18.89
N GLU C 65 -16.48 13.72 -18.77
CA GLU C 65 -16.90 14.84 -19.64
C GLU C 65 -15.75 15.18 -20.58
N PHE C 66 -16.07 15.43 -21.84
CA PHE C 66 -15.15 15.77 -22.94
C PHE C 66 -15.51 17.18 -23.42
N LYS C 67 -14.56 18.11 -23.30
CA LYS C 67 -14.71 19.52 -23.71
C LYS C 67 -13.54 19.87 -24.65
N LEU C 68 -13.84 20.49 -25.78
CA LEU C 68 -12.79 21.01 -26.70
C LEU C 68 -11.94 22.01 -25.92
N ALA C 69 -10.62 21.91 -26.04
CA ALA C 69 -9.66 22.87 -25.42
C ALA C 69 -10.04 24.29 -25.84
N ARG C 70 -9.88 25.23 -24.92
CA ARG C 70 -10.07 26.69 -25.12
C ARG C 70 -8.72 27.40 -24.89
N ARG C 71 -7.74 26.72 -24.31
CA ARG C 71 -6.34 27.17 -24.16
C ARG C 71 -5.40 26.16 -24.79
N ASP C 72 -4.62 26.61 -25.77
CA ASP C 72 -3.60 25.80 -26.49
C ASP C 72 -2.34 25.68 -25.64
N PRO C 73 -1.33 24.90 -26.06
CA PRO C 73 -0.15 24.65 -25.22
C PRO C 73 0.77 25.87 -25.00
N ASN C 74 0.55 26.96 -25.73
CA ASN C 74 1.28 28.25 -25.53
C ASN C 74 0.45 29.15 -24.62
N GLY C 75 -0.75 28.69 -24.23
CA GLY C 75 -1.70 29.45 -23.40
C GLY C 75 -2.52 30.46 -24.18
N ASN C 76 -2.52 30.42 -25.52
CA ASN C 76 -3.36 31.32 -26.35
C ASN C 76 -4.74 30.68 -26.54
N THR C 77 -5.76 31.47 -26.88
CA THR C 77 -7.17 31.00 -27.05
C THR C 77 -7.23 30.05 -28.28
N THR C 78 -8.07 29.03 -28.19
CA THR C 78 -8.28 28.03 -29.27
C THR C 78 -9.72 27.59 -29.22
N ASN C 79 -10.21 26.98 -30.28
CA ASN C 79 -11.53 26.30 -30.27
C ASN C 79 -11.29 24.79 -30.10
N GLY C 80 -10.05 24.35 -29.89
CA GLY C 80 -9.72 22.92 -29.75
C GLY C 80 -9.73 22.16 -31.08
N ILE C 81 -9.69 22.86 -32.22
CA ILE C 81 -9.73 22.22 -33.57
C ILE C 81 -8.53 22.75 -34.37
N THR C 82 -7.65 21.85 -34.81
CA THR C 82 -6.54 22.18 -35.74
C THR C 82 -6.90 21.63 -37.11
N ARG C 83 -6.49 22.32 -38.15
CA ARG C 83 -6.66 21.90 -39.57
C ARG C 83 -5.30 21.95 -40.24
N THR C 84 -4.84 20.80 -40.72
CA THR C 84 -3.52 20.61 -41.36
C THR C 84 -3.71 20.06 -42.77
N SER C 85 -3.43 20.86 -43.78
CA SER C 85 -3.29 20.41 -45.18
CA SER C 85 -3.29 20.41 -45.18
C SER C 85 -2.08 19.46 -45.28
N THR C 86 -2.27 18.28 -45.85
CA THR C 86 -1.18 17.28 -45.96
C THR C 86 -1.02 16.86 -47.42
N SER C 87 0.22 16.54 -47.80
CA SER C 87 0.59 15.94 -49.12
CA SER C 87 0.59 15.94 -49.12
C SER C 87 0.52 14.41 -49.01
N THR C 88 0.36 13.88 -47.80
CA THR C 88 0.18 12.42 -47.58
C THR C 88 -1.30 12.08 -47.85
N GLU C 89 -1.56 11.00 -48.58
CA GLU C 89 -2.91 10.70 -49.14
C GLU C 89 -3.60 9.64 -48.30
N THR C 90 -2.84 8.69 -47.75
CA THR C 90 -3.34 7.64 -46.82
C THR C 90 -2.33 7.49 -45.68
N PHE C 91 -2.78 7.53 -44.43
CA PHE C 91 -1.90 7.39 -43.24
C PHE C 91 -1.85 5.92 -42.82
N SER C 92 -0.79 5.57 -42.11
CA SER C 92 -0.46 4.18 -41.68
C SER C 92 -0.51 4.06 -40.15
N MET C 93 -1.23 3.06 -39.64
CA MET C 93 -1.26 2.72 -38.20
CA MET C 93 -1.26 2.72 -38.20
C MET C 93 0.16 2.36 -37.73
N GLU C 94 0.90 1.61 -38.56
CA GLU C 94 2.25 1.11 -38.20
C GLU C 94 3.24 2.27 -38.09
N MET C 95 3.11 3.28 -38.94
CA MET C 95 4.02 4.47 -38.98
C MET C 95 3.59 5.53 -37.97
N ASP C 96 2.27 5.65 -37.67
CA ASP C 96 1.73 6.71 -36.76
C ASP C 96 2.06 8.08 -37.35
N ASN C 97 2.20 8.16 -38.67
CA ASN C 97 2.66 9.36 -39.39
C ASN C 97 1.65 10.50 -39.22
N VAL C 98 0.36 10.20 -38.99
CA VAL C 98 -0.64 11.28 -38.77
C VAL C 98 -0.29 12.07 -37.50
N LYS C 99 0.51 11.51 -36.59
CA LYS C 99 0.76 12.12 -35.25
C LYS C 99 2.04 12.97 -35.25
N PHE C 100 2.71 13.14 -36.41
CA PHE C 100 3.96 13.94 -36.48
C PHE C 100 3.89 14.95 -37.64
N SER C 101 3.93 16.24 -37.29
CA SER C 101 4.08 17.36 -38.26
C SER C 101 5.21 17.03 -39.25
N ASN C 102 6.30 16.44 -38.75
CA ASN C 102 7.51 16.04 -39.53
C ASN C 102 7.15 15.09 -40.67
N LEU C 103 6.11 14.26 -40.52
CA LEU C 103 5.71 13.20 -41.49
C LEU C 103 4.39 13.53 -42.17
N GLY C 104 3.99 14.81 -42.19
CA GLY C 104 2.79 15.30 -42.89
C GLY C 104 1.52 15.16 -42.09
N GLY C 105 1.65 14.91 -40.78
CA GLY C 105 0.55 14.88 -39.81
C GLY C 105 0.56 16.13 -38.94
N ASN C 106 0.17 16.00 -37.68
CA ASN C 106 0.18 17.12 -36.72
C ASN C 106 0.62 16.60 -35.35
N ASN C 107 1.70 17.18 -34.81
CA ASN C 107 2.21 16.85 -33.45
C ASN C 107 1.09 16.90 -32.43
N ALA C 108 1.15 15.95 -31.49
CA ALA C 108 0.28 15.90 -30.30
C ALA C 108 0.44 17.18 -29.49
N TRP C 109 -0.65 17.72 -28.95
CA TRP C 109 -0.55 18.68 -27.82
C TRP C 109 -0.30 17.84 -26.57
N ASN C 110 0.62 18.26 -25.69
CA ASN C 110 1.02 17.59 -24.42
C ASN C 110 0.01 16.50 -24.04
N THR C 111 0.36 15.23 -24.25
CA THR C 111 -0.58 14.08 -24.11
C THR C 111 -0.89 13.83 -22.63
N ARG C 112 -0.17 14.43 -21.69
CA ARG C 112 -0.53 14.32 -20.24
C ARG C 112 -1.63 15.32 -19.88
N ARG C 113 -1.95 16.29 -20.74
CA ARG C 113 -2.94 17.38 -20.46
C ARG C 113 -4.12 17.36 -21.43
N TYR C 114 -3.93 16.88 -22.67
CA TYR C 114 -5.02 16.80 -23.67
C TYR C 114 -5.15 15.38 -24.22
N LEU C 115 -6.39 14.93 -24.43
CA LEU C 115 -6.71 13.82 -25.36
C LEU C 115 -6.58 14.37 -26.79
N ASN C 116 -5.69 13.80 -27.59
CA ASN C 116 -5.53 14.17 -29.01
C ASN C 116 -6.38 13.20 -29.83
N ILE C 117 -7.29 13.72 -30.65
CA ILE C 117 -8.11 12.91 -31.60
C ILE C 117 -7.72 13.35 -33.01
N TRP C 118 -7.01 12.50 -33.73
CA TRP C 118 -6.61 12.71 -35.15
C TRP C 118 -7.71 12.20 -36.09
N VAL C 119 -8.15 13.05 -37.01
CA VAL C 119 -9.09 12.66 -38.08
C VAL C 119 -8.35 12.71 -39.42
N CYS C 120 -8.36 11.60 -40.16
CA CYS C 120 -7.59 11.47 -41.42
C CYS C 120 -8.11 10.31 -42.22
N ASN C 121 -7.62 10.20 -43.44
CA ASN C 121 -7.80 9.02 -44.32
C ASN C 121 -6.87 7.87 -43.88
N LEU C 122 -7.45 6.80 -43.33
CA LEU C 122 -6.76 5.55 -42.89
C LEU C 122 -6.88 4.45 -43.97
N GLY C 123 -7.83 4.61 -44.90
CA GLY C 123 -8.05 3.70 -46.05
C GLY C 123 -9.36 2.92 -45.94
N ASP C 124 -9.54 1.88 -46.75
CA ASP C 124 -10.82 1.15 -46.94
C ASP C 124 -11.12 0.23 -45.75
N ASP C 125 -10.09 -0.14 -45.00
CA ASP C 125 -10.06 -1.37 -44.17
C ASP C 125 -9.76 -1.03 -42.70
N LEU C 126 -9.88 0.24 -42.28
CA LEU C 126 -9.55 0.63 -40.89
C LEU C 126 -10.41 1.81 -40.42
N LEU C 127 -11.23 1.60 -39.39
CA LEU C 127 -12.15 2.64 -38.83
C LEU C 127 -11.37 3.59 -37.93
N GLY C 128 -10.39 3.06 -37.19
CA GLY C 128 -9.57 3.87 -36.27
C GLY C 128 -8.67 2.99 -35.43
N TYR C 129 -7.81 3.62 -34.62
CA TYR C 129 -6.94 2.89 -33.67
C TYR C 129 -6.57 3.78 -32.49
N ALA C 130 -6.27 3.10 -31.38
CA ALA C 130 -5.97 3.70 -30.06
C ALA C 130 -4.54 3.36 -29.67
N GLN C 131 -4.04 4.01 -28.62
CA GLN C 131 -2.81 3.58 -27.93
C GLN C 131 -3.19 3.31 -26.47
N PHE C 132 -2.79 2.17 -25.90
CA PHE C 132 -3.12 1.77 -24.51
C PHE C 132 -2.25 2.54 -23.53
N PRO C 133 -2.75 2.79 -22.30
CA PRO C 133 -1.97 3.49 -21.29
C PRO C 133 -0.61 2.84 -20.94
N PHE C 134 -0.47 1.50 -21.03
CA PHE C 134 0.80 0.80 -20.70
C PHE C 134 1.90 1.29 -21.66
N GLU C 135 1.52 1.81 -22.83
CA GLU C 135 2.47 2.27 -23.87
C GLU C 135 2.90 3.72 -23.61
N PHE C 136 2.31 4.42 -22.63
CA PHE C 136 2.53 5.88 -22.48
C PHE C 136 4.00 6.19 -22.18
N GLN C 137 4.62 5.43 -21.25
CA GLN C 137 6.02 5.64 -20.79
C GLN C 137 6.95 5.57 -22.01
N THR C 138 6.77 4.59 -22.90
CA THR C 138 7.65 4.42 -24.10
C THR C 138 7.19 5.28 -25.28
N LYS C 139 5.91 5.62 -25.40
CA LYS C 139 5.40 6.27 -26.64
C LYS C 139 4.54 7.47 -26.27
N PRO C 140 5.10 8.47 -25.57
CA PRO C 140 4.32 9.60 -25.07
C PRO C 140 3.70 10.44 -26.21
N ASN C 141 4.39 10.54 -27.35
CA ASN C 141 4.00 11.47 -28.44
C ASN C 141 2.84 10.89 -29.24
N THR C 142 2.60 9.59 -29.16
CA THR C 142 1.59 8.87 -29.99
C THR C 142 0.40 8.41 -29.14
N ASP C 143 0.36 8.78 -27.86
CA ASP C 143 -0.82 8.57 -27.00
C ASP C 143 -2.01 9.36 -27.57
N GLY C 144 -3.15 8.68 -27.70
CA GLY C 144 -4.39 9.25 -28.22
C GLY C 144 -5.09 8.30 -29.15
N VAL C 145 -5.89 8.87 -30.03
CA VAL C 145 -6.95 8.13 -30.78
C VAL C 145 -6.95 8.68 -32.21
N VAL C 146 -6.99 7.77 -33.18
CA VAL C 146 -7.10 8.12 -34.61
C VAL C 146 -8.43 7.58 -35.14
N ILE C 147 -9.18 8.42 -35.87
CA ILE C 147 -10.49 8.04 -36.45
C ILE C 147 -10.50 8.33 -37.95
N HIS C 148 -10.99 7.37 -38.72
CA HIS C 148 -11.21 7.54 -40.18
C HIS C 148 -12.22 8.69 -40.39
N TYR C 149 -11.96 9.60 -41.32
CA TYR C 149 -12.75 10.84 -41.51
C TYR C 149 -14.19 10.49 -41.92
N LYS C 150 -14.42 9.37 -42.60
CA LYS C 150 -15.77 8.89 -43.01
C LYS C 150 -16.53 8.32 -41.81
N HIS C 151 -15.91 8.16 -40.63
CA HIS C 151 -16.57 7.50 -39.47
C HIS C 151 -16.39 8.31 -38.20
N PHE C 152 -16.29 9.62 -38.38
CA PHE C 152 -16.15 10.63 -37.31
C PHE C 152 -17.46 11.41 -37.22
N GLY C 153 -18.02 11.54 -36.02
CA GLY C 153 -19.26 12.28 -35.78
C GLY C 153 -20.45 11.43 -36.11
N ARG C 154 -21.63 11.87 -35.67
CA ARG C 154 -22.91 11.14 -35.87
C ARG C 154 -23.64 11.74 -37.07
N ASP C 155 -24.19 10.88 -37.93
CA ASP C 155 -24.92 11.29 -39.15
C ASP C 155 -24.04 12.33 -39.87
N GLY C 156 -24.63 13.35 -40.51
CA GLY C 156 -23.86 14.34 -41.28
C GLY C 156 -23.13 13.65 -42.43
N SER C 157 -21.80 13.79 -42.49
CA SER C 157 -20.91 13.24 -43.54
C SER C 157 -20.42 11.82 -43.19
N ALA C 158 -20.77 11.28 -42.01
CA ALA C 158 -20.29 9.94 -41.60
C ALA C 158 -21.06 8.86 -42.38
N GLU C 159 -20.38 7.78 -42.74
CA GLU C 159 -20.93 6.79 -43.68
C GLU C 159 -21.39 5.55 -42.92
N SER C 160 -22.67 5.21 -43.12
CA SER C 160 -23.31 3.94 -42.64
C SER C 160 -22.48 2.75 -43.10
N PRO C 161 -22.35 1.66 -42.31
CA PRO C 161 -22.97 1.53 -40.99
C PRO C 161 -22.18 2.00 -39.75
N TYR C 162 -21.10 2.77 -39.92
CA TYR C 162 -20.31 3.35 -38.81
C TYR C 162 -20.47 4.87 -38.82
N ASP C 163 -21.68 5.31 -38.48
CA ASP C 163 -22.16 6.71 -38.69
C ASP C 163 -22.85 7.28 -37.44
N LYS C 164 -22.61 6.73 -36.25
CA LYS C 164 -23.19 7.27 -34.98
C LYS C 164 -22.07 7.67 -34.02
N GLY C 165 -20.85 7.80 -34.50
CA GLY C 165 -19.71 8.30 -33.69
C GLY C 165 -19.09 7.24 -32.76
N ARG C 166 -19.45 5.96 -32.91
CA ARG C 166 -19.07 4.89 -31.93
C ARG C 166 -17.64 4.39 -32.17
N THR C 167 -17.05 4.63 -33.34
CA THR C 167 -15.62 4.32 -33.54
C THR C 167 -14.79 5.05 -32.46
N ALA C 168 -15.06 6.34 -32.27
CA ALA C 168 -14.36 7.20 -31.29
C ALA C 168 -14.66 6.69 -29.87
N THR C 169 -15.91 6.35 -29.56
CA THR C 169 -16.31 5.79 -28.23
C THR C 169 -15.47 4.54 -27.94
N HIS C 170 -15.38 3.61 -28.90
CA HIS C 170 -14.62 2.35 -28.79
C HIS C 170 -13.13 2.67 -28.56
N GLU C 171 -12.54 3.56 -29.38
CA GLU C 171 -11.11 3.93 -29.30
C GLU C 171 -10.82 4.66 -27.99
N VAL C 172 -11.68 5.57 -27.57
CA VAL C 172 -11.46 6.23 -26.25
C VAL C 172 -11.52 5.15 -25.16
N GLY C 173 -12.41 4.16 -25.30
CA GLY C 173 -12.42 2.95 -24.44
C GLY C 173 -11.04 2.32 -24.27
N HIS C 174 -10.37 1.98 -25.36
CA HIS C 174 -9.01 1.37 -25.37
C HIS C 174 -8.01 2.32 -24.71
N TRP C 175 -8.06 3.59 -25.10
CA TRP C 175 -7.25 4.71 -24.57
C TRP C 175 -7.41 4.76 -23.04
N LEU C 176 -8.59 4.38 -22.54
CA LEU C 176 -8.85 4.28 -21.08
C LEU C 176 -8.81 2.81 -20.63
N ASP C 177 -8.03 1.98 -21.34
CA ASP C 177 -7.52 0.67 -20.88
C ASP C 177 -8.55 -0.47 -21.00
N LEU C 178 -9.66 -0.28 -21.73
CA LEU C 178 -10.64 -1.36 -21.95
C LEU C 178 -10.16 -2.28 -23.08
N ARG C 179 -10.32 -3.58 -22.89
CA ARG C 179 -9.98 -4.62 -23.89
C ARG C 179 -11.26 -5.03 -24.63
N HIS C 180 -11.10 -5.58 -25.84
CA HIS C 180 -12.18 -6.24 -26.61
C HIS C 180 -12.92 -7.21 -25.69
N ILE C 181 -14.25 -7.12 -25.71
CA ILE C 181 -15.15 -7.86 -24.77
C ILE C 181 -14.95 -9.36 -24.93
N TRP C 182 -14.53 -9.85 -26.10
CA TRP C 182 -14.36 -11.30 -26.39
C TRP C 182 -12.95 -11.77 -25.97
N GLY C 183 -12.04 -10.86 -25.60
CA GLY C 183 -10.73 -11.21 -25.02
C GLY C 183 -9.62 -11.43 -26.04
N ASP C 184 -9.80 -10.99 -27.28
CA ASP C 184 -8.70 -11.04 -28.28
C ASP C 184 -8.11 -12.46 -28.32
N ASP C 185 -8.95 -13.48 -28.42
CA ASP C 185 -8.50 -14.89 -28.33
C ASP C 185 -8.99 -15.67 -29.55
N GLY C 186 -9.34 -14.95 -30.62
CA GLY C 186 -9.69 -15.53 -31.93
C GLY C 186 -10.92 -16.43 -31.85
N GLY C 187 -11.74 -16.36 -30.80
CA GLY C 187 -13.00 -17.11 -30.73
C GLY C 187 -13.10 -18.06 -29.54
N SER C 188 -12.02 -18.31 -28.77
CA SER C 188 -12.04 -19.30 -27.65
CA SER C 188 -12.04 -19.29 -27.65
C SER C 188 -12.84 -18.70 -26.48
N CYS C 189 -12.96 -19.46 -25.40
CA CYS C 189 -13.53 -18.99 -24.11
C CYS C 189 -12.40 -18.66 -23.12
N SER C 190 -11.14 -18.78 -23.53
CA SER C 190 -9.95 -18.70 -22.62
C SER C 190 -9.59 -17.25 -22.31
N GLY C 191 -9.49 -16.38 -23.33
CA GLY C 191 -9.13 -14.96 -23.16
C GLY C 191 -10.15 -14.21 -22.31
N THR C 192 -9.75 -13.08 -21.75
CA THR C 192 -10.60 -12.26 -20.85
C THR C 192 -10.40 -10.79 -21.16
N ASP C 193 -11.44 -9.97 -20.99
CA ASP C 193 -11.35 -8.50 -21.01
C ASP C 193 -11.11 -7.98 -19.58
N ASN C 194 -10.95 -8.91 -18.63
CA ASN C 194 -10.71 -8.62 -17.18
C ASN C 194 -11.86 -7.76 -16.66
N ILE C 195 -13.09 -8.03 -17.11
CA ILE C 195 -14.30 -7.33 -16.61
C ILE C 195 -15.31 -8.40 -16.19
N ALA C 196 -15.66 -8.38 -14.90
CA ALA C 196 -16.54 -9.36 -14.23
C ALA C 196 -17.94 -9.32 -14.84
N ASP C 197 -18.46 -8.14 -15.18
CA ASP C 197 -19.91 -7.97 -15.54
C ASP C 197 -20.11 -8.02 -17.06
N THR C 198 -19.07 -8.30 -17.86
CA THR C 198 -19.21 -8.63 -19.30
C THR C 198 -19.19 -10.14 -19.46
N PRO C 199 -20.28 -10.75 -19.96
CA PRO C 199 -20.34 -12.21 -20.08
C PRO C 199 -19.22 -12.74 -20.96
N ASN C 200 -18.67 -13.91 -20.62
CA ASN C 200 -17.59 -14.56 -21.40
C ASN C 200 -18.12 -14.72 -22.84
N GLN C 201 -17.26 -14.53 -23.83
CA GLN C 201 -17.69 -14.44 -25.24
C GLN C 201 -16.59 -15.05 -26.12
N GLY C 202 -16.98 -15.84 -27.12
CA GLY C 202 -16.03 -16.52 -28.03
C GLY C 202 -15.29 -15.51 -28.87
N GLY C 203 -15.93 -15.03 -29.93
CA GLY C 203 -15.30 -14.13 -30.90
C GLY C 203 -16.01 -12.80 -30.91
N TYR C 204 -15.56 -11.89 -31.78
CA TYR C 204 -16.20 -10.57 -31.96
C TYR C 204 -17.53 -10.75 -32.69
N ASN C 205 -18.42 -9.79 -32.51
CA ASN C 205 -19.67 -9.70 -33.30
C ASN C 205 -19.46 -8.60 -34.32
N GLU C 206 -20.06 -8.77 -35.49
CA GLU C 206 -20.09 -7.72 -36.54
C GLU C 206 -21.56 -7.54 -36.94
N GLY C 207 -21.85 -6.46 -37.67
CA GLY C 207 -23.22 -6.13 -38.10
C GLY C 207 -24.07 -5.83 -36.89
N CYS C 208 -25.29 -6.36 -36.88
N CYS C 208 -25.29 -6.36 -36.88
CA CYS C 208 -26.30 -6.15 -35.81
CA CYS C 208 -26.29 -6.16 -35.81
C CYS C 208 -26.98 -7.46 -35.47
C CYS C 208 -26.98 -7.47 -35.48
N PRO C 209 -26.39 -8.31 -34.59
CA PRO C 209 -27.02 -9.58 -34.23
C PRO C 209 -28.40 -9.31 -33.59
N SER C 210 -29.30 -10.30 -33.69
CA SER C 210 -30.57 -10.31 -32.94
C SER C 210 -30.26 -10.67 -31.49
N PHE C 211 -30.86 -9.95 -30.55
CA PHE C 211 -30.84 -10.28 -29.11
C PHE C 211 -31.78 -11.45 -28.83
N PRO C 212 -31.37 -12.49 -28.05
CA PRO C 212 -30.00 -12.65 -27.57
C PRO C 212 -29.09 -13.40 -28.55
N LYS C 213 -27.81 -13.06 -28.55
CA LYS C 213 -26.75 -13.77 -29.29
CA LYS C 213 -26.75 -13.77 -29.29
C LYS C 213 -26.01 -14.65 -28.29
N THR C 214 -26.00 -15.96 -28.53
CA THR C 214 -25.28 -16.94 -27.66
C THR C 214 -24.10 -17.54 -28.44
N ASP C 215 -23.15 -18.16 -27.72
CA ASP C 215 -22.01 -18.87 -28.33
C ASP C 215 -21.60 -19.99 -27.37
N HIS C 216 -20.54 -20.73 -27.69
CA HIS C 216 -20.12 -21.89 -26.86
C HIS C 216 -19.67 -21.44 -25.47
N CYS C 217 -19.34 -20.15 -25.28
CA CYS C 217 -18.87 -19.60 -23.98
C CYS C 217 -20.03 -19.17 -23.08
N THR C 218 -21.02 -18.45 -23.61
CA THR C 218 -22.30 -18.14 -22.92
C THR C 218 -23.43 -18.67 -23.79
N ASN C 219 -23.91 -19.88 -23.49
CA ASN C 219 -24.86 -20.63 -24.34
C ASN C 219 -26.30 -20.40 -23.87
N THR C 220 -26.51 -19.53 -22.87
CA THR C 220 -27.84 -19.23 -22.26
C THR C 220 -28.25 -17.78 -22.54
N SER C 221 -29.54 -17.50 -22.72
CA SER C 221 -30.14 -16.15 -22.53
C SER C 221 -29.55 -15.59 -21.24
N PRO C 222 -29.21 -14.29 -21.13
CA PRO C 222 -29.38 -13.31 -22.19
C PRO C 222 -28.21 -13.24 -23.18
N GLY C 223 -27.26 -14.18 -23.10
CA GLY C 223 -26.17 -14.33 -24.08
C GLY C 223 -25.07 -13.28 -23.86
N VAL C 224 -24.32 -12.97 -24.92
CA VAL C 224 -23.12 -12.08 -24.88
C VAL C 224 -23.56 -10.65 -25.15
N MET C 225 -22.79 -9.70 -24.62
CA MET C 225 -23.14 -8.27 -24.68
CA MET C 225 -23.13 -8.26 -24.68
C MET C 225 -22.61 -7.67 -25.99
N PHE C 226 -23.19 -8.06 -27.10
CA PHE C 226 -22.75 -7.62 -28.44
C PHE C 226 -23.10 -6.15 -28.61
N MET C 227 -23.91 -5.55 -27.71
CA MET C 227 -24.24 -4.11 -27.85
C MET C 227 -23.28 -3.29 -26.97
N ASN C 228 -22.27 -3.94 -26.37
CA ASN C 228 -21.16 -3.26 -25.67
C ASN C 228 -20.30 -2.48 -26.68
N TYR C 229 -19.87 -1.27 -26.33
CA TYR C 229 -19.03 -0.40 -27.21
C TYR C 229 -17.75 -1.12 -27.64
N MET C 230 -17.26 -2.06 -26.83
CA MET C 230 -15.94 -2.71 -27.06
C MET C 230 -16.11 -4.01 -27.89
N ASP C 231 -17.25 -4.20 -28.56
CA ASP C 231 -17.40 -5.26 -29.58
C ASP C 231 -17.17 -4.60 -30.95
N TYR C 232 -17.38 -5.35 -32.03
CA TYR C 232 -17.10 -4.85 -33.40
C TYR C 232 -18.42 -4.67 -34.18
N THR C 233 -19.50 -4.43 -33.47
CA THR C 233 -20.85 -4.36 -34.08
C THR C 233 -21.05 -2.97 -34.69
N TYR C 234 -22.07 -2.85 -35.52
CA TYR C 234 -22.48 -1.60 -36.17
C TYR C 234 -22.79 -0.55 -35.09
N ASP C 235 -22.51 0.73 -35.41
CA ASP C 235 -22.66 1.85 -34.46
C ASP C 235 -24.07 1.86 -33.83
N ALA C 236 -25.14 1.67 -34.61
CA ALA C 236 -26.55 1.84 -34.16
C ALA C 236 -26.97 0.66 -33.28
N CYS C 237 -26.10 -0.33 -33.13
CA CYS C 237 -26.39 -1.60 -32.42
C CYS C 237 -25.53 -1.72 -31.16
N MET C 238 -24.85 -0.63 -30.77
CA MET C 238 -24.05 -0.52 -29.51
C MET C 238 -24.71 0.52 -28.62
N ASN C 239 -24.71 0.34 -27.31
CA ASN C 239 -25.43 1.32 -26.46
C ASN C 239 -25.00 1.26 -25.00
N LEU C 240 -23.93 0.55 -24.62
CA LEU C 240 -23.46 0.67 -23.21
C LEU C 240 -22.00 0.27 -23.01
N PHE C 241 -21.49 0.81 -21.92
CA PHE C 241 -20.35 0.32 -21.12
C PHE C 241 -20.97 -0.30 -19.88
N THR C 242 -20.28 -1.26 -19.26
CA THR C 242 -20.70 -1.79 -17.95
C THR C 242 -20.13 -0.93 -16.81
N LYS C 243 -20.68 -1.12 -15.61
CA LYS C 243 -20.15 -0.55 -14.35
C LYS C 243 -18.71 -1.04 -14.14
N GLY C 244 -18.44 -2.32 -14.39
CA GLY C 244 -17.07 -2.88 -14.39
C GLY C 244 -16.13 -2.12 -15.32
N GLN C 245 -16.55 -1.85 -16.56
CA GLN C 245 -15.73 -1.09 -17.55
C GLN C 245 -15.52 0.34 -17.02
N VAL C 246 -16.56 0.97 -16.48
CA VAL C 246 -16.52 2.34 -15.91
C VAL C 246 -15.46 2.40 -14.79
N GLU C 247 -15.43 1.42 -13.89
CA GLU C 247 -14.43 1.36 -12.79
C GLU C 247 -13.02 1.30 -13.36
N ARG C 248 -12.78 0.45 -14.36
CA ARG C 248 -11.44 0.31 -14.98
C ARG C 248 -11.00 1.65 -15.56
N MET C 249 -11.89 2.35 -16.27
CA MET C 249 -11.58 3.60 -16.98
C MET C 249 -11.29 4.69 -15.94
N ARG C 250 -12.12 4.81 -14.90
CA ARG C 250 -12.00 5.87 -13.86
C ARG C 250 -10.68 5.68 -13.08
N SER C 251 -10.23 4.43 -12.87
CA SER C 251 -9.05 4.10 -12.04
C SER C 251 -7.77 4.71 -12.64
N LEU C 252 -7.77 5.03 -13.94
CA LEU C 252 -6.63 5.72 -14.60
C LEU C 252 -6.47 7.16 -14.09
N PHE C 253 -7.49 7.72 -13.45
CA PHE C 253 -7.48 9.13 -12.94
C PHE C 253 -7.31 9.14 -11.41
N ASP C 254 -7.09 7.98 -10.80
CA ASP C 254 -6.74 7.86 -9.36
C ASP C 254 -5.58 8.81 -9.05
N THR C 255 -5.74 9.71 -8.08
CA THR C 255 -4.76 10.78 -7.75
C THR C 255 -3.45 10.19 -7.21
N GLN C 256 -3.46 8.95 -6.72
CA GLN C 256 -2.20 8.30 -6.25
C GLN C 256 -1.61 7.41 -7.35
N THR C 257 -2.38 6.48 -7.93
CA THR C 257 -1.83 5.41 -8.80
C THR C 257 -2.25 5.59 -10.28
N GLY C 258 -2.98 6.65 -10.61
CA GLY C 258 -3.59 6.85 -11.96
C GLY C 258 -2.58 7.27 -13.01
N ILE C 259 -2.36 6.44 -14.03
CA ILE C 259 -1.50 6.76 -15.21
C ILE C 259 -1.89 8.13 -15.80
N ARG C 260 -3.17 8.49 -15.83
CA ARG C 260 -3.65 9.72 -16.51
C ARG C 260 -4.08 10.79 -15.51
N ARG C 261 -3.63 10.70 -14.26
CA ARG C 261 -4.06 11.60 -13.15
C ARG C 261 -3.65 13.05 -13.47
N GLU C 262 -2.51 13.29 -14.12
CA GLU C 262 -2.03 14.67 -14.41
C GLU C 262 -3.08 15.41 -15.26
N MET C 263 -3.89 14.69 -16.04
CA MET C 263 -4.91 15.29 -16.96
CA MET C 263 -4.90 15.30 -16.96
C MET C 263 -5.91 16.13 -16.15
N GLN C 264 -6.17 15.74 -14.88
CA GLN C 264 -7.20 16.42 -14.06
C GLN C 264 -6.68 17.75 -13.47
N ILE C 265 -5.36 17.92 -13.31
CA ILE C 265 -4.77 19.09 -12.57
CA ILE C 265 -4.77 19.09 -12.57
C ILE C 265 -5.22 20.39 -13.23
N TYR C 266 -5.09 20.54 -14.56
CA TYR C 266 -5.42 21.81 -15.26
C TYR C 266 -6.61 21.65 -16.23
N ALA C 267 -7.38 20.58 -16.12
CA ALA C 267 -8.53 20.29 -17.04
C ALA C 267 -9.44 21.52 -17.12
N ASN C 268 -9.78 22.11 -15.98
CA ASN C 268 -10.73 23.25 -15.87
C ASN C 268 -10.13 24.45 -16.61
N GLU C 269 -8.87 24.81 -16.30
CA GLU C 269 -8.18 25.98 -16.89
C GLU C 269 -8.04 25.80 -18.41
N LEU C 270 -7.75 24.58 -18.89
CA LEU C 270 -7.53 24.30 -20.34
C LEU C 270 -8.86 24.29 -21.10
N THR C 271 -10.01 24.26 -20.42
CA THR C 271 -11.35 24.23 -21.10
C THR C 271 -12.22 25.44 -20.76
N ASN C 272 -11.67 26.43 -20.04
CA ASN C 272 -12.34 27.70 -19.63
C ASN C 272 -11.78 28.86 -20.46
N PRO C 273 -12.66 29.69 -21.07
CA PRO C 273 -12.28 31.00 -21.62
C PRO C 273 -11.86 32.03 -20.55
N PRO D 4 15.38 13.19 7.09
CA PRO D 4 16.23 12.13 7.67
C PRO D 4 16.28 10.86 6.81
N SER D 5 17.46 10.23 6.73
CA SER D 5 17.68 8.97 5.97
C SER D 5 19.03 8.33 6.34
N SER D 6 19.09 7.01 6.43
CA SER D 6 20.32 6.22 6.68
C SER D 6 21.12 6.04 5.37
N THR D 7 22.45 6.05 5.46
CA THR D 7 23.37 5.93 4.31
C THR D 7 23.17 4.57 3.66
N ILE D 8 22.86 4.55 2.36
CA ILE D 8 22.86 3.33 1.52
C ILE D 8 24.30 3.14 1.03
N LEU D 9 24.89 1.97 1.27
CA LEU D 9 26.30 1.64 0.92
C LEU D 9 26.32 0.75 -0.33
N ILE D 10 27.09 1.15 -1.36
CA ILE D 10 27.24 0.43 -2.65
C ILE D 10 28.68 -0.06 -2.73
N PRO D 11 28.93 -1.39 -2.61
CA PRO D 11 30.24 -1.96 -2.92
C PRO D 11 30.44 -1.86 -4.44
N VAL D 12 31.60 -1.38 -4.87
CA VAL D 12 31.90 -1.15 -6.31
C VAL D 12 33.11 -1.99 -6.70
N VAL D 13 33.06 -2.57 -7.89
CA VAL D 13 34.26 -3.14 -8.55
C VAL D 13 34.36 -2.47 -9.92
N VAL D 14 35.53 -1.89 -10.17
CA VAL D 14 35.91 -1.25 -11.46
C VAL D 14 36.69 -2.27 -12.27
N HIS D 15 36.14 -2.65 -13.40
CA HIS D 15 36.78 -3.56 -14.39
C HIS D 15 37.40 -2.69 -15.47
N VAL D 16 38.71 -2.48 -15.38
CA VAL D 16 39.49 -1.82 -16.46
C VAL D 16 39.77 -2.89 -17.52
N VAL D 17 39.19 -2.73 -18.71
CA VAL D 17 39.40 -3.67 -19.85
C VAL D 17 40.13 -2.91 -20.96
N TYR D 18 41.42 -3.21 -21.16
CA TYR D 18 42.35 -2.37 -21.93
C TYR D 18 42.94 -3.20 -23.10
N ASN D 19 42.95 -2.60 -24.28
CA ASN D 19 43.55 -3.19 -25.50
C ASN D 19 44.92 -2.53 -25.74
N ASN D 20 45.25 -1.49 -24.99
CA ASN D 20 46.51 -0.72 -25.16
C ASN D 20 46.85 -0.02 -23.84
N SER D 21 47.98 0.69 -23.78
CA SER D 21 48.50 1.32 -22.54
CA SER D 21 48.48 1.30 -22.52
CA SER D 21 48.51 1.32 -22.54
C SER D 21 47.58 2.46 -22.10
N ALA D 22 47.08 3.24 -23.06
CA ALA D 22 46.20 4.40 -22.82
C ALA D 22 44.93 3.95 -22.09
N GLN D 23 44.39 2.76 -22.41
CA GLN D 23 43.11 2.26 -21.84
C GLN D 23 43.32 1.70 -20.43
N ASN D 24 44.57 1.39 -20.08
CA ASN D 24 44.92 0.83 -18.75
C ASN D 24 45.05 1.99 -17.75
N ILE D 25 43.94 2.66 -17.44
CA ILE D 25 43.95 3.96 -16.71
C ILE D 25 44.45 3.74 -15.29
N SER D 26 44.92 4.82 -14.67
CA SER D 26 45.69 4.82 -13.40
C SER D 26 44.75 4.58 -12.24
N ASP D 27 45.28 4.04 -11.14
CA ASP D 27 44.60 3.94 -9.82
C ASP D 27 44.07 5.31 -9.42
N ALA D 28 44.90 6.37 -9.48
CA ALA D 28 44.50 7.75 -9.14
C ALA D 28 43.23 8.11 -9.90
N GLN D 29 43.17 7.79 -11.20
CA GLN D 29 42.01 8.14 -12.08
C GLN D 29 40.75 7.44 -11.58
N ILE D 30 40.90 6.19 -11.12
CA ILE D 30 39.75 5.35 -10.66
C ILE D 30 39.28 5.90 -9.31
N ILE D 31 40.22 6.21 -8.42
CA ILE D 31 39.89 6.76 -7.06
C ILE D 31 39.18 8.10 -7.27
N SER D 32 39.65 8.89 -8.25
CA SER D 32 39.01 10.18 -8.63
C SER D 32 37.52 9.95 -8.96
N GLN D 33 37.19 8.93 -9.75
CA GLN D 33 35.77 8.63 -10.10
C GLN D 33 34.96 8.21 -8.87
N ILE D 34 35.51 7.35 -8.01
CA ILE D 34 34.81 6.89 -6.77
C ILE D 34 34.50 8.12 -5.91
N GLN D 35 35.47 9.03 -5.80
CA GLN D 35 35.31 10.29 -5.05
C GLN D 35 34.19 11.15 -5.66
N VAL D 36 34.13 11.29 -6.98
CA VAL D 36 33.10 12.11 -7.69
C VAL D 36 31.71 11.54 -7.41
N LEU D 37 31.56 10.21 -7.44
CA LEU D 37 30.26 9.55 -7.18
C LEU D 37 29.80 9.90 -5.77
N ASN D 38 30.72 9.83 -4.80
CA ASN D 38 30.44 10.10 -3.37
C ASN D 38 30.04 11.56 -3.19
N GLU D 39 30.71 12.48 -3.89
CA GLU D 39 30.38 13.93 -3.85
C GLU D 39 28.98 14.16 -4.43
N ASP D 40 28.70 13.66 -5.63
CA ASP D 40 27.44 13.96 -6.37
C ASP D 40 26.24 13.29 -5.68
N PHE D 41 26.44 12.13 -5.07
CA PHE D 41 25.34 11.35 -4.46
C PHE D 41 25.20 11.68 -2.97
N ARG D 42 25.98 12.62 -2.43
CA ARG D 42 25.87 13.09 -1.02
C ARG D 42 25.86 14.63 -0.94
N ARG D 43 25.57 15.28 -2.06
CA ARG D 43 25.66 16.76 -2.24
C ARG D 43 26.88 17.31 -1.51
N MET D 44 28.06 16.74 -1.76
CA MET D 44 29.36 17.28 -1.31
CA MET D 44 29.37 17.27 -1.31
C MET D 44 30.19 17.69 -2.53
N ASN D 45 29.54 17.83 -3.69
CA ASN D 45 30.18 18.37 -4.92
C ASN D 45 30.37 19.88 -4.74
N ALA D 46 31.60 20.38 -4.84
CA ALA D 46 31.91 21.80 -4.59
C ALA D 46 31.23 22.69 -5.64
N ASP D 47 30.95 22.16 -6.83
CA ASP D 47 30.28 22.92 -7.92
C ASP D 47 28.76 23.02 -7.64
N GLN D 48 28.27 22.53 -6.51
CA GLN D 48 26.92 22.88 -6.01
C GLN D 48 26.81 24.41 -5.84
N ALA D 49 27.94 25.12 -5.76
CA ALA D 49 28.00 26.60 -5.74
C ALA D 49 27.38 27.17 -7.03
N ASN D 50 27.39 26.41 -8.13
CA ASN D 50 26.83 26.81 -9.44
C ASN D 50 25.33 26.50 -9.53
N THR D 51 24.75 25.78 -8.59
CA THR D 51 23.29 25.50 -8.62
C THR D 51 22.55 26.83 -8.48
N PRO D 52 21.66 27.21 -9.43
CA PRO D 52 20.88 28.44 -9.27
C PRO D 52 20.07 28.38 -7.97
N SER D 53 19.99 29.50 -7.25
CA SER D 53 19.25 29.62 -5.97
C SER D 53 17.78 29.24 -6.18
N ALA D 54 17.22 29.52 -7.36
CA ALA D 54 15.86 29.14 -7.77
C ALA D 54 15.66 27.61 -7.71
N PHE D 55 16.72 26.81 -7.84
CA PHE D 55 16.63 25.32 -7.84
C PHE D 55 17.31 24.72 -6.61
N ALA D 56 17.97 25.54 -5.78
CA ALA D 56 18.80 25.11 -4.63
C ALA D 56 17.95 24.33 -3.64
N ASN D 57 16.69 24.72 -3.47
CA ASN D 57 15.73 24.14 -2.51
C ASN D 57 15.19 22.79 -3.03
N LEU D 58 15.34 22.50 -4.32
CA LEU D 58 14.93 21.21 -4.94
C LEU D 58 16.10 20.22 -4.91
N ALA D 59 17.33 20.68 -4.64
CA ALA D 59 18.57 19.88 -4.66
C ALA D 59 18.48 18.71 -3.67
N GLY D 60 18.74 17.49 -4.13
CA GLY D 60 18.70 16.27 -3.31
C GLY D 60 20.07 15.84 -2.83
N ASN D 61 20.15 15.37 -1.60
CA ASN D 61 21.27 14.57 -1.02
C ASN D 61 20.80 13.11 -0.99
N ALA D 62 21.25 12.27 -1.94
CA ALA D 62 20.82 10.85 -2.07
C ALA D 62 21.29 10.06 -0.86
N ASN D 63 22.40 10.47 -0.23
CA ASN D 63 22.97 9.78 0.95
C ASN D 63 23.21 8.32 0.55
N ILE D 64 23.83 8.14 -0.61
CA ILE D 64 24.37 6.85 -1.14
C ILE D 64 25.90 6.97 -1.14
N GLU D 65 26.56 6.00 -0.49
CA GLU D 65 28.03 5.94 -0.39
C GLU D 65 28.52 4.81 -1.29
N PHE D 66 29.61 5.06 -2.00
CA PHE D 66 30.29 4.16 -2.95
C PHE D 66 31.68 3.87 -2.41
N LYS D 67 31.97 2.60 -2.14
CA LYS D 67 33.26 2.12 -1.60
C LYS D 67 33.74 0.98 -2.50
N LEU D 68 35.01 1.03 -2.93
CA LEU D 68 35.65 -0.08 -3.67
C LEU D 68 35.57 -1.33 -2.80
N ALA D 69 35.16 -2.46 -3.40
CA ALA D 69 35.11 -3.77 -2.72
C ALA D 69 36.50 -4.06 -2.13
N ARG D 70 36.51 -4.69 -0.95
CA ARG D 70 37.73 -5.20 -0.25
C ARG D 70 37.65 -6.72 -0.13
N ARG D 71 36.48 -7.30 -0.39
CA ARG D 71 36.25 -8.77 -0.48
C ARG D 71 35.66 -9.10 -1.85
N ASP D 72 36.36 -9.94 -2.61
CA ASP D 72 35.94 -10.45 -3.92
C ASP D 72 34.91 -11.55 -3.74
N PRO D 73 34.31 -12.07 -4.83
CA PRO D 73 33.22 -13.06 -4.72
C PRO D 73 33.62 -14.43 -4.17
N ASN D 74 34.93 -14.71 -4.07
CA ASN D 74 35.45 -15.96 -3.44
C ASN D 74 35.76 -15.68 -1.97
N GLY D 75 35.59 -14.43 -1.53
CA GLY D 75 35.87 -14.00 -0.15
C GLY D 75 37.34 -13.70 0.09
N ASN D 76 38.18 -13.61 -0.96
CA ASN D 76 39.60 -13.20 -0.82
C ASN D 76 39.70 -11.67 -0.84
N THR D 77 40.82 -11.11 -0.37
CA THR D 77 41.05 -9.64 -0.33
C THR D 77 41.16 -9.10 -1.76
N THR D 78 40.67 -7.88 -1.97
CA THR D 78 40.77 -7.18 -3.28
C THR D 78 40.89 -5.68 -2.97
N ASN D 79 41.30 -4.91 -3.96
CA ASN D 79 41.25 -3.43 -3.89
C ASN D 79 40.02 -2.95 -4.68
N GLY D 80 39.18 -3.86 -5.17
CA GLY D 80 37.98 -3.51 -5.97
C GLY D 80 38.33 -3.10 -7.41
N ILE D 81 39.54 -3.37 -7.90
CA ILE D 81 39.98 -2.97 -9.26
C ILE D 81 40.50 -4.21 -9.98
N THR D 82 39.88 -4.56 -11.09
CA THR D 82 40.35 -5.67 -11.97
C THR D 82 40.95 -5.03 -13.21
N ARG D 83 41.99 -5.67 -13.74
CA ARG D 83 42.67 -5.23 -14.98
C ARG D 83 42.72 -6.44 -15.91
N THR D 84 42.08 -6.30 -17.07
CA THR D 84 41.94 -7.36 -18.09
C THR D 84 42.52 -6.85 -19.41
N SER D 85 43.65 -7.41 -19.82
CA SER D 85 44.18 -7.25 -21.20
CA SER D 85 44.18 -7.24 -21.21
C SER D 85 43.20 -7.89 -22.18
N THR D 86 42.79 -7.15 -23.22
CA THR D 86 41.84 -7.66 -24.22
C THR D 86 42.43 -7.54 -25.63
N SER D 87 42.06 -8.48 -26.48
CA SER D 87 42.37 -8.49 -27.94
CA SER D 87 42.36 -8.51 -27.94
C SER D 87 41.28 -7.74 -28.70
N THR D 88 40.17 -7.41 -28.03
CA THR D 88 39.09 -6.62 -28.65
C THR D 88 39.47 -5.13 -28.55
N GLU D 89 39.30 -4.37 -29.62
CA GLU D 89 39.87 -3.00 -29.77
C GLU D 89 38.78 -1.95 -29.52
N THR D 90 37.53 -2.24 -29.87
CA THR D 90 36.36 -1.38 -29.57
C THR D 90 35.21 -2.28 -29.13
N PHE D 91 34.56 -1.96 -28.01
CA PHE D 91 33.42 -2.74 -27.46
C PHE D 91 32.11 -2.15 -28.00
N SER D 92 31.07 -2.96 -27.98
CA SER D 92 29.72 -2.66 -28.54
C SER D 92 28.68 -2.66 -27.41
N MET D 93 27.87 -1.60 -27.35
CA MET D 93 26.70 -1.51 -26.44
CA MET D 93 26.70 -1.50 -26.44
C MET D 93 25.71 -2.62 -26.75
N GLU D 94 25.49 -2.91 -28.03
CA GLU D 94 24.50 -3.88 -28.52
C GLU D 94 24.92 -5.30 -28.12
N MET D 95 26.23 -5.60 -28.13
CA MET D 95 26.79 -6.94 -27.81
C MET D 95 27.01 -7.08 -26.30
N ASP D 96 27.30 -6.00 -25.57
CA ASP D 96 27.63 -6.04 -24.11
C ASP D 96 28.87 -6.90 -23.90
N ASN D 97 29.73 -6.97 -24.91
CA ASN D 97 30.90 -7.89 -24.94
C ASN D 97 31.89 -7.52 -23.83
N VAL D 98 31.93 -6.26 -23.40
CA VAL D 98 32.86 -5.84 -22.31
C VAL D 98 32.49 -6.58 -21.00
N LYS D 99 31.26 -7.10 -20.89
CA LYS D 99 30.74 -7.68 -19.62
C LYS D 99 30.93 -9.20 -19.57
N PHE D 100 31.59 -9.81 -20.57
CA PHE D 100 31.81 -11.27 -20.60
C PHE D 100 33.28 -11.60 -20.90
N SER D 101 33.94 -12.24 -19.92
CA SER D 101 35.30 -12.81 -20.08
C SER D 101 35.38 -13.63 -21.38
N ASN D 102 34.30 -14.35 -21.70
CA ASN D 102 34.16 -15.22 -22.90
C ASN D 102 34.33 -14.40 -24.20
N LEU D 103 33.97 -13.10 -24.19
CA LEU D 103 33.98 -12.23 -25.40
C LEU D 103 35.07 -11.16 -25.30
N GLY D 104 36.10 -11.39 -24.47
CA GLY D 104 37.27 -10.49 -24.34
C GLY D 104 37.03 -9.33 -23.37
N GLY D 105 35.98 -9.42 -22.56
CA GLY D 105 35.67 -8.48 -21.47
C GLY D 105 35.99 -9.09 -20.13
N ASN D 106 35.19 -8.77 -19.10
CA ASN D 106 35.37 -9.34 -17.75
C ASN D 106 33.96 -9.58 -17.16
N ASN D 107 33.67 -10.82 -16.78
CA ASN D 107 32.41 -11.21 -16.11
C ASN D 107 32.12 -10.28 -14.92
N ALA D 108 30.85 -9.94 -14.75
CA ALA D 108 30.31 -9.22 -13.58
C ALA D 108 30.64 -10.01 -12.31
N TRP D 109 31.00 -9.32 -11.24
CA TRP D 109 30.89 -9.90 -9.88
C TRP D 109 29.42 -9.80 -9.48
N ASN D 110 28.86 -10.85 -8.87
CA ASN D 110 27.45 -10.98 -8.41
C ASN D 110 26.75 -9.61 -8.41
N THR D 111 25.91 -9.33 -9.41
CA THR D 111 25.30 -7.99 -9.62
C THR D 111 24.25 -7.69 -8.54
N ARG D 112 23.83 -8.67 -7.75
CA ARG D 112 22.94 -8.41 -6.57
C ARG D 112 23.74 -7.89 -5.37
N ARG D 113 25.07 -7.99 -5.37
CA ARG D 113 25.94 -7.61 -4.22
C ARG D 113 26.91 -6.48 -4.58
N TYR D 114 27.33 -6.35 -5.85
CA TYR D 114 28.27 -5.29 -6.29
C TYR D 114 27.67 -4.49 -7.45
N LEU D 115 27.91 -3.17 -7.45
CA LEU D 115 27.85 -2.34 -8.67
C LEU D 115 29.13 -2.63 -9.48
N ASN D 116 28.97 -3.13 -10.71
CA ASN D 116 30.10 -3.35 -11.64
C ASN D 116 30.22 -2.11 -12.53
N ILE D 117 31.41 -1.49 -12.56
CA ILE D 117 31.71 -0.36 -13.48
C ILE D 117 32.80 -0.83 -14.44
N TRP D 118 32.45 -1.05 -15.68
CA TRP D 118 33.39 -1.40 -16.78
C TRP D 118 33.97 -0.15 -17.41
N VAL D 119 35.29 -0.08 -17.51
CA VAL D 119 36.00 1.01 -18.23
C VAL D 119 36.67 0.41 -19.46
N CYS D 120 36.38 0.95 -20.63
CA CYS D 120 36.87 0.38 -21.91
C CYS D 120 36.74 1.41 -23.02
N ASN D 121 37.31 1.08 -24.17
CA ASN D 121 37.11 1.83 -25.42
C ASN D 121 35.74 1.50 -26.05
N LEU D 122 34.82 2.47 -26.04
CA LEU D 122 33.44 2.38 -26.61
C LEU D 122 33.39 3.05 -27.99
N GLY D 123 34.41 3.86 -28.31
CA GLY D 123 34.57 4.55 -29.62
C GLY D 123 34.37 6.04 -29.50
N ASP D 124 34.32 6.75 -30.63
CA ASP D 124 34.42 8.25 -30.69
C ASP D 124 33.12 8.90 -30.21
N ASP D 125 31.99 8.21 -30.36
CA ASP D 125 30.65 8.79 -30.10
C ASP D 125 30.27 8.65 -28.61
N LEU D 126 30.42 7.44 -28.10
CA LEU D 126 29.64 6.96 -26.94
C LEU D 126 30.41 7.18 -25.63
N LEU D 127 29.85 7.95 -24.70
CA LEU D 127 30.48 8.28 -23.39
C LEU D 127 30.32 7.11 -22.42
N GLY D 128 29.17 6.42 -22.46
CA GLY D 128 28.88 5.30 -21.59
C GLY D 128 27.46 4.83 -21.73
N TYR D 129 27.10 3.75 -21.05
CA TYR D 129 25.71 3.24 -21.01
C TYR D 129 25.47 2.43 -19.75
N ALA D 130 24.18 2.41 -19.37
CA ALA D 130 23.67 1.79 -18.14
C ALA D 130 22.72 0.66 -18.51
N GLN D 131 22.33 -0.14 -17.53
CA GLN D 131 21.18 -1.07 -17.65
C GLN D 131 20.17 -0.68 -16.57
N PHE D 132 18.89 -0.56 -16.91
CA PHE D 132 17.81 -0.17 -15.97
C PHE D 132 17.45 -1.35 -15.07
N PRO D 133 16.96 -1.09 -13.84
CA PRO D 133 16.56 -2.15 -12.93
C PRO D 133 15.48 -3.11 -13.48
N PHE D 134 14.55 -2.62 -14.33
CA PHE D 134 13.46 -3.45 -14.89
C PHE D 134 14.07 -4.60 -15.72
N GLU D 135 15.31 -4.43 -16.19
CA GLU D 135 16.00 -5.42 -17.05
C GLU D 135 16.72 -6.47 -16.19
N PHE D 136 16.76 -6.31 -14.86
CA PHE D 136 17.61 -7.17 -14.00
C PHE D 136 17.16 -8.63 -14.09
N GLN D 137 15.85 -8.89 -14.00
CA GLN D 137 15.27 -10.26 -14.00
C GLN D 137 15.70 -10.99 -15.26
N THR D 138 15.65 -10.34 -16.44
CA THR D 138 16.01 -10.99 -17.73
C THR D 138 17.52 -10.89 -18.01
N LYS D 139 18.24 -9.90 -17.51
CA LYS D 139 19.66 -9.68 -17.92
C LYS D 139 20.52 -9.47 -16.69
N PRO D 140 20.58 -10.46 -15.76
CA PRO D 140 21.29 -10.29 -14.49
C PRO D 140 22.80 -10.06 -14.69
N ASN D 141 23.40 -10.66 -15.72
CA ASN D 141 24.87 -10.68 -15.90
C ASN D 141 25.36 -9.33 -16.43
N THR D 142 24.47 -8.52 -17.03
CA THR D 142 24.83 -7.27 -17.73
C THR D 142 24.32 -6.05 -16.95
N ASP D 143 23.76 -6.25 -15.75
CA ASP D 143 23.42 -5.14 -14.84
C ASP D 143 24.71 -4.39 -14.45
N GLY D 144 24.66 -3.06 -14.55
CA GLY D 144 25.79 -2.20 -14.18
C GLY D 144 25.98 -1.07 -15.15
N VAL D 145 27.21 -0.58 -15.23
CA VAL D 145 27.52 0.72 -15.87
C VAL D 145 28.81 0.54 -16.66
N VAL D 146 28.81 1.05 -17.90
CA VAL D 146 30.01 1.07 -18.77
C VAL D 146 30.38 2.53 -19.01
N ILE D 147 31.66 2.85 -18.85
CA ILE D 147 32.18 4.23 -19.08
C ILE D 147 33.35 4.19 -20.06
N HIS D 148 33.33 5.11 -21.02
CA HIS D 148 34.47 5.33 -21.94
C HIS D 148 35.73 5.69 -21.13
N TYR D 149 36.88 5.09 -21.43
CA TYR D 149 38.11 5.25 -20.62
C TYR D 149 38.57 6.72 -20.66
N LYS D 150 38.30 7.47 -21.74
CA LYS D 150 38.65 8.91 -21.86
C LYS D 150 37.71 9.78 -21.02
N HIS D 151 36.64 9.23 -20.43
CA HIS D 151 35.64 10.05 -19.70
C HIS D 151 35.33 9.46 -18.34
N PHE D 152 36.33 8.80 -17.77
CA PHE D 152 36.29 8.18 -16.43
C PHE D 152 37.18 8.98 -15.49
N GLY D 153 36.68 9.36 -14.32
CA GLY D 153 37.42 10.12 -13.31
C GLY D 153 37.42 11.60 -13.65
N ARG D 154 37.80 12.43 -12.68
CA ARG D 154 37.82 13.90 -12.82
C ARG D 154 39.24 14.35 -13.16
N ASP D 155 39.36 15.28 -14.11
CA ASP D 155 40.66 15.80 -14.61
C ASP D 155 41.58 14.60 -14.85
N GLY D 156 42.88 14.69 -14.59
CA GLY D 156 43.83 13.61 -14.88
C GLY D 156 43.86 13.32 -16.36
N SER D 157 43.58 12.08 -16.77
CA SER D 157 43.60 11.58 -18.18
C SER D 157 42.22 11.76 -18.84
N ALA D 158 41.21 12.25 -18.13
CA ALA D 158 39.85 12.42 -18.72
C ALA D 158 39.84 13.63 -19.66
N GLU D 159 39.11 13.53 -20.75
CA GLU D 159 39.20 14.50 -21.85
C GLU D 159 38.00 15.43 -21.81
N SER D 160 38.28 16.74 -21.75
CA SER D 160 37.31 17.85 -21.88
C SER D 160 36.51 17.68 -23.17
N PRO D 161 35.19 18.01 -23.21
CA PRO D 161 34.46 18.55 -22.06
C PRO D 161 33.74 17.57 -21.12
N TYR D 162 34.05 16.28 -21.17
CA TYR D 162 33.48 15.25 -20.27
C TYR D 162 34.61 14.72 -19.38
N ASP D 163 35.07 15.58 -18.45
CA ASP D 163 36.32 15.39 -17.68
C ASP D 163 36.13 15.69 -16.19
N LYS D 164 34.89 15.66 -15.66
N LYS D 164 34.89 15.66 -15.66
CA LYS D 164 34.63 15.84 -14.20
CA LYS D 164 34.63 15.84 -14.20
C LYS D 164 33.95 14.61 -13.62
C LYS D 164 33.95 14.61 -13.62
N GLY D 165 33.97 13.48 -14.33
CA GLY D 165 33.44 12.20 -13.81
C GLY D 165 31.93 12.07 -13.90
N ARG D 166 31.23 12.96 -14.61
CA ARG D 166 29.75 13.06 -14.58
C ARG D 166 29.11 12.02 -15.51
N THR D 167 29.86 11.43 -16.44
CA THR D 167 29.33 10.33 -17.26
C THR D 167 28.87 9.22 -16.31
N ALA D 168 29.72 8.85 -15.34
CA ALA D 168 29.45 7.80 -14.35
C ALA D 168 28.28 8.20 -13.45
N THR D 169 28.23 9.46 -13.00
CA THR D 169 27.10 9.99 -12.17
C THR D 169 25.78 9.77 -12.94
N HIS D 170 25.74 10.18 -14.20
CA HIS D 170 24.54 10.07 -15.09
C HIS D 170 24.15 8.59 -15.23
N GLU D 171 25.12 7.71 -15.54
CA GLU D 171 24.89 6.26 -15.74
C GLU D 171 24.46 5.60 -14.43
N VAL D 172 25.08 5.93 -13.32
CA VAL D 172 24.62 5.36 -12.03
C VAL D 172 23.18 5.84 -11.78
N GLY D 173 22.85 7.08 -12.15
CA GLY D 173 21.47 7.59 -12.18
C GLY D 173 20.50 6.63 -12.87
N HIS D 174 20.77 6.23 -14.11
CA HIS D 174 19.93 5.30 -14.91
C HIS D 174 19.83 3.94 -14.19
N TRP D 175 21.00 3.45 -13.77
CA TRP D 175 21.18 2.19 -13.00
C TRP D 175 20.29 2.23 -11.74
N LEU D 176 20.06 3.42 -11.20
CA LEU D 176 19.12 3.62 -10.05
C LEU D 176 17.79 4.20 -10.54
N ASP D 177 17.43 3.93 -11.81
CA ASP D 177 16.05 4.03 -12.35
C ASP D 177 15.66 5.48 -12.73
N LEU D 178 16.62 6.42 -12.83
CA LEU D 178 16.31 7.79 -13.29
C LEU D 178 16.25 7.80 -14.83
N ARG D 179 15.27 8.52 -15.36
CA ARG D 179 15.11 8.76 -16.81
C ARG D 179 15.71 10.13 -17.18
N HIS D 180 16.04 10.29 -18.46
CA HIS D 180 16.41 11.61 -19.05
C HIS D 180 15.37 12.65 -18.65
N ILE D 181 15.85 13.80 -18.19
CA ILE D 181 15.01 14.87 -17.56
C ILE D 181 14.00 15.39 -18.59
N TRP D 182 14.30 15.32 -19.90
CA TRP D 182 13.42 15.83 -20.98
C TRP D 182 12.37 14.77 -21.39
N GLY D 183 12.49 13.53 -20.91
CA GLY D 183 11.44 12.49 -21.08
C GLY D 183 11.63 11.65 -22.34
N ASP D 184 12.80 11.69 -22.99
CA ASP D 184 13.07 10.79 -24.15
C ASP D 184 11.91 10.91 -25.15
N ASP D 185 11.53 12.13 -25.52
CA ASP D 185 10.36 12.36 -26.41
C ASP D 185 10.77 13.22 -27.61
N GLY D 186 12.08 13.27 -27.89
CA GLY D 186 12.65 13.91 -29.09
C GLY D 186 12.34 15.39 -29.15
N GLY D 187 11.98 16.04 -28.05
CA GLY D 187 11.77 17.50 -28.00
C GLY D 187 10.36 17.94 -27.58
N SER D 188 9.36 17.05 -27.50
CA SER D 188 7.96 17.44 -27.17
CA SER D 188 7.95 17.42 -27.17
C SER D 188 7.86 17.80 -25.70
N CYS D 189 6.67 18.18 -25.25
CA CYS D 189 6.35 18.39 -23.81
C CYS D 189 5.58 17.19 -23.26
N SER D 190 5.36 16.14 -24.05
CA SER D 190 4.45 15.00 -23.71
C SER D 190 5.13 14.00 -22.78
N GLY D 191 6.37 13.58 -23.11
CA GLY D 191 7.17 12.66 -22.28
C GLY D 191 7.43 13.20 -20.88
N THR D 192 7.72 12.30 -19.94
CA THR D 192 7.98 12.65 -18.53
C THR D 192 9.13 11.79 -18.01
N ASP D 193 9.92 12.34 -17.09
CA ASP D 193 10.94 11.57 -16.32
C ASP D 193 10.30 11.04 -15.03
N ASN D 194 9.00 11.27 -14.86
CA ASN D 194 8.18 10.85 -13.68
C ASN D 194 8.80 11.45 -12.43
N ILE D 195 9.28 12.68 -12.51
CA ILE D 195 9.82 13.43 -11.34
C ILE D 195 9.12 14.78 -11.28
N ALA D 196 8.40 15.01 -10.17
CA ALA D 196 7.55 16.20 -9.95
C ALA D 196 8.41 17.47 -9.91
N ASP D 197 9.62 17.42 -9.33
CA ASP D 197 10.40 18.65 -9.04
C ASP D 197 11.43 18.94 -10.15
N THR D 198 11.42 18.18 -11.26
CA THR D 198 12.18 18.54 -12.49
C THR D 198 11.22 19.22 -13.45
N PRO D 199 11.43 20.49 -13.82
CA PRO D 199 10.52 21.20 -14.69
C PRO D 199 10.40 20.47 -16.03
N ASN D 200 9.20 20.50 -16.63
CA ASN D 200 8.95 19.86 -17.94
C ASN D 200 9.93 20.49 -18.93
N GLN D 201 10.44 19.69 -19.86
CA GLN D 201 11.55 20.14 -20.75
C GLN D 201 11.35 19.50 -22.13
N GLY D 202 11.56 20.25 -23.21
CA GLY D 202 11.38 19.77 -24.59
C GLY D 202 12.39 18.69 -24.91
N GLY D 203 13.61 19.10 -25.25
CA GLY D 203 14.67 18.20 -25.69
C GLY D 203 15.82 18.24 -24.72
N TYR D 204 16.86 17.49 -25.00
CA TYR D 204 18.10 17.45 -24.19
C TYR D 204 18.86 18.76 -24.42
N ASN D 205 19.68 19.12 -23.46
CA ASN D 205 20.65 20.23 -23.61
C ASN D 205 22.01 19.61 -23.83
N GLU D 206 22.84 20.28 -24.61
CA GLU D 206 24.26 19.90 -24.79
C GLU D 206 25.10 21.15 -24.50
N GLY D 207 26.41 20.97 -24.35
CA GLY D 207 27.33 22.07 -24.04
C GLY D 207 27.03 22.63 -22.67
N CYS D 208 27.04 23.96 -22.58
N CYS D 208 27.05 23.96 -22.55
CA CYS D 208 26.79 24.71 -21.33
CA CYS D 208 26.75 24.68 -21.28
C CYS D 208 25.86 25.89 -21.61
C CYS D 208 25.86 25.88 -21.59
N PRO D 209 24.53 25.70 -21.58
CA PRO D 209 23.61 26.80 -21.79
C PRO D 209 23.80 27.88 -20.72
N SER D 210 23.44 29.12 -21.05
CA SER D 210 23.35 30.23 -20.07
C SER D 210 22.05 30.03 -19.25
N PHE D 211 22.13 30.19 -17.95
CA PHE D 211 20.96 30.24 -17.04
C PHE D 211 20.24 31.59 -17.17
N PRO D 212 18.89 31.63 -17.28
CA PRO D 212 18.05 30.45 -17.46
C PRO D 212 17.89 30.04 -18.92
N LYS D 213 17.74 28.73 -19.15
CA LYS D 213 17.41 28.15 -20.48
CA LYS D 213 17.41 28.15 -20.48
C LYS D 213 15.90 27.84 -20.48
N THR D 214 15.16 28.44 -21.42
CA THR D 214 13.69 28.18 -21.54
C THR D 214 13.40 27.41 -22.83
N ASP D 215 12.22 26.80 -22.93
CA ASP D 215 11.73 26.14 -24.17
C ASP D 215 10.21 26.24 -24.18
N HIS D 216 9.56 25.66 -25.18
CA HIS D 216 8.08 25.75 -25.33
C HIS D 216 7.38 25.05 -24.17
N CYS D 217 8.05 24.16 -23.41
CA CYS D 217 7.47 23.42 -22.27
C CYS D 217 7.55 24.21 -20.97
N THR D 218 8.70 24.81 -20.66
CA THR D 218 8.87 25.77 -19.53
C THR D 218 9.40 27.07 -20.14
N ASN D 219 8.51 28.02 -20.44
CA ASN D 219 8.84 29.24 -21.20
CA ASN D 219 8.84 29.24 -21.21
C ASN D 219 9.13 30.41 -20.24
N THR D 220 9.14 30.14 -18.94
CA THR D 220 9.35 31.15 -17.86
C THR D 220 10.66 30.90 -17.11
N SER D 221 11.32 31.95 -16.61
CA SER D 221 12.34 31.85 -15.53
C SER D 221 11.73 30.98 -14.45
N PRO D 222 12.46 30.08 -13.76
CA PRO D 222 13.90 29.89 -13.96
C PRO D 222 14.24 28.87 -15.06
N GLY D 223 13.26 28.45 -15.85
CA GLY D 223 13.47 27.60 -17.04
C GLY D 223 13.73 26.14 -16.66
N VAL D 224 14.41 25.40 -17.54
CA VAL D 224 14.63 23.94 -17.42
C VAL D 224 15.94 23.71 -16.67
N MET D 225 16.00 22.59 -15.99
CA MET D 225 17.13 22.23 -15.10
CA MET D 225 17.13 22.23 -15.10
C MET D 225 18.22 21.56 -15.93
N PHE D 226 18.86 22.32 -16.81
CA PHE D 226 19.90 21.78 -17.72
C PHE D 226 21.14 21.43 -16.90
N MET D 227 21.23 21.84 -15.63
CA MET D 227 22.42 21.48 -14.82
C MET D 227 22.12 20.22 -14.01
N ASN D 228 20.97 19.58 -14.25
CA ASN D 228 20.64 18.23 -13.68
C ASN D 228 21.56 17.18 -14.31
N TYR D 229 22.06 16.23 -13.51
CA TYR D 229 22.95 15.14 -13.97
C TYR D 229 22.34 14.35 -15.12
N MET D 230 21.00 14.28 -15.19
CA MET D 230 20.30 13.42 -16.17
C MET D 230 19.98 14.18 -17.47
N ASP D 231 20.63 15.33 -17.71
CA ASP D 231 20.61 15.98 -19.03
C ASP D 231 21.86 15.54 -19.80
N TYR D 232 22.12 16.11 -20.97
CA TYR D 232 23.27 15.74 -21.81
C TYR D 232 24.30 16.89 -21.86
N THR D 233 24.34 17.71 -20.82
CA THR D 233 25.21 18.91 -20.81
C THR D 233 26.64 18.50 -20.43
N TYR D 234 27.58 19.39 -20.67
CA TYR D 234 29.01 19.25 -20.32
C TYR D 234 29.14 18.99 -18.82
N ASP D 235 30.14 18.18 -18.43
CA ASP D 235 30.35 17.76 -17.02
C ASP D 235 30.40 18.99 -16.08
N ALA D 236 31.09 20.08 -16.46
CA ALA D 236 31.36 21.25 -15.60
C ALA D 236 30.09 22.09 -15.43
N CYS D 237 29.03 21.74 -16.14
N CYS D 237 29.03 21.75 -16.15
CA CYS D 237 27.79 22.55 -16.19
CA CYS D 237 27.76 22.54 -16.23
C CYS D 237 26.63 21.76 -15.56
C CYS D 237 26.62 21.77 -15.56
N MET D 238 26.92 20.64 -14.89
CA MET D 238 25.91 19.83 -14.15
C MET D 238 26.29 19.88 -12.66
N ASN D 239 25.31 19.90 -11.76
CA ASN D 239 25.67 20.06 -10.34
C ASN D 239 24.55 19.62 -9.40
N LEU D 240 23.49 18.95 -9.85
CA LEU D 240 22.50 18.40 -8.88
C LEU D 240 21.65 17.25 -9.43
N PHE D 241 21.16 16.49 -8.45
CA PHE D 241 19.96 15.65 -8.48
C PHE D 241 18.90 16.42 -7.70
N THR D 242 17.63 16.19 -8.00
CA THR D 242 16.52 16.74 -7.17
C THR D 242 16.21 15.78 -6.01
N LYS D 243 15.48 16.29 -5.02
CA LYS D 243 14.90 15.49 -3.91
C LYS D 243 13.99 14.41 -4.50
N GLY D 244 13.16 14.76 -5.49
CA GLY D 244 12.35 13.78 -6.24
C GLY D 244 13.20 12.65 -6.84
N GLN D 245 14.31 12.99 -7.50
CA GLN D 245 15.22 11.96 -8.09
C GLN D 245 15.82 11.10 -6.97
N VAL D 246 16.23 11.73 -5.87
CA VAL D 246 16.80 11.04 -4.68
C VAL D 246 15.80 10.00 -4.16
N GLU D 247 14.53 10.36 -4.01
CA GLU D 247 13.48 9.44 -3.52
C GLU D 247 13.35 8.24 -4.46
N ARG D 248 13.34 8.47 -5.78
CA ARG D 248 13.21 7.38 -6.78
C ARG D 248 14.40 6.41 -6.63
N MET D 249 15.61 6.93 -6.48
CA MET D 249 16.85 6.12 -6.41
C MET D 249 16.86 5.31 -5.11
N ARG D 250 16.51 5.94 -3.99
CA ARG D 250 16.53 5.28 -2.65
C ARG D 250 15.47 4.18 -2.59
N SER D 251 14.33 4.34 -3.28
CA SER D 251 13.19 3.38 -3.24
C SER D 251 13.62 2.00 -3.78
N LEU D 252 14.68 1.92 -4.57
CA LEU D 252 15.24 0.63 -5.06
C LEU D 252 15.85 -0.18 -3.91
N PHE D 253 16.13 0.43 -2.78
CA PHE D 253 16.77 -0.23 -1.61
C PHE D 253 15.73 -0.45 -0.50
N ASP D 254 14.45 -0.16 -0.78
CA ASP D 254 13.31 -0.49 0.12
C ASP D 254 13.41 -1.96 0.52
N THR D 255 13.44 -2.24 1.83
CA THR D 255 13.68 -3.60 2.40
C THR D 255 12.53 -4.55 2.05
N GLN D 256 11.36 -4.05 1.71
CA GLN D 256 10.22 -4.93 1.30
C GLN D 256 10.17 -5.07 -0.23
N THR D 257 10.27 -3.96 -0.93
CA THR D 257 9.80 -3.79 -2.33
C THR D 257 10.98 -3.50 -3.27
N GLY D 258 12.17 -3.28 -2.72
CA GLY D 258 13.34 -2.74 -3.43
C GLY D 258 14.03 -3.78 -4.30
N ILE D 259 14.03 -3.55 -5.61
CA ILE D 259 14.76 -4.39 -6.62
C ILE D 259 16.21 -4.62 -6.17
N ARG D 260 16.88 -3.63 -5.58
CA ARG D 260 18.33 -3.72 -5.25
C ARG D 260 18.56 -3.86 -3.75
N ARG D 261 17.54 -4.29 -2.99
CA ARG D 261 17.59 -4.36 -1.50
C ARG D 261 18.68 -5.36 -1.07
N GLU D 262 18.90 -6.45 -1.82
CA GLU D 262 19.89 -7.49 -1.40
C GLU D 262 21.29 -6.86 -1.31
N MET D 263 21.55 -5.77 -2.04
CA MET D 263 22.89 -5.10 -2.07
CA MET D 263 22.89 -5.10 -2.07
C MET D 263 23.26 -4.62 -0.65
N GLN D 264 22.26 -4.29 0.19
CA GLN D 264 22.51 -3.73 1.53
C GLN D 264 22.89 -4.81 2.55
N ILE D 265 22.50 -6.08 2.34
CA ILE D 265 22.65 -7.17 3.34
CA ILE D 265 22.65 -7.17 3.34
C ILE D 265 24.12 -7.33 3.72
N TYR D 266 25.02 -7.43 2.72
CA TYR D 266 26.47 -7.68 2.98
C TYR D 266 27.37 -6.50 2.58
N ALA D 267 26.79 -5.31 2.34
CA ALA D 267 27.54 -4.12 1.87
C ALA D 267 28.74 -3.87 2.78
N ASN D 268 28.51 -3.90 4.10
CA ASN D 268 29.54 -3.61 5.12
C ASN D 268 30.66 -4.65 5.02
N GLU D 269 30.31 -5.94 5.04
CA GLU D 269 31.30 -7.06 4.99
C GLU D 269 32.12 -6.99 3.69
N LEU D 270 31.49 -6.66 2.56
CA LEU D 270 32.15 -6.64 1.23
C LEU D 270 33.08 -5.40 1.11
N THR D 271 32.98 -4.41 2.01
CA THR D 271 33.80 -3.17 1.92
C THR D 271 34.72 -2.97 3.15
N ASN D 272 34.74 -3.89 4.12
CA ASN D 272 35.72 -3.92 5.22
C ASN D 272 36.81 -4.97 5.05
N PRO D 273 38.04 -4.53 5.35
CA PRO D 273 39.18 -5.42 5.59
C PRO D 273 39.06 -6.25 6.88
N PRO E 4 -0.58 -23.85 8.41
CA PRO E 4 -1.92 -24.15 7.90
C PRO E 4 -2.22 -23.50 6.54
N SER E 5 -2.95 -24.21 5.68
CA SER E 5 -3.40 -23.73 4.34
C SER E 5 -4.51 -24.67 3.80
N SER E 6 -5.50 -24.10 3.11
CA SER E 6 -6.59 -24.86 2.43
C SER E 6 -6.11 -25.39 1.07
N THR E 7 -6.57 -26.57 0.68
CA THR E 7 -6.19 -27.27 -0.56
C THR E 7 -6.64 -26.43 -1.75
N ILE E 8 -5.72 -26.09 -2.63
CA ILE E 8 -6.02 -25.48 -3.96
C ILE E 8 -6.27 -26.64 -4.92
N LEU E 9 -7.43 -26.66 -5.58
CA LEU E 9 -7.89 -27.76 -6.49
C LEU E 9 -7.71 -27.32 -7.95
N ILE E 10 -7.00 -28.13 -8.75
CA ILE E 10 -6.70 -27.85 -10.20
C ILE E 10 -7.43 -28.91 -11.02
N PRO E 11 -8.50 -28.54 -11.77
CA PRO E 11 -9.10 -29.44 -12.74
C PRO E 11 -8.11 -29.59 -13.90
N VAL E 12 -7.87 -30.82 -14.34
CA VAL E 12 -6.87 -31.11 -15.41
C VAL E 12 -7.60 -31.77 -16.57
N VAL E 13 -7.21 -31.39 -17.78
CA VAL E 13 -7.54 -32.17 -19.01
C VAL E 13 -6.23 -32.50 -19.70
N VAL E 14 -6.03 -33.79 -19.96
CA VAL E 14 -4.86 -34.34 -20.69
C VAL E 14 -5.29 -34.54 -22.14
N HIS E 15 -4.64 -33.80 -23.03
CA HIS E 15 -4.82 -33.91 -24.50
C HIS E 15 -3.72 -34.81 -25.03
N VAL E 16 -4.04 -36.09 -25.28
CA VAL E 16 -3.14 -37.02 -26.01
C VAL E 16 -3.29 -36.72 -27.50
N VAL E 17 -2.22 -36.22 -28.12
CA VAL E 17 -2.20 -35.92 -29.58
C VAL E 17 -1.19 -36.86 -30.23
N TYR E 18 -1.66 -37.84 -30.98
CA TYR E 18 -0.86 -39.02 -31.42
C TYR E 18 -0.86 -39.09 -32.96
N ASN E 19 0.32 -39.31 -33.53
CA ASN E 19 0.49 -39.52 -35.00
C ASN E 19 0.68 -41.01 -35.26
N ASN E 20 0.82 -41.83 -34.21
CA ASN E 20 1.08 -43.28 -34.32
C ASN E 20 0.60 -43.98 -33.05
N SER E 21 0.70 -45.30 -32.99
CA SER E 21 0.17 -46.12 -31.86
CA SER E 21 0.17 -46.12 -31.87
CA SER E 21 0.14 -46.08 -31.86
C SER E 21 0.95 -45.84 -30.58
N ALA E 22 2.28 -45.69 -30.71
CA ALA E 22 3.21 -45.45 -29.58
C ALA E 22 2.83 -44.14 -28.86
N GLN E 23 2.38 -43.12 -29.58
CA GLN E 23 2.07 -41.77 -29.01
C GLN E 23 0.70 -41.80 -28.33
N ASN E 24 -0.14 -42.78 -28.63
CA ASN E 24 -1.50 -42.92 -28.07
C ASN E 24 -1.38 -43.60 -26.70
N ILE E 25 -0.78 -42.94 -25.73
CA ILE E 25 -0.35 -43.56 -24.45
C ILE E 25 -1.59 -43.99 -23.65
N SER E 26 -1.39 -44.91 -22.72
CA SER E 26 -2.45 -45.68 -22.02
C SER E 26 -3.09 -44.79 -20.97
N ASP E 27 -4.33 -45.11 -20.61
CA ASP E 27 -5.03 -44.53 -19.44
C ASP E 27 -4.16 -44.70 -18.18
N ALA E 28 -3.65 -45.91 -17.92
CA ALA E 28 -2.79 -46.20 -16.75
C ALA E 28 -1.64 -45.17 -16.69
N GLN E 29 -1.02 -44.91 -17.85
CA GLN E 29 0.17 -44.00 -17.94
C GLN E 29 -0.25 -42.58 -17.53
N ILE E 30 -1.46 -42.16 -17.93
CA ILE E 30 -1.98 -40.79 -17.67
C ILE E 30 -2.32 -40.69 -16.19
N ILE E 31 -2.98 -41.71 -15.64
CA ILE E 31 -3.38 -41.73 -14.20
C ILE E 31 -2.10 -41.72 -13.36
N SER E 32 -1.07 -42.42 -13.82
CA SER E 32 0.27 -42.42 -13.18
C SER E 32 0.78 -40.97 -13.06
N GLN E 33 0.71 -40.17 -14.13
CA GLN E 33 1.17 -38.75 -14.10
C GLN E 33 0.33 -37.91 -13.13
N ILE E 34 -1.00 -38.05 -13.14
CA ILE E 34 -1.90 -37.30 -12.23
C ILE E 34 -1.51 -37.62 -10.78
N GLN E 35 -1.26 -38.90 -10.51
CA GLN E 35 -0.83 -39.36 -9.17
C GLN E 35 0.52 -38.73 -8.77
N VAL E 36 1.49 -38.67 -9.68
CA VAL E 36 2.84 -38.07 -9.42
C VAL E 36 2.69 -36.58 -9.06
N LEU E 37 1.84 -35.85 -9.78
CA LEU E 37 1.62 -34.41 -9.54
C LEU E 37 1.09 -34.23 -8.11
N ASN E 38 0.13 -35.08 -7.72
CA ASN E 38 -0.51 -35.03 -6.38
C ASN E 38 0.52 -35.33 -5.30
N GLU E 39 1.39 -36.31 -5.54
CA GLU E 39 2.48 -36.68 -4.59
C GLU E 39 3.45 -35.50 -4.44
N ASP E 40 3.95 -34.96 -5.54
CA ASP E 40 5.03 -33.94 -5.54
C ASP E 40 4.52 -32.60 -4.98
N PHE E 41 3.25 -32.29 -5.24
CA PHE E 41 2.65 -30.98 -4.85
C PHE E 41 1.97 -31.10 -3.47
N ARG E 42 2.04 -32.25 -2.80
CA ARG E 42 1.48 -32.44 -1.42
C ARG E 42 2.52 -33.13 -0.52
N ARG E 43 3.79 -33.10 -0.91
CA ARG E 43 4.90 -33.84 -0.26
C ARG E 43 4.44 -35.23 0.22
N MET E 44 3.85 -36.00 -0.69
CA MET E 44 3.50 -37.44 -0.46
CA MET E 44 3.50 -37.44 -0.46
C MET E 44 4.32 -38.29 -1.44
N ASN E 45 5.36 -37.71 -2.04
CA ASN E 45 6.34 -38.46 -2.86
C ASN E 45 7.23 -39.32 -1.93
N ALA E 46 7.27 -40.63 -2.15
CA ALA E 46 8.01 -41.57 -1.28
C ALA E 46 9.52 -41.28 -1.35
N ASP E 47 10.01 -40.71 -2.45
CA ASP E 47 11.45 -40.40 -2.63
C ASP E 47 11.80 -39.10 -1.88
N GLN E 48 10.87 -38.52 -1.11
CA GLN E 48 11.21 -37.50 -0.09
C GLN E 48 12.21 -38.09 0.91
N ALA E 49 12.31 -39.43 0.99
CA ALA E 49 13.34 -40.13 1.80
C ALA E 49 14.75 -39.75 1.33
N ASN E 50 14.91 -39.33 0.07
CA ASN E 50 16.22 -38.93 -0.52
C ASN E 50 16.51 -37.44 -0.26
N THR E 51 15.56 -36.67 0.25
CA THR E 51 15.83 -35.24 0.56
C THR E 51 16.89 -35.20 1.66
N PRO E 52 18.03 -34.51 1.48
CA PRO E 52 19.02 -34.40 2.53
C PRO E 52 18.39 -33.76 3.78
N SER E 53 18.74 -34.24 4.98
CA SER E 53 18.24 -33.71 6.27
C SER E 53 18.56 -32.21 6.38
N ALA E 54 19.69 -31.77 5.81
CA ALA E 54 20.12 -30.35 5.74
C ALA E 54 19.09 -29.50 5.00
N PHE E 55 18.28 -30.08 4.10
CA PHE E 55 17.26 -29.33 3.30
C PHE E 55 15.83 -29.73 3.69
N ALA E 56 15.67 -30.74 4.56
CA ALA E 56 14.37 -31.36 4.92
C ALA E 56 13.43 -30.31 5.51
N ASN E 57 13.99 -29.37 6.27
CA ASN E 57 13.25 -28.30 6.99
C ASN E 57 12.82 -27.20 6.03
N LEU E 58 13.42 -27.12 4.83
CA LEU E 58 13.06 -26.13 3.78
C LEU E 58 11.98 -26.72 2.85
N ALA E 59 11.75 -28.04 2.91
CA ALA E 59 10.82 -28.79 2.03
C ALA E 59 9.39 -28.23 2.19
N GLY E 60 8.77 -27.88 1.07
CA GLY E 60 7.40 -27.34 1.03
C GLY E 60 6.38 -28.42 0.70
N ASN E 61 5.21 -28.36 1.35
CA ASN E 61 3.95 -29.02 0.94
C ASN E 61 3.06 -27.95 0.31
N ALA E 62 2.96 -27.92 -1.03
CA ALA E 62 2.19 -26.90 -1.78
C ALA E 62 0.69 -27.02 -1.46
N ASN E 63 0.23 -28.21 -1.12
CA ASN E 63 -1.19 -28.48 -0.82
C ASN E 63 -2.02 -28.01 -2.02
N ILE E 64 -1.58 -28.43 -3.21
CA ILE E 64 -2.30 -28.30 -4.50
C ILE E 64 -2.71 -29.70 -4.94
N GLU E 65 -4.01 -29.88 -5.20
CA GLU E 65 -4.58 -31.17 -5.64
C GLU E 65 -4.94 -31.05 -7.12
N PHE E 66 -4.64 -32.10 -7.88
CA PHE E 66 -4.87 -32.23 -9.33
C PHE E 66 -5.85 -33.38 -9.54
N LYS E 67 -7.00 -33.07 -10.14
CA LYS E 67 -8.07 -34.04 -10.42
C LYS E 67 -8.42 -33.92 -11.91
N LEU E 68 -8.53 -35.06 -12.61
CA LEU E 68 -9.01 -35.08 -14.02
C LEU E 68 -10.41 -34.47 -14.04
N ALA E 69 -10.68 -33.59 -15.00
CA ALA E 69 -12.02 -33.00 -15.22
C ALA E 69 -13.04 -34.14 -15.38
N ARG E 70 -14.24 -33.93 -14.83
CA ARG E 70 -15.42 -34.83 -14.96
C ARG E 70 -16.55 -34.07 -15.71
N ARG E 71 -16.42 -32.75 -15.84
CA ARG E 71 -17.31 -31.89 -16.66
C ARG E 71 -16.47 -31.14 -17.69
N ASP E 72 -16.80 -31.33 -18.96
CA ASP E 72 -16.17 -30.67 -20.12
C ASP E 72 -16.73 -29.26 -20.27
N PRO E 73 -16.21 -28.45 -21.21
CA PRO E 73 -16.62 -27.05 -21.35
C PRO E 73 -18.07 -26.84 -21.84
N ASN E 74 -18.74 -27.89 -22.31
CA ASN E 74 -20.18 -27.86 -22.71
C ASN E 74 -21.02 -28.31 -21.52
N GLY E 75 -20.38 -28.72 -20.42
CA GLY E 75 -21.04 -29.24 -19.21
C GLY E 75 -21.45 -30.71 -19.33
N ASN E 76 -20.97 -31.44 -20.33
CA ASN E 76 -21.23 -32.90 -20.45
C ASN E 76 -20.17 -33.65 -19.65
N THR E 77 -20.43 -34.93 -19.32
CA THR E 77 -19.50 -35.82 -18.59
C THR E 77 -18.24 -36.06 -19.43
N THR E 78 -17.10 -36.16 -18.77
CA THR E 78 -15.79 -36.48 -19.37
C THR E 78 -14.98 -37.28 -18.36
N ASN E 79 -13.94 -37.96 -18.81
CA ASN E 79 -12.94 -38.56 -17.90
C ASN E 79 -11.70 -37.63 -17.85
N GLY E 80 -11.76 -36.45 -18.45
CA GLY E 80 -10.64 -35.49 -18.48
C GLY E 80 -9.53 -35.89 -19.45
N ILE E 81 -9.78 -36.82 -20.36
CA ILE E 81 -8.76 -37.31 -21.33
C ILE E 81 -9.32 -37.18 -22.74
N THR E 82 -8.65 -36.39 -23.59
CA THR E 82 -8.98 -36.26 -25.03
C THR E 82 -7.92 -37.03 -25.82
N ARG E 83 -8.34 -37.64 -26.91
CA ARG E 83 -7.44 -38.39 -27.83
C ARG E 83 -7.70 -37.86 -29.23
N THR E 84 -6.67 -37.29 -29.82
CA THR E 84 -6.71 -36.63 -31.15
C THR E 84 -5.68 -37.29 -32.06
N SER E 85 -6.15 -38.02 -33.07
CA SER E 85 -5.32 -38.49 -34.19
CA SER E 85 -5.33 -38.50 -34.20
C SER E 85 -4.82 -37.28 -34.98
N THR E 86 -3.51 -37.19 -35.22
CA THR E 86 -2.92 -36.05 -35.97
C THR E 86 -2.10 -36.57 -37.16
N SER E 87 -2.07 -35.77 -38.22
CA SER E 87 -1.23 -35.99 -39.42
CA SER E 87 -1.23 -36.00 -39.42
C SER E 87 0.12 -35.29 -39.23
N THR E 88 0.24 -34.48 -38.18
CA THR E 88 1.53 -33.84 -37.82
C THR E 88 2.38 -34.86 -37.05
N GLU E 89 3.67 -34.98 -37.37
CA GLU E 89 4.55 -36.09 -36.93
C GLU E 89 5.43 -35.62 -35.78
N THR E 90 5.83 -34.35 -35.77
CA THR E 90 6.60 -33.71 -34.66
C THR E 90 6.06 -32.31 -34.44
N PHE E 91 5.77 -31.93 -33.19
CA PHE E 91 5.22 -30.60 -32.85
C PHE E 91 6.39 -29.67 -32.50
N SER E 92 6.14 -28.38 -32.61
CA SER E 92 7.13 -27.28 -32.43
C SER E 92 6.72 -26.40 -31.22
N MET E 93 7.66 -26.17 -30.31
CA MET E 93 7.51 -25.22 -29.19
CA MET E 93 7.51 -25.21 -29.18
C MET E 93 7.22 -23.81 -29.73
N GLU E 94 7.93 -23.42 -30.79
CA GLU E 94 7.84 -22.05 -31.36
C GLU E 94 6.47 -21.83 -32.00
N MET E 95 5.90 -22.86 -32.62
CA MET E 95 4.58 -22.78 -33.32
C MET E 95 3.43 -22.99 -32.32
N ASP E 96 3.62 -23.78 -31.26
CA ASP E 96 2.55 -24.11 -30.28
C ASP E 96 1.42 -24.85 -31.01
N ASN E 97 1.76 -25.54 -32.10
CA ASN E 97 0.78 -26.16 -33.02
C ASN E 97 0.01 -27.27 -32.29
N VAL E 98 0.60 -27.90 -31.27
CA VAL E 98 -0.12 -28.97 -30.52
C VAL E 98 -1.36 -28.37 -29.82
N LYS E 99 -1.40 -27.05 -29.62
CA LYS E 99 -2.46 -26.40 -28.80
C LYS E 99 -3.61 -25.87 -29.69
N PHE E 100 -3.58 -26.14 -31.00
CA PHE E 100 -4.66 -25.69 -31.93
C PHE E 100 -5.15 -26.85 -32.81
N SER E 101 -6.43 -27.19 -32.65
CA SER E 101 -7.16 -28.14 -33.53
C SER E 101 -6.89 -27.78 -35.00
N ASN E 102 -6.87 -26.46 -35.31
CA ASN E 102 -6.64 -25.89 -36.66
C ASN E 102 -5.29 -26.35 -37.23
N LEU E 103 -4.28 -26.61 -36.39
CA LEU E 103 -2.88 -26.95 -36.83
C LEU E 103 -2.55 -28.41 -36.49
N GLY E 104 -3.56 -29.27 -36.32
CA GLY E 104 -3.40 -30.71 -36.09
C GLY E 104 -3.15 -31.08 -34.64
N GLY E 105 -3.39 -30.14 -33.73
CA GLY E 105 -3.36 -30.35 -32.28
C GLY E 105 -4.76 -30.42 -31.70
N ASN E 106 -4.93 -29.92 -30.48
CA ASN E 106 -6.27 -29.88 -29.82
C ASN E 106 -6.38 -28.56 -29.06
N ASN E 107 -7.40 -27.76 -29.36
CA ASN E 107 -7.70 -26.50 -28.66
C ASN E 107 -7.73 -26.71 -27.15
N ALA E 108 -7.21 -25.74 -26.41
CA ALA E 108 -7.31 -25.66 -24.93
C ALA E 108 -8.78 -25.68 -24.51
N TRP E 109 -9.09 -26.38 -23.43
CA TRP E 109 -10.35 -26.10 -22.69
C TRP E 109 -10.09 -24.86 -21.84
N ASN E 110 -11.05 -23.92 -21.79
CA ASN E 110 -10.99 -22.62 -21.06
C ASN E 110 -9.82 -22.61 -20.06
N THR E 111 -8.73 -21.91 -20.39
CA THR E 111 -7.47 -21.97 -19.60
C THR E 111 -7.63 -21.23 -18.26
N ARG E 112 -8.70 -20.47 -18.05
CA ARG E 112 -8.98 -19.86 -16.71
C ARG E 112 -9.64 -20.87 -15.76
N ARG E 113 -10.13 -22.01 -16.27
CA ARG E 113 -10.88 -23.03 -15.48
C ARG E 113 -10.16 -24.38 -15.44
N TYR E 114 -9.38 -24.74 -16.47
CA TYR E 114 -8.63 -26.03 -16.52
C TYR E 114 -7.14 -25.78 -16.76
N LEU E 115 -6.30 -26.58 -16.09
CA LEU E 115 -4.91 -26.83 -16.54
C LEU E 115 -5.00 -27.79 -17.74
N ASN E 116 -4.50 -27.37 -18.90
CA ASN E 116 -4.40 -28.22 -20.10
C ASN E 116 -3.00 -28.83 -20.12
N ILE E 117 -2.90 -30.17 -20.17
CA ILE E 117 -1.62 -30.91 -20.34
C ILE E 117 -1.67 -31.61 -21.69
N TRP E 118 -0.89 -31.13 -22.65
CA TRP E 118 -0.74 -31.74 -23.99
C TRP E 118 0.37 -32.79 -23.94
N VAL E 119 0.06 -34.00 -24.41
CA VAL E 119 1.07 -35.09 -24.60
C VAL E 119 1.24 -35.33 -26.09
N CYS E 120 2.45 -35.25 -26.60
CA CYS E 120 2.75 -35.37 -28.04
C CYS E 120 4.21 -35.67 -28.25
N ASN E 121 4.55 -35.97 -29.50
CA ASN E 121 5.94 -36.06 -29.98
C ASN E 121 6.54 -34.66 -30.18
N LEU E 122 7.51 -34.28 -29.32
CA LEU E 122 8.23 -32.98 -29.35
C LEU E 122 9.60 -33.13 -30.04
N ASP E 125 14.75 -33.94 -28.75
CA ASP E 125 15.39 -34.01 -27.40
C ASP E 125 14.79 -32.97 -26.44
N LEU E 126 13.60 -32.47 -26.73
CA LEU E 126 12.82 -31.58 -25.82
C LEU E 126 11.89 -32.43 -24.94
N LEU E 127 12.01 -32.33 -23.62
CA LEU E 127 11.18 -33.11 -22.65
C LEU E 127 9.79 -32.49 -22.52
N GLY E 128 9.71 -31.17 -22.54
CA GLY E 128 8.43 -30.45 -22.42
C GLY E 128 8.64 -28.97 -22.31
N TYR E 129 7.55 -28.20 -22.29
CA TYR E 129 7.60 -26.74 -22.09
C TYR E 129 6.31 -26.21 -21.49
N ALA E 130 6.45 -25.09 -20.79
CA ALA E 130 5.39 -24.40 -20.03
C ALA E 130 5.13 -23.02 -20.64
N GLN E 131 4.05 -22.39 -20.20
CA GLN E 131 3.84 -20.93 -20.44
C GLN E 131 3.71 -20.28 -19.06
N PHE E 132 4.44 -19.19 -18.83
CA PHE E 132 4.42 -18.44 -17.54
C PHE E 132 3.12 -17.64 -17.41
N PRO E 133 2.64 -17.42 -16.16
CA PRO E 133 1.43 -16.63 -15.93
C PRO E 133 1.45 -15.21 -16.52
N PHE E 134 2.63 -14.55 -16.58
CA PHE E 134 2.77 -13.16 -17.11
C PHE E 134 2.33 -13.13 -18.57
N GLU E 135 2.37 -14.29 -19.25
CA GLU E 135 2.02 -14.38 -20.69
C GLU E 135 0.51 -14.60 -20.86
N PHE E 136 -0.25 -14.77 -19.79
CA PHE E 136 -1.68 -15.17 -19.91
C PHE E 136 -2.49 -14.12 -20.65
N GLN E 137 -2.32 -12.83 -20.31
CA GLN E 137 -3.09 -11.70 -20.89
C GLN E 137 -2.90 -11.71 -22.42
N THR E 138 -1.68 -11.90 -22.92
CA THR E 138 -1.39 -11.86 -24.37
C THR E 138 -1.61 -13.25 -25.02
N LYS E 139 -1.48 -14.36 -24.30
CA LYS E 139 -1.50 -15.69 -24.95
C LYS E 139 -2.42 -16.63 -24.18
N PRO E 140 -3.73 -16.28 -24.07
CA PRO E 140 -4.67 -17.06 -23.27
C PRO E 140 -4.85 -18.51 -23.78
N ASN E 141 -4.74 -18.71 -25.11
CA ASN E 141 -5.11 -20.01 -25.73
C ASN E 141 -3.98 -21.02 -25.53
N THR E 142 -2.76 -20.55 -25.23
CA THR E 142 -1.54 -21.40 -25.17
C THR E 142 -1.05 -21.54 -23.73
N ASP E 143 -1.79 -21.02 -22.76
CA ASP E 143 -1.53 -21.29 -21.33
C ASP E 143 -1.68 -22.79 -21.03
N GLY E 144 -0.68 -23.34 -20.36
CA GLY E 144 -0.65 -24.75 -19.96
C GLY E 144 0.71 -25.36 -20.12
N VAL E 145 0.73 -26.68 -20.29
CA VAL E 145 1.98 -27.49 -20.19
C VAL E 145 1.96 -28.52 -21.32
N VAL E 146 3.10 -28.67 -21.98
CA VAL E 146 3.31 -29.72 -23.02
C VAL E 146 4.38 -30.70 -22.52
N ILE E 147 4.13 -32.00 -22.64
CA ILE E 147 5.06 -33.07 -22.20
C ILE E 147 5.30 -34.06 -23.33
N HIS E 148 6.58 -34.41 -23.55
CA HIS E 148 6.98 -35.46 -24.51
C HIS E 148 6.31 -36.79 -24.10
N TYR E 149 5.74 -37.53 -25.05
CA TYR E 149 4.93 -38.76 -24.75
C TYR E 149 5.83 -39.82 -24.11
N LYS E 150 7.12 -39.86 -24.41
CA LYS E 150 8.10 -40.80 -23.81
C LYS E 150 8.44 -40.41 -22.37
N HIS E 151 8.01 -39.26 -21.87
CA HIS E 151 8.42 -38.76 -20.53
C HIS E 151 7.22 -38.30 -19.74
N PHE E 152 6.08 -38.92 -20.00
CA PHE E 152 4.79 -38.66 -19.33
C PHE E 152 4.45 -39.86 -18.46
N GLY E 153 4.11 -39.64 -17.20
CA GLY E 153 3.76 -40.69 -16.25
C GLY E 153 5.00 -41.35 -15.67
N ARG E 154 4.81 -42.12 -14.60
CA ARG E 154 5.93 -42.78 -13.87
C ARG E 154 6.02 -44.24 -14.34
N ASP E 155 7.25 -44.71 -14.59
CA ASP E 155 7.55 -46.08 -15.08
C ASP E 155 6.58 -46.35 -16.23
N GLY E 156 6.06 -47.58 -16.40
CA GLY E 156 5.22 -47.94 -17.54
C GLY E 156 5.98 -47.75 -18.84
N SER E 157 5.47 -46.94 -19.76
CA SER E 157 6.02 -46.66 -21.10
C SER E 157 6.99 -45.47 -21.08
N ALA E 158 7.20 -44.81 -19.95
CA ALA E 158 8.10 -43.65 -19.87
C ALA E 158 9.56 -44.13 -19.89
N GLU E 159 10.43 -43.37 -20.56
CA GLU E 159 11.80 -43.84 -20.85
C GLU E 159 12.79 -43.18 -19.91
N SER E 160 13.56 -44.01 -19.20
CA SER E 160 14.72 -43.63 -18.36
C SER E 160 15.69 -42.79 -19.17
N PRO E 161 16.36 -41.75 -18.59
CA PRO E 161 16.21 -41.38 -17.18
C PRO E 161 15.14 -40.34 -16.79
N TYR E 162 14.19 -40.04 -17.66
CA TYR E 162 13.06 -39.12 -17.36
C TYR E 162 11.75 -39.93 -17.36
N ASP E 163 11.62 -40.77 -16.34
CA ASP E 163 10.59 -41.84 -16.26
C ASP E 163 9.87 -41.88 -14.91
N LYS E 164 9.89 -40.81 -14.11
CA LYS E 164 9.17 -40.73 -12.81
C LYS E 164 8.15 -39.61 -12.83
N GLY E 165 7.81 -39.07 -14.00
CA GLY E 165 6.75 -38.06 -14.14
C GLY E 165 7.20 -36.64 -13.78
N ARG E 166 8.51 -36.40 -13.58
CA ARG E 166 9.02 -35.11 -13.02
C ARG E 166 9.10 -34.03 -14.11
N THR E 167 9.07 -34.39 -15.39
CA THR E 167 8.97 -33.36 -16.46
C THR E 167 7.73 -32.50 -16.19
N ALA E 168 6.58 -33.16 -15.95
CA ALA E 168 5.28 -32.49 -15.72
C ALA E 168 5.35 -31.69 -14.41
N THR E 169 5.96 -32.24 -13.35
CA THR E 169 6.14 -31.51 -12.05
C THR E 169 6.90 -30.21 -12.31
N HIS E 170 8.01 -30.27 -13.04
CA HIS E 170 8.89 -29.11 -13.38
C HIS E 170 8.06 -28.10 -14.19
N GLU E 171 7.34 -28.55 -15.23
CA GLU E 171 6.55 -27.66 -16.13
C GLU E 171 5.39 -27.05 -15.35
N VAL E 172 4.70 -27.82 -14.53
CA VAL E 172 3.60 -27.23 -13.72
C VAL E 172 4.22 -26.18 -12.79
N GLY E 173 5.43 -26.43 -12.27
CA GLY E 173 6.22 -25.41 -11.54
C GLY E 173 6.30 -24.07 -12.28
N HIS E 174 6.75 -24.06 -13.53
CA HIS E 174 6.87 -22.85 -14.37
C HIS E 174 5.49 -22.21 -14.57
N TRP E 175 4.52 -23.04 -14.91
CA TRP E 175 3.09 -22.67 -15.09
C TRP E 175 2.58 -21.96 -13.82
N LEU E 176 3.11 -22.34 -12.66
CA LEU E 176 2.80 -21.67 -11.37
C LEU E 176 3.95 -20.73 -10.97
N ASP E 177 4.68 -20.21 -11.96
CA ASP E 177 5.54 -19.00 -11.87
C ASP E 177 6.91 -19.28 -11.21
N LEU E 178 7.33 -20.54 -11.07
CA LEU E 178 8.68 -20.84 -10.55
C LEU E 178 9.72 -20.70 -11.66
N ARG E 179 10.86 -20.10 -11.32
CA ARG E 179 12.03 -20.00 -12.23
C ARG E 179 13.03 -21.13 -11.92
N HIS E 180 13.85 -21.47 -12.94
CA HIS E 180 15.04 -22.33 -12.78
C HIS E 180 15.85 -21.88 -11.56
N ILE E 181 16.19 -22.85 -10.71
CA ILE E 181 16.81 -22.62 -9.38
C ILE E 181 18.16 -21.90 -9.56
N TRP E 182 18.84 -22.06 -10.70
CA TRP E 182 20.17 -21.44 -10.95
C TRP E 182 20.02 -20.01 -11.52
N GLY E 183 18.81 -19.58 -11.87
CA GLY E 183 18.54 -18.17 -12.23
C GLY E 183 18.72 -17.87 -13.72
N ASP E 184 18.80 -18.88 -14.57
CA ASP E 184 18.81 -18.65 -16.04
C ASP E 184 19.91 -17.63 -16.37
N ASP E 185 21.10 -17.83 -15.84
CA ASP E 185 22.21 -16.84 -15.99
C ASP E 185 23.44 -17.53 -16.56
N GLY E 186 23.24 -18.72 -17.17
CA GLY E 186 24.29 -19.44 -17.92
C GLY E 186 25.46 -19.84 -17.03
N GLY E 187 25.30 -19.85 -15.71
CA GLY E 187 26.35 -20.33 -14.79
C GLY E 187 26.84 -19.31 -13.76
N SER E 188 26.47 -18.02 -13.87
CA SER E 188 27.00 -16.96 -12.95
CA SER E 188 26.98 -16.96 -12.96
C SER E 188 26.34 -17.12 -11.58
N CYS E 189 26.71 -16.25 -10.64
CA CYS E 189 26.04 -16.13 -9.32
C CYS E 189 25.05 -14.95 -9.32
N SER E 190 24.92 -14.24 -10.44
CA SER E 190 24.19 -12.93 -10.52
C SER E 190 22.68 -13.15 -10.61
N GLY E 191 22.21 -14.04 -11.49
CA GLY E 191 20.78 -14.37 -11.64
C GLY E 191 20.16 -14.92 -10.36
N THR E 192 18.85 -14.83 -10.23
CA THR E 192 18.09 -15.31 -9.05
C THR E 192 16.79 -15.98 -9.52
N ASP E 193 16.33 -16.98 -8.78
CA ASP E 193 14.97 -17.58 -8.95
C ASP E 193 13.97 -16.86 -8.06
N ASN E 194 14.42 -15.80 -7.37
CA ASN E 194 13.62 -14.96 -6.45
C ASN E 194 13.02 -15.85 -5.35
N ILE E 195 13.79 -16.83 -4.89
CA ILE E 195 13.39 -17.71 -3.77
C ILE E 195 14.51 -17.69 -2.73
N ALA E 196 14.18 -17.23 -1.53
CA ALA E 196 15.12 -16.99 -0.41
C ALA E 196 15.69 -18.33 0.05
N ASP E 197 14.91 -19.42 0.07
CA ASP E 197 15.34 -20.69 0.72
C ASP E 197 15.96 -21.67 -0.29
N THR E 198 16.14 -21.28 -1.55
CA THR E 198 16.94 -22.06 -2.55
C THR E 198 18.33 -21.45 -2.62
N PRO E 199 19.40 -22.19 -2.25
CA PRO E 199 20.75 -21.63 -2.20
C PRO E 199 21.15 -21.10 -3.59
N ASN E 200 21.89 -19.99 -3.62
CA ASN E 200 22.41 -19.40 -4.89
C ASN E 200 23.19 -20.51 -5.63
N GLN E 201 23.08 -20.56 -6.95
CA GLN E 201 23.62 -21.70 -7.73
C GLN E 201 24.12 -21.18 -9.07
N GLY E 202 25.29 -21.65 -9.54
CA GLY E 202 25.89 -21.20 -10.81
C GLY E 202 25.03 -21.60 -11.98
N GLY E 203 25.15 -22.86 -12.40
CA GLY E 203 24.47 -23.36 -13.59
C GLY E 203 23.51 -24.46 -13.22
N TYR E 204 22.84 -25.03 -14.22
CA TYR E 204 21.91 -26.18 -14.04
C TYR E 204 22.73 -27.43 -13.72
N ASN E 205 22.10 -28.37 -13.06
CA ASN E 205 22.67 -29.73 -12.86
C ASN E 205 21.94 -30.65 -13.82
N GLU E 206 22.66 -31.64 -14.34
CA GLU E 206 22.09 -32.73 -15.16
C GLU E 206 22.52 -34.05 -14.54
N GLY E 207 21.88 -35.15 -14.96
CA GLY E 207 22.16 -36.48 -14.41
C GLY E 207 21.76 -36.53 -12.96
N CYS E 208 22.61 -37.15 -12.13
CA CYS E 208 22.38 -37.33 -10.68
C CYS E 208 23.64 -37.04 -9.89
N PRO E 209 23.92 -35.76 -9.55
CA PRO E 209 25.12 -35.43 -8.80
C PRO E 209 25.13 -36.15 -7.44
N SER E 210 26.32 -36.36 -6.89
CA SER E 210 26.53 -36.80 -5.49
C SER E 210 26.24 -35.62 -4.57
N PHE E 211 25.49 -35.84 -3.50
CA PHE E 211 25.28 -34.87 -2.38
C PHE E 211 26.53 -34.83 -1.51
N PRO E 212 27.07 -33.65 -1.13
CA PRO E 212 26.62 -32.36 -1.62
C PRO E 212 27.32 -31.95 -2.94
N LYS E 213 26.60 -31.21 -3.78
CA LYS E 213 27.15 -30.56 -4.99
CA LYS E 213 27.15 -30.56 -4.99
C LYS E 213 27.39 -29.08 -4.65
N THR E 214 28.64 -28.63 -4.76
CA THR E 214 28.99 -27.20 -4.51
C THR E 214 29.41 -26.55 -5.83
N ASP E 215 29.41 -25.21 -5.87
CA ASP E 215 29.93 -24.43 -7.03
C ASP E 215 30.47 -23.11 -6.49
N HIS E 216 30.89 -22.21 -7.37
CA HIS E 216 31.54 -20.93 -6.96
C HIS E 216 30.53 -20.04 -6.22
N CYS E 217 29.22 -20.29 -6.36
CA CYS E 217 28.14 -19.48 -5.71
C CYS E 217 27.82 -19.98 -4.31
N THR E 218 27.67 -21.29 -4.11
CA THR E 218 27.56 -21.93 -2.77
C THR E 218 28.69 -22.95 -2.67
N ASN E 219 29.82 -22.56 -2.06
CA ASN E 219 31.08 -23.35 -2.10
CA ASN E 219 31.08 -23.36 -2.10
C ASN E 219 31.20 -24.21 -0.83
N THR E 220 30.19 -24.19 0.04
CA THR E 220 30.13 -24.89 1.35
C THR E 220 29.04 -25.99 1.33
N SER E 221 29.26 -27.11 2.03
CA SER E 221 28.18 -28.02 2.48
C SER E 221 27.07 -27.13 3.05
N PRO E 222 25.77 -27.42 2.85
CA PRO E 222 25.29 -28.58 2.10
C PRO E 222 25.19 -28.35 0.59
N GLY E 223 25.69 -27.22 0.08
CA GLY E 223 25.79 -26.95 -1.37
C GLY E 223 24.44 -26.57 -1.98
N VAL E 224 24.28 -26.80 -3.29
CA VAL E 224 23.10 -26.34 -4.08
C VAL E 224 22.05 -27.44 -4.09
N MET E 225 20.80 -27.02 -4.23
CA MET E 225 19.64 -27.94 -4.14
CA MET E 225 19.63 -27.94 -4.13
C MET E 225 19.37 -28.57 -5.50
N PHE E 226 20.28 -29.43 -5.95
CA PHE E 226 20.19 -30.07 -7.27
C PHE E 226 19.03 -31.07 -7.27
N MET E 227 18.45 -31.40 -6.11
CA MET E 227 17.31 -32.36 -6.10
C MET E 227 16.00 -31.57 -6.08
N ASN E 228 16.06 -30.24 -6.26
CA ASN E 228 14.87 -29.38 -6.47
C ASN E 228 14.25 -29.71 -7.83
N TYR E 229 12.91 -29.77 -7.92
CA TYR E 229 12.18 -30.07 -9.18
C TYR E 229 12.55 -29.08 -10.30
N MET E 230 12.97 -27.87 -9.95
CA MET E 230 13.22 -26.77 -10.92
C MET E 230 14.70 -26.76 -11.36
N ASP E 231 15.45 -27.85 -11.13
CA ASP E 231 16.77 -28.05 -11.75
C ASP E 231 16.58 -28.94 -12.97
N TYR E 232 17.66 -29.35 -13.64
CA TYR E 232 17.59 -30.16 -14.88
C TYR E 232 18.09 -31.59 -14.63
N THR E 233 17.98 -32.06 -13.39
CA THR E 233 18.54 -33.38 -13.00
C THR E 233 17.56 -34.48 -13.41
N TYR E 234 18.04 -35.71 -13.40
CA TYR E 234 17.26 -36.94 -13.68
C TYR E 234 16.06 -37.01 -12.72
N ASP E 235 14.95 -37.56 -13.21
CA ASP E 235 13.67 -37.67 -12.45
C ASP E 235 13.90 -38.30 -11.08
N ALA E 236 14.68 -39.38 -10.96
CA ALA E 236 14.82 -40.18 -9.70
C ALA E 236 15.70 -39.44 -8.69
N CYS E 237 16.26 -38.30 -9.10
CA CYS E 237 17.24 -37.55 -8.29
C CYS E 237 16.66 -36.19 -7.89
N MET E 238 15.35 -35.99 -8.11
CA MET E 238 14.60 -34.77 -7.69
C MET E 238 13.56 -35.19 -6.64
N ASN E 239 13.30 -34.38 -5.63
CA ASN E 239 12.39 -34.85 -4.57
C ASN E 239 11.82 -33.71 -3.73
N LEU E 240 11.98 -32.43 -4.10
CA LEU E 240 11.27 -31.37 -3.33
C LEU E 240 11.09 -30.07 -4.11
N PHE E 241 10.09 -29.36 -3.63
CA PHE E 241 9.91 -27.89 -3.72
C PHE E 241 10.27 -27.35 -2.34
N THR E 242 10.71 -26.09 -2.25
CA THR E 242 10.89 -25.41 -0.96
C THR E 242 9.58 -24.76 -0.51
N LYS E 243 9.53 -24.40 0.79
CA LYS E 243 8.43 -23.59 1.38
C LYS E 243 8.34 -22.25 0.63
N GLY E 244 9.48 -21.61 0.34
CA GLY E 244 9.54 -20.40 -0.52
C GLY E 244 8.87 -20.63 -1.88
N GLN E 245 9.18 -21.73 -2.56
CA GLN E 245 8.58 -22.05 -3.89
C GLN E 245 7.06 -22.27 -3.71
N VAL E 246 6.66 -22.98 -2.66
CA VAL E 246 5.23 -23.24 -2.33
C VAL E 246 4.48 -21.91 -2.18
N GLU E 247 5.03 -20.94 -1.45
CA GLU E 247 4.41 -19.61 -1.25
C GLU E 247 4.22 -18.91 -2.61
N ARG E 248 5.24 -18.94 -3.47
CA ARG E 248 5.16 -18.28 -4.80
C ARG E 248 4.01 -18.90 -5.62
N MET E 249 3.90 -20.24 -5.61
CA MET E 249 2.90 -20.97 -6.42
C MET E 249 1.50 -20.68 -5.88
N ARG E 250 1.32 -20.71 -4.55
CA ARG E 250 0.00 -20.52 -3.91
C ARG E 250 -0.49 -19.07 -4.13
N SER E 251 0.41 -18.09 -4.20
CA SER E 251 0.08 -16.64 -4.32
C SER E 251 -0.68 -16.37 -5.63
N LEU E 252 -0.54 -17.23 -6.64
CA LEU E 252 -1.29 -17.12 -7.91
C LEU E 252 -2.81 -17.34 -7.68
N PHE E 253 -3.20 -17.95 -6.56
CA PHE E 253 -4.61 -18.30 -6.26
C PHE E 253 -5.17 -17.33 -5.20
N ASP E 254 -4.41 -16.30 -4.82
CA ASP E 254 -4.90 -15.19 -3.97
C ASP E 254 -6.22 -14.65 -4.53
N THR E 255 -7.28 -14.63 -3.72
CA THR E 255 -8.66 -14.26 -4.13
C THR E 255 -8.74 -12.80 -4.58
N GLN E 256 -7.82 -11.94 -4.17
CA GLN E 256 -7.81 -10.51 -4.60
C GLN E 256 -6.86 -10.32 -5.79
N THR E 257 -5.59 -10.74 -5.67
CA THR E 257 -4.52 -10.34 -6.64
C THR E 257 -4.04 -11.55 -7.48
N GLY E 258 -4.62 -12.74 -7.30
CA GLY E 258 -4.13 -14.00 -7.91
C GLY E 258 -4.49 -14.11 -9.39
N ILE E 259 -3.47 -14.14 -10.25
CA ILE E 259 -3.61 -14.35 -11.72
C ILE E 259 -4.51 -15.56 -12.00
N ARG E 260 -4.42 -16.64 -11.23
CA ARG E 260 -5.16 -17.91 -11.53
C ARG E 260 -6.32 -18.13 -10.54
N ARG E 261 -6.77 -17.08 -9.86
CA ARG E 261 -7.83 -17.19 -8.80
C ARG E 261 -9.14 -17.71 -9.40
N GLU E 262 -9.47 -17.38 -10.64
CA GLU E 262 -10.75 -17.83 -11.27
C GLU E 262 -10.80 -19.36 -11.31
N MET E 263 -9.65 -20.04 -11.33
CA MET E 263 -9.57 -21.52 -11.41
CA MET E 263 -9.57 -21.52 -11.41
C MET E 263 -10.27 -22.15 -10.19
N GLN E 264 -10.27 -21.46 -9.04
CA GLN E 264 -10.84 -22.03 -7.78
C GLN E 264 -12.38 -21.94 -7.77
N ILE E 265 -12.99 -21.00 -8.51
CA ILE E 265 -14.45 -20.70 -8.39
CA ILE E 265 -14.46 -20.70 -8.40
C ILE E 265 -15.26 -21.96 -8.70
N TYR E 266 -14.97 -22.66 -9.81
CA TYR E 266 -15.76 -23.84 -10.25
C TYR E 266 -14.97 -25.16 -10.17
N ALA E 267 -13.79 -25.16 -9.53
CA ALA E 267 -12.90 -26.35 -9.45
C ALA E 267 -13.70 -27.56 -8.98
N ASN E 268 -14.51 -27.42 -7.92
CA ASN E 268 -15.27 -28.54 -7.32
C ASN E 268 -16.27 -29.08 -8.34
N GLU E 269 -17.07 -28.20 -8.94
CA GLU E 269 -18.13 -28.61 -9.92
C GLU E 269 -17.50 -29.26 -11.14
N LEU E 270 -16.34 -28.77 -11.60
CA LEU E 270 -15.66 -29.28 -12.82
C LEU E 270 -14.99 -30.65 -12.54
N THR E 271 -14.83 -31.05 -11.27
CA THR E 271 -14.16 -32.34 -10.92
C THR E 271 -15.09 -33.31 -10.18
N ASN E 272 -16.38 -32.99 -10.04
CA ASN E 272 -17.42 -33.81 -9.37
C ASN E 272 -18.37 -34.41 -10.42
N PRO E 273 -18.61 -35.73 -10.36
CA PRO E 273 -19.74 -36.36 -11.07
C PRO E 273 -21.12 -35.96 -10.52
N PRO F 4 8.86 22.82 -5.70
CA PRO F 4 7.52 23.35 -5.92
C PRO F 4 6.52 23.01 -4.79
N SER F 5 5.58 23.92 -4.53
CA SER F 5 4.29 23.59 -3.86
C SER F 5 3.23 24.63 -4.20
N SER F 6 1.98 24.18 -4.41
CA SER F 6 0.80 25.04 -4.64
C SER F 6 0.25 25.56 -3.29
N THR F 7 -0.25 26.80 -3.29
CA THR F 7 -0.76 27.50 -2.09
C THR F 7 -1.98 26.74 -1.58
N ILE F 8 -1.95 26.32 -0.32
CA ILE F 8 -3.13 25.79 0.42
C ILE F 8 -3.87 27.00 0.99
N LEU F 9 -5.15 27.14 0.68
CA LEU F 9 -6.00 28.30 1.09
C LEU F 9 -6.92 27.89 2.25
N ILE F 10 -6.89 28.67 3.34
CA ILE F 10 -7.69 28.40 4.58
C ILE F 10 -8.69 29.54 4.74
N PRO F 11 -10.01 29.28 4.52
CA PRO F 11 -11.04 30.27 4.84
C PRO F 11 -11.13 30.36 6.36
N VAL F 12 -11.14 31.59 6.89
CA VAL F 12 -11.13 31.83 8.36
C VAL F 12 -12.40 32.58 8.73
N VAL F 13 -12.97 32.22 9.88
CA VAL F 13 -13.98 33.07 10.56
C VAL F 13 -13.47 33.31 11.97
N VAL F 14 -13.39 34.60 12.33
CA VAL F 14 -13.00 35.06 13.69
C VAL F 14 -14.29 35.34 14.45
N HIS F 15 -14.49 34.58 15.53
CA HIS F 15 -15.62 34.75 16.48
C HIS F 15 -15.11 35.57 17.66
N VAL F 16 -15.41 36.87 17.66
CA VAL F 16 -15.17 37.75 18.84
C VAL F 16 -16.33 37.50 19.81
N VAL F 17 -16.03 36.94 20.99
CA VAL F 17 -17.05 36.67 22.04
C VAL F 17 -16.69 37.54 23.25
N TYR F 18 -17.45 38.59 23.50
CA TYR F 18 -17.07 39.72 24.41
C TYR F 18 -18.12 39.84 25.52
N ASN F 19 -17.64 39.97 26.76
CA ASN F 19 -18.48 40.20 27.95
C ASN F 19 -18.39 41.69 28.32
N ASN F 20 -17.51 42.46 27.67
CA ASN F 20 -17.27 43.89 27.98
C ASN F 20 -16.67 44.58 26.75
N SER F 21 -16.43 45.89 26.83
CA SER F 21 -15.97 46.71 25.67
CA SER F 21 -15.97 46.72 25.68
CA SER F 21 -16.00 46.67 25.64
C SER F 21 -14.54 46.33 25.28
N ALA F 22 -13.70 46.06 26.27
CA ALA F 22 -12.28 45.70 26.09
C ALA F 22 -12.17 44.41 25.24
N GLN F 23 -13.09 43.45 25.44
CA GLN F 23 -13.05 42.13 24.76
C GLN F 23 -13.58 42.24 23.33
N ASN F 24 -14.31 43.31 23.02
CA ASN F 24 -14.89 43.54 21.68
C ASN F 24 -13.81 44.17 20.78
N ILE F 25 -12.76 43.42 20.47
CA ILE F 25 -11.52 43.97 19.84
C ILE F 25 -11.84 44.47 18.43
N SER F 26 -11.00 45.35 17.92
CA SER F 26 -11.22 46.18 16.71
C SER F 26 -11.03 45.31 15.47
N ASP F 27 -11.65 45.70 14.36
CA ASP F 27 -11.40 45.13 13.01
C ASP F 27 -9.91 45.20 12.70
N ALA F 28 -9.26 46.35 12.89
CA ALA F 28 -7.81 46.53 12.64
C ALA F 28 -7.03 45.43 13.37
N GLN F 29 -7.39 45.14 14.63
CA GLN F 29 -6.68 44.14 15.47
C GLN F 29 -6.81 42.76 14.83
N ILE F 30 -7.99 42.45 14.28
CA ILE F 30 -8.30 41.12 13.70
C ILE F 30 -7.54 41.00 12.38
N ILE F 31 -7.55 42.06 11.57
CA ILE F 31 -6.86 42.06 10.24
C ILE F 31 -5.36 41.92 10.51
N SER F 32 -4.86 42.54 11.57
CA SER F 32 -3.45 42.42 12.02
C SER F 32 -3.13 40.93 12.23
N GLN F 33 -3.98 40.17 12.93
CA GLN F 33 -3.73 38.72 13.19
C GLN F 33 -3.77 37.92 11.89
N ILE F 34 -4.72 38.16 10.99
CA ILE F 34 -4.82 37.45 9.68
C ILE F 34 -3.52 37.70 8.91
N GLN F 35 -3.06 38.93 8.91
CA GLN F 35 -1.78 39.31 8.24
CA GLN F 35 -1.78 39.34 8.26
C GLN F 35 -0.59 38.57 8.86
N VAL F 36 -0.52 38.48 10.20
CA VAL F 36 0.60 37.77 10.90
C VAL F 36 0.62 36.28 10.50
N LEU F 37 -0.55 35.65 10.42
CA LEU F 37 -0.64 34.21 10.06
C LEU F 37 -0.08 34.03 8.65
N ASN F 38 -0.44 34.93 7.73
CA ASN F 38 -0.01 34.89 6.31
C ASN F 38 1.50 35.07 6.24
N GLU F 39 2.06 35.98 7.04
CA GLU F 39 3.53 36.23 7.10
C GLU F 39 4.23 34.97 7.61
N ASP F 40 3.81 34.43 8.76
CA ASP F 40 4.51 33.32 9.46
C ASP F 40 4.40 32.02 8.65
N PHE F 41 3.28 31.81 7.96
CA PHE F 41 3.01 30.55 7.22
C PHE F 41 3.46 30.68 5.76
N ARG F 42 4.05 31.80 5.35
CA ARG F 42 4.61 31.99 3.97
C ARG F 42 6.03 32.57 4.04
N ARG F 43 6.68 32.45 5.18
CA ARG F 43 8.00 33.06 5.51
C ARG F 43 8.10 34.46 4.89
N MET F 44 7.13 35.32 5.16
CA MET F 44 7.16 36.77 4.81
CA MET F 44 7.20 36.76 4.82
C MET F 44 7.14 37.58 6.11
N ASN F 45 7.45 36.94 7.24
CA ASN F 45 7.65 37.63 8.54
C ASN F 45 8.99 38.38 8.49
N ALA F 46 8.98 39.69 8.71
CA ALA F 46 10.19 40.53 8.63
C ALA F 46 11.23 40.09 9.69
N ASP F 47 10.76 39.52 10.82
CA ASP F 47 11.66 39.11 11.92
C ASP F 47 12.31 37.76 11.58
N GLN F 48 12.12 37.22 10.37
CA GLN F 48 12.98 36.15 9.83
C GLN F 48 14.44 36.62 9.80
N ALA F 49 14.69 37.93 9.84
CA ALA F 49 16.04 38.53 9.96
C ALA F 49 16.71 38.07 11.26
N ASN F 50 15.92 37.69 12.29
CA ASN F 50 16.42 37.20 13.59
C ASN F 50 16.69 35.70 13.57
N THR F 51 16.30 34.97 12.52
CA THR F 51 16.59 33.53 12.44
C THR F 51 18.11 33.37 12.39
N PRO F 52 18.74 32.60 13.29
CA PRO F 52 20.17 32.34 13.20
C PRO F 52 20.51 31.73 11.82
N SER F 53 21.62 32.14 11.21
CA SER F 53 22.08 31.62 9.90
C SER F 53 22.29 30.10 10.00
N ALA F 54 22.71 29.61 11.17
CA ALA F 54 22.84 28.16 11.48
C ALA F 54 21.52 27.41 11.27
N PHE F 55 20.36 28.07 11.39
CA PHE F 55 19.03 27.43 11.25
C PHE F 55 18.27 27.92 10.00
N ALA F 56 18.83 28.90 9.29
CA ALA F 56 18.17 29.62 8.16
C ALA F 56 17.81 28.62 7.06
N ASN F 57 18.66 27.61 6.84
CA ASN F 57 18.49 26.60 5.77
C ASN F 57 17.45 25.54 6.16
N LEU F 58 17.07 25.47 7.44
CA LEU F 58 16.00 24.56 7.92
C LEU F 58 14.64 25.27 7.88
N ALA F 59 14.62 26.60 7.72
CA ALA F 59 13.41 27.45 7.75
C ALA F 59 12.44 27.02 6.64
N GLY F 60 11.18 26.76 7.01
CA GLY F 60 10.13 26.34 6.08
C GLY F 60 9.25 27.49 5.64
N ASN F 61 8.85 27.49 4.36
CA ASN F 61 7.72 28.26 3.80
C ASN F 61 6.55 27.30 3.63
N ALA F 62 5.56 27.33 4.52
CA ALA F 62 4.40 26.40 4.53
C ALA F 62 3.56 26.64 3.28
N ASN F 63 3.55 27.87 2.76
CA ASN F 63 2.76 28.26 1.57
C ASN F 63 1.29 27.89 1.86
N ILE F 64 0.83 28.30 3.05
CA ILE F 64 -0.59 28.27 3.49
C ILE F 64 -1.05 29.72 3.59
N GLU F 65 -2.15 30.02 2.89
CA GLU F 65 -2.75 31.37 2.87
C GLU F 65 -4.04 31.33 3.70
N PHE F 66 -4.25 32.37 4.49
CA PHE F 66 -5.42 32.57 5.38
C PHE F 66 -6.18 33.80 4.89
N LYS F 67 -7.45 33.61 4.52
CA LYS F 67 -8.35 34.69 4.03
C LYS F 67 -9.62 34.64 4.85
N LEU F 68 -10.08 35.80 5.35
CA LEU F 68 -11.39 35.92 6.03
C LEU F 68 -12.47 35.44 5.06
N ALA F 69 -13.39 34.59 5.54
CA ALA F 69 -14.56 34.14 4.75
C ALA F 69 -15.32 35.36 4.21
N ARG F 70 -15.82 35.24 2.97
CA ARG F 70 -16.69 36.24 2.29
C ARG F 70 -18.07 35.62 2.02
N ARG F 71 -18.19 34.29 2.17
CA ARG F 71 -19.47 33.54 2.12
C ARG F 71 -19.62 32.75 3.43
N ASP F 72 -20.72 33.02 4.14
CA ASP F 72 -21.10 32.34 5.39
C ASP F 72 -21.73 30.98 5.07
N PRO F 73 -22.06 30.15 6.08
CA PRO F 73 -22.56 28.80 5.83
C PRO F 73 -23.95 28.72 5.17
N ASN F 74 -24.68 29.84 5.09
CA ASN F 74 -25.99 29.93 4.40
C ASN F 74 -25.76 30.45 2.99
N GLY F 75 -24.50 30.76 2.64
CA GLY F 75 -24.11 31.30 1.33
C GLY F 75 -24.35 32.80 1.20
N ASN F 76 -24.65 33.52 2.29
CA ASN F 76 -24.81 35.00 2.26
C ASN F 76 -23.44 35.64 2.45
N THR F 77 -23.30 36.92 2.05
CA THR F 77 -22.03 37.68 2.14
C THR F 77 -21.67 37.90 3.61
N THR F 78 -20.37 37.87 3.92
CA THR F 78 -19.84 38.09 5.29
C THR F 78 -18.49 38.77 5.14
N ASN F 79 -17.99 39.35 6.22
CA ASN F 79 -16.58 39.84 6.27
C ASN F 79 -15.74 38.81 7.04
N GLY F 80 -16.30 37.66 7.39
CA GLY F 80 -15.58 36.62 8.17
C GLY F 80 -15.41 36.96 9.64
N ILE F 81 -16.16 37.92 10.17
CA ILE F 81 -16.03 38.36 11.59
C ILE F 81 -17.42 38.31 12.23
N THR F 82 -17.57 37.51 13.29
CA THR F 82 -18.81 37.46 14.11
C THR F 82 -18.50 38.17 15.42
N ARG F 83 -19.51 38.86 15.95
CA ARG F 83 -19.43 39.53 17.26
C ARG F 83 -20.62 39.07 18.09
N THR F 84 -20.33 38.42 19.22
CA THR F 84 -21.31 37.81 20.13
C THR F 84 -21.14 38.43 21.52
N SER F 85 -22.12 39.22 21.94
CA SER F 85 -22.25 39.66 23.36
CA SER F 85 -22.28 39.67 23.35
C SER F 85 -22.53 38.44 24.22
N THR F 86 -21.75 38.24 25.29
CA THR F 86 -21.92 37.07 26.19
C THR F 86 -22.10 37.56 27.63
N SER F 87 -22.89 36.80 28.38
CA SER F 87 -23.10 36.98 29.85
CA SER F 87 -23.10 36.97 29.85
C SER F 87 -22.04 36.17 30.61
N THR F 88 -21.30 35.32 29.90
CA THR F 88 -20.18 34.55 30.51
C THR F 88 -18.95 35.46 30.57
N GLU F 89 -18.24 35.48 31.70
CA GLU F 89 -17.22 36.50 32.02
C GLU F 89 -15.82 35.91 31.79
N THR F 90 -15.64 34.61 32.03
CA THR F 90 -14.37 33.89 31.72
C THR F 90 -14.74 32.53 31.13
N PHE F 91 -14.11 32.14 30.01
CA PHE F 91 -14.39 30.85 29.34
C PHE F 91 -13.39 29.81 29.86
N SER F 92 -13.77 28.55 29.72
CA SER F 92 -13.01 27.36 30.21
C SER F 92 -12.53 26.50 29.03
N MET F 93 -11.24 26.16 29.02
CA MET F 93 -10.66 25.20 28.05
CA MET F 93 -10.63 25.18 28.07
C MET F 93 -11.35 23.83 28.22
N GLU F 94 -11.60 23.42 29.45
CA GLU F 94 -12.16 22.08 29.79
C GLU F 94 -13.60 21.99 29.28
N MET F 95 -14.36 23.08 29.35
CA MET F 95 -15.79 23.12 28.94
C MET F 95 -15.93 23.39 27.44
N ASP F 96 -14.99 24.14 26.82
CA ASP F 96 -15.07 24.52 25.39
C ASP F 96 -16.33 25.38 25.18
N ASN F 97 -16.77 26.07 26.22
CA ASN F 97 -18.07 26.80 26.23
C ASN F 97 -18.04 27.95 25.22
N VAL F 98 -16.86 28.49 24.90
CA VAL F 98 -16.76 29.59 23.91
C VAL F 98 -17.23 29.08 22.53
N LYS F 99 -17.23 27.77 22.30
CA LYS F 99 -17.50 27.18 20.96
C LYS F 99 -18.98 26.79 20.80
N PHE F 100 -19.85 27.08 21.77
CA PHE F 100 -21.29 26.74 21.70
C PHE F 100 -22.16 27.96 22.06
N SER F 101 -22.94 28.43 21.07
CA SER F 101 -23.99 29.46 21.25
C SER F 101 -24.85 29.10 22.48
N ASN F 102 -25.14 27.80 22.67
CA ASN F 102 -25.96 27.26 23.79
C ASN F 102 -25.34 27.60 25.15
N LEU F 103 -24.01 27.77 25.24
CA LEU F 103 -23.28 28.00 26.52
C LEU F 103 -22.68 29.42 26.55
N GLY F 104 -23.23 30.36 25.76
CA GLY F 104 -22.84 31.77 25.77
C GLY F 104 -21.62 32.08 24.91
N GLY F 105 -21.25 31.13 24.04
CA GLY F 105 -20.20 31.30 23.02
C GLY F 105 -20.82 31.46 21.65
N ASN F 106 -20.15 30.94 20.63
CA ASN F 106 -20.66 31.00 19.24
C ASN F 106 -20.32 29.68 18.55
N ASN F 107 -21.34 28.97 18.04
CA ASN F 107 -21.19 27.72 17.27
C ASN F 107 -20.15 27.90 16.16
N ALA F 108 -19.34 26.87 15.95
CA ALA F 108 -18.41 26.74 14.82
C ALA F 108 -19.18 26.87 13.50
N TRP F 109 -18.60 27.56 12.52
CA TRP F 109 -19.02 27.36 11.12
C TRP F 109 -18.37 26.08 10.64
N ASN F 110 -19.12 25.22 9.92
CA ASN F 110 -18.67 23.89 9.39
C ASN F 110 -17.15 23.76 9.44
N THR F 111 -16.63 23.01 10.41
CA THR F 111 -15.18 22.92 10.69
C THR F 111 -14.45 22.15 9.59
N ARG F 112 -15.14 21.47 8.68
CA ARG F 112 -14.48 20.84 7.49
C ARG F 112 -14.23 21.88 6.38
N ARG F 113 -14.83 23.08 6.45
CA ARG F 113 -14.74 24.12 5.40
C ARG F 113 -14.08 25.40 5.91
N TYR F 114 -14.19 25.72 7.20
CA TYR F 114 -13.58 26.94 7.79
C TYR F 114 -12.68 26.58 8.98
N LEU F 115 -11.55 27.29 9.10
CA LEU F 115 -10.83 27.46 10.39
C LEU F 115 -11.63 28.45 11.23
N ASN F 116 -12.10 28.03 12.40
CA ASN F 116 -12.77 28.92 13.38
C ASN F 116 -11.71 29.41 14.37
N ILE F 117 -11.56 30.73 14.51
CA ILE F 117 -10.69 31.36 15.54
C ILE F 117 -11.60 32.11 16.53
N TRP F 118 -11.75 31.59 17.73
CA TRP F 118 -12.51 32.23 18.83
C TRP F 118 -11.59 33.18 19.62
N VAL F 119 -12.03 34.42 19.78
CA VAL F 119 -11.35 35.42 20.63
C VAL F 119 -12.23 35.71 21.85
N CYS F 120 -11.68 35.55 23.05
CA CYS F 120 -12.48 35.66 24.31
C CYS F 120 -11.53 35.82 25.48
N ASN F 121 -12.13 36.11 26.64
CA ASN F 121 -11.42 36.12 27.94
C ASN F 121 -11.23 34.68 28.44
N LEU F 122 -9.99 34.19 28.46
CA LEU F 122 -9.58 32.85 28.94
C LEU F 122 -9.04 32.93 30.38
N GLY F 123 -8.68 34.12 30.86
CA GLY F 123 -8.47 34.40 32.31
C GLY F 123 -7.02 34.52 32.72
N LEU F 126 -3.74 31.72 30.69
CA LEU F 126 -3.90 30.93 29.44
C LEU F 126 -3.94 31.86 28.21
N LEU F 127 -2.96 31.71 27.31
CA LEU F 127 -2.84 32.54 26.08
C LEU F 127 -3.80 32.03 25.00
N GLY F 128 -4.01 30.72 24.92
CA GLY F 128 -4.90 30.11 23.93
C GLY F 128 -4.81 28.60 23.94
N TYR F 129 -5.64 27.93 23.15
CA TYR F 129 -5.59 26.46 23.00
C TYR F 129 -6.16 26.03 21.65
N ALA F 130 -5.68 24.88 21.19
CA ALA F 130 -5.98 24.27 19.89
C ALA F 130 -6.70 22.94 20.10
N GLN F 131 -7.23 22.38 19.03
CA GLN F 131 -7.67 20.96 19.01
C GLN F 131 -6.89 20.26 17.90
N PHE F 132 -6.28 19.10 18.18
CA PHE F 132 -5.46 18.33 17.21
C PHE F 132 -6.37 17.64 16.19
N PRO F 133 -5.88 17.40 14.96
CA PRO F 133 -6.67 16.71 13.94
C PRO F 133 -7.18 15.32 14.34
N PHE F 134 -6.45 14.56 15.15
CA PHE F 134 -6.84 13.18 15.58
C PHE F 134 -8.16 13.26 16.35
N GLU F 135 -8.49 14.43 16.92
CA GLU F 135 -9.71 14.63 17.72
C GLU F 135 -10.90 14.99 16.83
N PHE F 136 -10.70 15.19 15.52
CA PHE F 136 -11.77 15.72 14.64
C PHE F 136 -12.93 14.75 14.57
N GLN F 137 -12.68 13.45 14.39
CA GLN F 137 -13.75 12.43 14.21
C GLN F 137 -14.65 12.44 15.45
N THR F 138 -14.08 12.52 16.65
CA THR F 138 -14.85 12.51 17.94
C THR F 138 -15.38 13.91 18.29
N LYS F 139 -14.71 15.00 17.91
CA LYS F 139 -15.07 16.35 18.43
C LYS F 139 -15.13 17.33 17.28
N PRO F 140 -16.02 17.10 16.27
CA PRO F 140 -16.06 17.94 15.08
C PRO F 140 -16.41 19.40 15.39
N ASN F 141 -17.25 19.64 16.42
CA ASN F 141 -17.84 20.96 16.69
C ASN F 141 -16.82 21.88 17.34
N THR F 142 -15.77 21.31 17.95
CA THR F 142 -14.79 22.05 18.78
C THR F 142 -13.42 22.10 18.08
N ASP F 143 -13.33 21.63 16.83
CA ASP F 143 -12.12 21.81 16.00
C ASP F 143 -11.91 23.30 15.73
N GLY F 144 -10.68 23.75 15.95
CA GLY F 144 -10.27 25.14 15.73
C GLY F 144 -9.34 25.62 16.81
N VAL F 145 -9.34 26.92 17.02
CA VAL F 145 -8.29 27.63 17.80
C VAL F 145 -9.01 28.70 18.64
N VAL F 146 -8.63 28.77 19.92
CA VAL F 146 -9.09 29.84 20.85
C VAL F 146 -7.90 30.70 21.25
N ILE F 147 -8.05 32.01 21.20
CA ILE F 147 -6.98 32.98 21.56
C ILE F 147 -7.50 33.97 22.60
N HIS F 148 -6.70 34.21 23.64
CA HIS F 148 -6.98 35.27 24.65
C HIS F 148 -7.06 36.63 23.95
N TYR F 149 -8.08 37.44 24.25
CA TYR F 149 -8.34 38.71 23.52
C TYR F 149 -7.16 39.69 23.71
N LYS F 150 -6.42 39.61 24.82
CA LYS F 150 -5.24 40.48 25.08
C LYS F 150 -4.03 40.01 24.26
N HIS F 151 -4.10 38.88 23.56
CA HIS F 151 -2.91 38.33 22.85
C HIS F 151 -3.27 37.91 21.43
N PHE F 152 -4.22 38.63 20.86
CA PHE F 152 -4.72 38.47 19.48
C PHE F 152 -4.27 39.67 18.66
N GLY F 153 -3.65 39.43 17.50
CA GLY F 153 -3.18 40.50 16.60
C GLY F 153 -1.84 41.03 17.06
N ARG F 154 -1.17 41.77 16.18
CA ARG F 154 0.19 42.32 16.44
C ARG F 154 0.05 43.76 16.90
N ASP F 155 0.81 44.14 17.92
CA ASP F 155 0.80 45.51 18.54
C ASP F 155 -0.68 45.88 18.75
N GLY F 156 -1.08 47.14 18.55
CA GLY F 156 -2.46 47.60 18.80
C GLY F 156 -2.81 47.40 20.26
N SER F 157 -3.88 46.65 20.54
CA SER F 157 -4.43 46.38 21.90
C SER F 157 -3.79 45.12 22.51
N ALA F 158 -2.92 44.41 21.80
CA ALA F 158 -2.30 43.18 22.32
C ALA F 158 -1.22 43.55 23.35
N GLU F 159 -1.10 42.75 24.41
CA GLU F 159 -0.29 43.12 25.58
C GLU F 159 1.02 42.35 25.54
N SER F 160 2.14 43.09 25.60
CA SER F 160 3.52 42.58 25.77
C SER F 160 3.59 41.68 26.99
N PRO F 161 4.39 40.58 26.98
CA PRO F 161 5.22 40.17 25.85
C PRO F 161 4.64 39.23 24.80
N TYR F 162 3.32 39.04 24.76
CA TYR F 162 2.62 38.20 23.74
C TYR F 162 1.76 39.13 22.87
N ASP F 163 2.43 39.95 22.06
CA ASP F 163 1.84 41.11 21.34
C ASP F 163 2.27 41.15 19.86
N LYS F 164 2.74 40.05 19.27
CA LYS F 164 3.10 39.98 17.82
C LYS F 164 2.23 38.94 17.10
N GLY F 165 1.16 38.48 17.71
CA GLY F 165 0.20 37.56 17.05
C GLY F 165 0.65 36.10 17.04
N ARG F 166 1.70 35.75 17.79
CA ARG F 166 2.35 34.40 17.69
C ARG F 166 1.57 33.35 18.48
N THR F 167 0.69 33.73 19.40
CA THR F 167 -0.18 32.75 20.09
C THR F 167 -0.97 32.00 19.02
N ALA F 168 -1.58 32.75 18.07
CA ALA F 168 -2.41 32.19 16.98
C ALA F 168 -1.53 31.34 16.05
N THR F 169 -0.32 31.80 15.72
CA THR F 169 0.65 31.03 14.87
C THR F 169 0.90 29.66 15.53
N HIS F 170 1.21 29.66 16.83
CA HIS F 170 1.51 28.45 17.62
C HIS F 170 0.27 27.52 17.61
N GLU F 171 -0.91 28.06 17.89
CA GLU F 171 -2.19 27.28 17.97
C GLU F 171 -2.55 26.75 16.58
N VAL F 172 -2.42 27.56 15.54
CA VAL F 172 -2.70 27.03 14.18
C VAL F 172 -1.70 25.90 13.88
N GLY F 173 -0.45 26.02 14.34
CA GLY F 173 0.54 24.93 14.34
C GLY F 173 -0.03 23.60 14.87
N HIS F 174 -0.55 23.60 16.09
CA HIS F 174 -1.15 22.41 16.75
C HIS F 174 -2.34 21.89 15.92
N TRP F 175 -3.21 22.82 15.53
CA TRP F 175 -4.39 22.58 14.67
C TRP F 175 -3.96 21.86 13.38
N LEU F 176 -2.73 22.15 12.91
CA LEU F 176 -2.14 21.45 11.74
C LEU F 176 -1.12 20.41 12.20
N ASP F 177 -1.30 19.87 13.41
CA ASP F 177 -0.72 18.58 13.87
C ASP F 177 0.74 18.72 14.34
N LEU F 178 1.24 19.94 14.58
CA LEU F 178 2.60 20.12 15.15
C LEU F 178 2.56 19.94 16.66
N ARG F 179 3.57 19.25 17.20
CA ARG F 179 3.76 19.05 18.66
C ARG F 179 4.79 20.07 19.16
N HIS F 180 4.73 20.36 20.47
CA HIS F 180 5.77 21.13 21.20
C HIS F 180 7.16 20.58 20.83
N ILE F 181 8.06 21.49 20.49
CA ILE F 181 9.41 21.16 19.94
C ILE F 181 10.20 20.32 20.95
N TRP F 182 9.94 20.45 22.25
CA TRP F 182 10.68 19.75 23.33
C TRP F 182 10.06 18.35 23.59
N GLY F 183 8.89 18.05 23.02
CA GLY F 183 8.33 16.69 23.05
C GLY F 183 7.41 16.44 24.24
N ASP F 184 6.97 17.47 24.95
CA ASP F 184 5.96 17.28 26.03
C ASP F 184 6.44 16.18 26.99
N ASP F 185 7.69 16.26 27.44
CA ASP F 185 8.29 15.18 28.27
C ASP F 185 8.86 15.78 29.56
N GLY F 186 8.40 16.98 29.93
CA GLY F 186 8.72 17.62 31.22
C GLY F 186 10.21 17.89 31.39
N GLY F 187 11.00 17.89 30.31
CA GLY F 187 12.43 18.26 30.37
C GLY F 187 13.39 17.17 29.91
N SER F 188 12.94 15.92 29.69
CA SER F 188 13.86 14.79 29.35
CA SER F 188 13.84 14.78 29.34
C SER F 188 14.32 14.96 27.91
N CYS F 189 15.14 14.03 27.43
CA CYS F 189 15.55 13.92 26.01
C CYS F 189 14.73 12.83 25.29
N SER F 190 13.79 12.18 25.99
CA SER F 190 13.08 10.95 25.51
C SER F 190 11.97 11.29 24.53
N GLY F 191 11.11 12.25 24.89
CA GLY F 191 10.01 12.73 24.02
C GLY F 191 10.51 13.29 22.69
N THR F 192 9.64 13.32 21.68
CA THR F 192 9.95 13.81 20.32
C THR F 192 8.74 14.59 19.80
N ASP F 193 8.99 15.58 18.96
CA ASP F 193 7.94 16.29 18.18
C ASP F 193 7.78 15.62 16.81
N ASN F 194 8.50 14.50 16.60
CA ASN F 194 8.48 13.69 15.35
C ASN F 194 8.87 14.58 14.17
N ILE F 195 9.82 15.50 14.39
CA ILE F 195 10.37 16.38 13.32
C ILE F 195 11.90 16.24 13.35
N ALA F 196 12.46 15.77 12.24
CA ALA F 196 13.88 15.46 12.06
C ALA F 196 14.72 16.72 12.17
N ASP F 197 14.25 17.87 11.65
CA ASP F 197 15.12 19.08 11.51
C ASP F 197 14.93 20.03 12.71
N THR F 198 14.16 19.66 13.74
CA THR F 198 14.14 20.39 15.05
C THR F 198 15.04 19.66 16.02
N PRO F 199 16.13 20.29 16.51
CA PRO F 199 17.08 19.63 17.40
C PRO F 199 16.38 19.13 18.67
N ASN F 200 16.81 17.98 19.17
CA ASN F 200 16.28 17.38 20.43
C ASN F 200 16.42 18.44 21.53
N GLN F 201 15.45 18.53 22.41
CA GLN F 201 15.38 19.64 23.38
C GLN F 201 14.78 19.11 24.68
N GLY F 202 15.33 19.50 25.84
CA GLY F 202 14.88 19.04 27.16
C GLY F 202 13.48 19.55 27.44
N GLY F 203 13.39 20.80 27.89
CA GLY F 203 12.12 21.40 28.29
C GLY F 203 11.78 22.56 27.39
N TYR F 204 10.67 23.21 27.68
CA TYR F 204 10.21 24.42 26.95
C TYR F 204 11.12 25.58 27.32
N ASN F 205 11.20 26.56 26.44
CA ASN F 205 11.84 27.86 26.73
C ASN F 205 10.74 28.86 26.98
N GLU F 206 11.00 29.82 27.87
CA GLU F 206 10.12 30.98 28.09
C GLU F 206 10.98 32.23 27.97
N GLY F 207 10.33 33.40 27.87
CA GLY F 207 11.01 34.69 27.73
C GLY F 207 11.74 34.73 26.41
N CYS F 208 12.96 35.24 26.42
N CYS F 208 12.96 35.26 26.42
CA CYS F 208 13.83 35.41 25.22
CA CYS F 208 13.83 35.39 25.23
C CYS F 208 15.25 34.96 25.53
C CYS F 208 15.25 34.96 25.55
N PRO F 209 15.58 33.66 25.42
CA PRO F 209 16.93 33.20 25.68
C PRO F 209 17.93 33.87 24.72
N SER F 210 19.19 33.97 25.12
CA SER F 210 20.31 34.35 24.23
C SER F 210 20.64 33.15 23.35
N PHE F 211 20.84 33.39 22.06
CA PHE F 211 21.36 32.41 21.08
C PHE F 211 22.87 32.24 21.28
N PRO F 212 23.41 31.00 21.30
CA PRO F 212 22.64 29.77 21.35
C PRO F 212 22.24 29.35 22.78
N LYS F 213 21.08 28.72 22.90
CA LYS F 213 20.59 28.07 24.14
CA LYS F 213 20.58 28.07 24.13
C LYS F 213 20.84 26.57 24.00
N THR F 214 21.62 26.00 24.92
CA THR F 214 21.92 24.54 24.92
C THR F 214 21.28 23.90 26.16
N ASP F 215 21.16 22.56 26.15
CA ASP F 215 20.65 21.78 27.31
C ASP F 215 21.31 20.40 27.25
N HIS F 216 20.94 19.51 28.15
CA HIS F 216 21.58 18.16 28.25
C HIS F 216 21.28 17.34 26.99
N CYS F 217 20.25 17.69 26.20
CA CYS F 217 19.84 16.96 24.96
C CYS F 217 20.64 17.43 23.74
N THR F 218 20.77 18.74 23.53
CA THR F 218 21.67 19.34 22.50
C THR F 218 22.61 20.28 23.25
N ASN F 219 23.81 19.79 23.57
CA ASN F 219 24.77 20.50 24.46
C ASN F 219 25.78 21.29 23.61
N THR F 220 25.62 21.32 22.29
CA THR F 220 26.53 21.96 21.30
C THR F 220 25.85 23.16 20.62
N SER F 221 26.59 24.22 20.30
CA SER F 221 26.20 25.21 19.25
C SER F 221 25.71 24.40 18.05
N PRO F 222 24.65 24.80 17.31
CA PRO F 222 23.90 26.03 17.57
C PRO F 222 22.76 25.85 18.59
N GLY F 223 22.69 24.71 19.28
CA GLY F 223 21.75 24.50 20.40
C GLY F 223 20.32 24.24 19.92
N VAL F 224 19.33 24.52 20.77
CA VAL F 224 17.90 24.17 20.52
C VAL F 224 17.22 25.36 19.84
N MET F 225 16.18 25.07 19.08
CA MET F 225 15.49 26.08 18.25
CA MET F 225 15.49 26.08 18.23
C MET F 225 14.42 26.77 19.09
N PHE F 226 14.84 27.56 20.07
CA PHE F 226 13.91 28.25 20.99
C PHE F 226 13.16 29.35 20.21
N MET F 227 13.58 29.70 18.99
CA MET F 227 12.86 30.73 18.22
C MET F 227 11.85 30.05 17.27
N ASN F 228 11.68 28.73 17.39
CA ASN F 228 10.59 27.98 16.71
C ASN F 228 9.23 28.39 17.31
N TYR F 229 8.22 28.57 16.45
CA TYR F 229 6.85 28.96 16.87
C TYR F 229 6.26 27.98 17.90
N MET F 230 6.71 26.72 17.90
CA MET F 230 6.12 25.66 18.75
C MET F 230 6.87 25.54 20.09
N ASP F 231 7.67 26.54 20.46
CA ASP F 231 8.21 26.66 21.83
C ASP F 231 7.30 27.60 22.62
N TYR F 232 7.67 27.92 23.84
CA TYR F 232 6.83 28.78 24.73
C TYR F 232 7.48 30.15 24.93
N THR F 233 8.30 30.59 23.98
CA THR F 233 9.09 31.84 24.12
C THR F 233 8.19 33.04 23.80
N TYR F 234 8.65 34.22 24.16
CA TYR F 234 8.00 35.53 23.87
C TYR F 234 7.80 35.67 22.36
N ASP F 235 6.71 36.33 21.97
CA ASP F 235 6.32 36.51 20.56
C ASP F 235 7.48 37.10 19.73
N ALA F 236 8.22 38.10 20.25
CA ALA F 236 9.25 38.84 19.49
C ALA F 236 10.51 37.99 19.32
N CYS F 237 10.54 36.82 19.94
CA CYS F 237 11.74 35.95 19.99
C CYS F 237 11.48 34.65 19.22
N MET F 238 10.36 34.57 18.48
CA MET F 238 10.02 33.41 17.61
C MET F 238 10.04 33.89 16.15
N ASN F 239 10.47 33.07 15.21
CA ASN F 239 10.56 33.58 13.82
C ASN F 239 10.63 32.47 12.78
N LEU F 240 10.39 31.19 13.12
CA LEU F 240 10.31 30.17 12.05
C LEU F 240 9.55 28.91 12.44
N PHE F 241 9.08 28.27 11.37
CA PHE F 241 8.77 26.83 11.26
C PHE F 241 9.92 26.21 10.49
N THR F 242 10.18 24.93 10.68
CA THR F 242 11.14 24.18 9.84
C THR F 242 10.44 23.64 8.59
N LYS F 243 11.24 23.23 7.60
CA LYS F 243 10.79 22.49 6.40
C LYS F 243 10.10 21.19 6.84
N GLY F 244 10.68 20.47 7.81
CA GLY F 244 10.05 19.28 8.43
C GLY F 244 8.65 19.60 8.98
N GLN F 245 8.50 20.70 9.73
CA GLN F 245 7.18 21.10 10.28
C GLN F 245 6.21 21.43 9.12
N VAL F 246 6.71 22.15 8.10
CA VAL F 246 5.92 22.52 6.89
C VAL F 246 5.37 21.25 6.22
N GLU F 247 6.19 20.21 6.05
CA GLU F 247 5.76 18.94 5.41
C GLU F 247 4.62 18.31 6.23
N ARG F 248 4.77 18.28 7.55
CA ARG F 248 3.75 17.67 8.44
C ARG F 248 2.42 18.41 8.28
N MET F 249 2.46 19.75 8.26
CA MET F 249 1.25 20.61 8.19
C MET F 249 0.57 20.42 6.82
N ARG F 250 1.35 20.43 5.74
CA ARG F 250 0.81 20.32 4.35
C ARG F 250 0.19 18.94 4.13
N SER F 251 0.72 17.88 4.76
CA SER F 251 0.26 16.48 4.56
C SER F 251 -1.21 16.31 5.00
N LEU F 252 -1.72 17.20 5.86
CA LEU F 252 -3.15 17.19 6.26
C LEU F 252 -4.07 17.53 5.08
N PHE F 253 -3.53 18.14 4.02
CA PHE F 253 -4.32 18.60 2.85
C PHE F 253 -4.10 17.67 1.65
N ASP F 254 -3.36 16.57 1.85
CA ASP F 254 -3.21 15.49 0.84
C ASP F 254 -4.60 15.07 0.34
N THR F 255 -4.84 15.13 -0.98
CA THR F 255 -6.17 14.89 -1.61
C THR F 255 -6.61 13.43 -1.43
N GLN F 256 -5.70 12.51 -1.15
CA GLN F 256 -6.07 11.09 -0.88
C GLN F 256 -6.20 10.84 0.63
N THR F 257 -5.17 11.15 1.43
CA THR F 257 -5.09 10.70 2.85
C THR F 257 -5.25 11.87 3.85
N GLY F 258 -5.47 13.10 3.37
CA GLY F 258 -5.46 14.32 4.20
C GLY F 258 -6.72 14.49 5.05
N ILE F 259 -6.57 14.45 6.39
CA ILE F 259 -7.67 14.72 7.36
C ILE F 259 -8.41 16.01 6.98
N ARG F 260 -7.74 17.05 6.52
CA ARG F 260 -8.35 18.39 6.29
C ARG F 260 -8.49 18.69 4.79
N ARG F 261 -8.45 17.65 3.94
CA ARG F 261 -8.47 17.80 2.47
C ARG F 261 -9.79 18.48 2.02
N GLU F 262 -10.92 18.21 2.69
CA GLU F 262 -12.23 18.78 2.27
C GLU F 262 -12.15 20.32 2.29
N MET F 263 -11.28 20.90 3.12
CA MET F 263 -11.16 22.38 3.29
CA MET F 263 -11.13 22.38 3.29
C MET F 263 -10.78 23.01 1.93
N GLN F 264 -10.05 22.29 1.08
CA GLN F 264 -9.54 22.84 -0.21
C GLN F 264 -10.64 22.90 -1.28
N ILE F 265 -11.69 22.05 -1.20
CA ILE F 265 -12.69 21.87 -2.28
CA ILE F 265 -12.71 21.86 -2.27
C ILE F 265 -13.35 23.21 -2.59
N TYR F 266 -13.84 23.94 -1.58
CA TYR F 266 -14.59 25.20 -1.78
C TYR F 266 -13.85 26.43 -1.23
N ALA F 267 -12.55 26.31 -0.90
CA ALA F 267 -11.75 27.39 -0.29
C ALA F 267 -11.90 28.68 -1.10
N ASN F 268 -11.75 28.58 -2.42
CA ASN F 268 -11.79 29.74 -3.35
C ASN F 268 -13.17 30.39 -3.30
N GLU F 269 -14.23 29.59 -3.45
CA GLU F 269 -15.63 30.09 -3.46
C GLU F 269 -15.97 30.75 -2.12
N LEU F 270 -15.52 30.18 -1.00
CA LEU F 270 -15.84 30.70 0.36
C LEU F 270 -15.05 31.98 0.67
N THR F 271 -14.03 32.33 -0.13
CA THR F 271 -13.20 33.54 0.14
C THR F 271 -13.27 34.58 -1.00
N ASN F 272 -14.09 34.35 -2.03
CA ASN F 272 -14.07 35.13 -3.29
C ASN F 272 -15.44 35.82 -3.44
N PRO F 273 -15.53 37.18 -3.49
CA PRO F 273 -16.80 37.87 -3.71
C PRO F 273 -17.41 37.68 -5.12
#